data_6MDT
#
_entry.id   6MDT
#
_cell.length_a   129.343
_cell.length_b   129.343
_cell.length_c   313.071
_cell.angle_alpha   90.00
_cell.angle_beta   90.00
_cell.angle_gamma   120.00
#
_symmetry.space_group_name_H-M   'P 63'
#
loop_
_entity.id
_entity.type
_entity.pdbx_description
1 polymer 'Transmembrane protein gp41'
2 polymer 'Surface protein gp120'
3 polymer '35O22 Fab heavy chain'
4 polymer '35O22 Fab light chain'
5 polymer 'PGT124 Fab heavy chain'
6 polymer 'PGT124 Fab light chain'
7 branched alpha-D-mannopyranose-(1-3)-[alpha-D-mannopyranose-(1-6)]beta-D-mannopyranose-(1-4)-2-acetamido-2-deoxy-beta-D-glucopyranose-(1-4)-2-acetamido-2-deoxy-beta-D-glucopyranose
8 branched alpha-D-mannopyranose-(1-2)-[alpha-D-mannopyranose-(1-6)]alpha-D-mannopyranose-(1-6)-[alpha-D-mannopyranose-(1-3)]beta-D-mannopyranose-(1-4)-2-acetamido-2-deoxy-beta-D-glucopyranose-(1-4)-2-acetamido-2-deoxy-beta-D-glucopyranose
9 branched 2-acetamido-2-deoxy-beta-D-glucopyranose-(1-4)-2-acetamido-2-deoxy-beta-D-glucopyranose
10 branched beta-D-mannopyranose-(1-4)-2-acetamido-2-deoxy-beta-D-glucopyranose-(1-4)-2-acetamido-2-deoxy-beta-D-glucopyranose
11 branched alpha-D-mannopyranose-(1-3)-beta-D-mannopyranose-(1-4)-2-acetamido-2-deoxy-beta-D-glucopyranose-(1-4)-2-acetamido-2-deoxy-beta-D-glucopyranose
12 branched alpha-D-mannopyranose-(1-6)-beta-D-mannopyranose-(1-4)-2-acetamido-2-deoxy-beta-D-glucopyranose-(1-4)-2-acetamido-2-deoxy-beta-D-glucopyranose
13 branched alpha-D-mannopyranose-(1-2)-alpha-D-mannopyranose-(1-2)-alpha-D-mannopyranose-(1-3)-[alpha-D-mannopyranose-(1-3)-[alpha-D-mannopyranose-(1-6)]alpha-D-mannopyranose-(1-6)]beta-D-mannopyranose-(1-4)-2-acetamido-2-deoxy-beta-D-glucopyranose-(1-4)-2-acetamido-2-deoxy-beta-D-glucopyranose
14 non-polymer 2-acetamido-2-deoxy-beta-D-glucopyranose
#
loop_
_entity_poly.entity_id
_entity_poly.type
_entity_poly.pdbx_seq_one_letter_code
_entity_poly.pdbx_strand_id
1 'polypeptide(L)'
;AVGLGAFILGFLGAAGSTMGAASMALTVQARLLLSGIVQQQNNLLRAIEAQQHMLQLTVWGIKQLQARVLAVERYLRDQQ
LLGIWGCSGKIICCTNVPWNDSWSNKTINEIWDNMTWMQWEKEIDNYTQHIYTLLEVSQIQQEKNEQELLELD
;
B
2 'polypeptide(L)'
;AKKWVTVYYGVPVWKEATTTLFCASDAKAYDTEVHNVWATHACVPTDPNPQEIVLGNVTENFNMWKNNMVEQMHEDIISL
WDQSLKPCVKLTPLCVTLNCNNVNTNNTNNSTNATISDWEKMETGEMKNCSFNVTTSIRDKIKKEYALFYKLDVVPLENK
NNINNTNITNYRLINCNTSVITQACPKVSFEPIPIHYCAPAGFAILKCNSKTFNGSGPCTNVSTVQCTHGIRPVVSTQLL
LNGSLAEEEIVIRSENITDNAKTIIVQLNEAVEINCTRPNNNTRKSIHIGPGRAFYATGDIIGNIRQAHCNISKARWNET
LGQIVAKLEEQFPNKTIIFNHSSGGDPEIVTHSFNCGGEFFYCNTTPLFNSTWNNTRTDDYPTGGEQNITLQCRIKQIIN
MWQGVGKAMYAPPIRGQIRCSSNITGLLLTRDGGRDQNGTETFRPGGGNMRDNWRSELYKYKVVKIEPLGIAPTACKRRV
VQ
;
G
3 'polypeptide(L)'
;EGQLVQSGAELKKPGASVKISCKTSGYRFNFYHINWIRQTAGRGPEWMGWISPYSGDKNLAPAFQDRVIMTTDTEVPVTS
FTSTGAAYMEIRNLKFDDTGTYFCAKGLLRDGSSTWLPYLWGQGTLLTVSSASTKGPSVFPLAPSSKSTSGGTAALGCLV
KDYFPEPVTVSWNSGALTSGVHTFPAVLQSSGLYSLSSVVTVPSSSLGTQTYICNVNHKPSNTKVDKRVEPKSCDKGLEV
LFQ
;
D
4 'polypeptide(L)'
;QSVLTQSASVSGSLGQSVTISCTGPNSVCCSHKSISWYQWPPGRAPTLIIYEDNERAPGISPRFSGYKSYWSAYLTISDL
RPEDETTYYCCSYTHNSGCVFGTGTKVSVLGQSKANPSVTLFPPSSEELQANKATLVCLISDFYPGAVTVAWKADSSPVK
AGVETTTPSKQSNNKYAASSYLSLTPEQWKSHRSYSCQVTHEGSTVEKTVAPTECS
;
E
5 'polypeptide(L)'
;QVQLQESGPGLVRPSETLSVTCIVSGGSISNYYWTWIRQSPGKGLEWIGYISDRETTTYNPSLNSRAVISRDTSKNQLSL
QLRSVTTADTAIYFCATARRGQRIYGVVSFGEFFYYYYMDVWGKGTAVTVSSASTKGPSVFPLAPSSKSTSGGTAALGCL
VKDYFPEPVTVSWNSGALTSGVHTFPAVLQSSGLYSLSSVVTVPSSSLGTQTYICNVNHKPSNTKVDKKVEPKSCD
;
H
6 'polypeptide(L)'
;SYVSPLSVALGETARISCGRQALGSRAVQWYQHKPGQAPILLIYNNQDRPSGIPERFSGTPDINFGTTATLTISGVEVGD
EADYYCHMWDSRSGFSWSFGGATRLTVLSQPKAAPSVTLFPPSSEELQANKATLVCLISDFYPGAVTVAWKADSSPVKAG
VETTTPSKQSNNKYAASSYLSLTPEQWKSHKSYSCQVTHEGSTVEKTVAPTECS
;
L
#
loop_
_chem_comp.id
_chem_comp.type
_chem_comp.name
_chem_comp.formula
BMA D-saccharide, beta linking beta-D-mannopyranose 'C6 H12 O6'
MAN D-saccharide, alpha linking alpha-D-mannopyranose 'C6 H12 O6'
NAG D-saccharide, beta linking 2-acetamido-2-deoxy-beta-D-glucopyranose 'C8 H15 N O6'
#
# COMPACT_ATOMS: atom_id res chain seq x y z
N ALA A 1 29.96 21.51 27.03
CA ALA A 1 30.31 22.81 27.57
C ALA A 1 30.95 23.69 26.50
N VAL A 2 32.24 23.46 26.23
CA VAL A 2 33.00 24.23 25.25
C VAL A 2 33.66 23.25 24.29
N GLY A 3 33.44 23.44 22.99
CA GLY A 3 34.04 22.63 21.95
C GLY A 3 35.15 23.40 21.26
N LEU A 4 36.31 22.75 21.15
CA LEU A 4 37.52 23.38 20.61
C LEU A 4 37.72 23.01 19.14
N GLY A 5 36.74 23.40 18.32
CA GLY A 5 36.81 23.21 16.90
C GLY A 5 36.32 21.87 16.38
N ALA A 6 35.78 21.02 17.25
CA ALA A 6 35.22 19.74 16.84
C ALA A 6 33.77 19.58 17.30
N PHE A 7 33.10 20.69 17.62
CA PHE A 7 31.74 20.62 18.14
C PHE A 7 30.74 20.24 17.06
N ILE A 8 31.05 20.56 15.80
CA ILE A 8 30.22 20.29 14.61
C ILE A 8 28.72 20.40 14.90
N LEU A 9 28.35 21.39 15.72
CA LEU A 9 26.93 21.62 15.98
C LEU A 9 26.18 21.94 14.70
N GLY A 10 26.83 22.67 13.78
CA GLY A 10 26.28 22.90 12.48
C GLY A 10 25.29 24.05 12.44
N PHE A 11 24.82 24.34 11.23
CA PHE A 11 23.80 25.34 10.97
C PHE A 11 22.58 25.11 11.86
N LEU A 12 22.23 26.13 12.65
CA LEU A 12 21.15 26.03 13.64
C LEU A 12 21.39 24.88 14.60
N GLY A 13 22.65 24.70 15.01
CA GLY A 13 22.99 23.57 15.87
C GLY A 13 22.37 23.65 17.25
N ALA A 14 22.12 24.86 17.75
CA ALA A 14 21.61 25.06 19.10
C ALA A 14 20.47 26.09 19.07
N ALA A 15 19.43 25.79 18.32
CA ALA A 15 18.24 26.62 18.30
C ALA A 15 17.27 26.26 19.42
N GLY A 16 17.41 25.08 19.99
CA GLY A 16 16.65 24.69 21.16
C GLY A 16 17.38 24.85 22.46
N SER A 17 18.63 25.31 22.42
CA SER A 17 19.42 25.52 23.63
C SER A 17 19.24 26.96 24.11
N THR A 18 19.82 27.27 25.26
CA THR A 18 19.69 28.59 25.85
C THR A 18 20.43 29.64 25.03
N MET A 19 20.04 30.90 25.22
CA MET A 19 20.65 31.99 24.46
C MET A 19 22.16 32.06 24.69
N GLY A 20 22.59 31.90 25.94
CA GLY A 20 24.01 31.95 26.23
C GLY A 20 24.79 30.80 25.62
N ALA A 21 24.13 29.66 25.42
CA ALA A 21 24.81 28.51 24.83
C ALA A 21 25.09 28.75 23.35
N ALA A 22 24.05 29.07 22.59
CA ALA A 22 24.19 29.21 21.14
C ALA A 22 24.99 30.45 20.76
N SER A 23 24.99 31.47 21.62
CA SER A 23 25.69 32.71 21.31
C SER A 23 27.20 32.50 21.16
N MET A 24 27.74 31.43 21.72
CA MET A 24 29.17 31.21 21.65
C MET A 24 29.63 30.73 20.28
N ALA A 25 28.72 30.15 19.48
CA ALA A 25 29.04 29.64 18.15
C ALA A 25 28.09 30.30 17.15
N LEU A 26 28.42 31.53 16.75
CA LEU A 26 27.61 32.27 15.79
C LEU A 26 28.29 32.45 14.45
N THR A 27 29.51 31.93 14.27
CA THR A 27 30.12 31.90 12.95
C THR A 27 29.59 30.75 12.10
N VAL A 28 28.86 29.81 12.69
CA VAL A 28 28.30 28.71 11.91
C VAL A 28 27.11 29.18 11.08
N GLN A 29 26.25 30.03 11.67
CA GLN A 29 25.16 30.65 10.94
C GLN A 29 25.58 31.92 10.21
N ALA A 30 26.87 32.24 10.20
CA ALA A 30 27.41 33.38 9.48
C ALA A 30 27.99 33.00 8.13
N ARG A 31 28.88 32.01 8.09
CA ARG A 31 29.37 31.49 6.82
C ARG A 31 28.23 30.87 6.02
N LEU A 32 27.38 30.10 6.69
CA LEU A 32 26.28 29.39 6.05
C LEU A 32 25.02 30.25 5.91
N LEU A 33 25.16 31.56 6.03
CA LEU A 33 24.09 32.49 5.71
C LEU A 33 24.15 32.95 4.26
N LEU A 34 25.18 32.57 3.52
CA LEU A 34 25.33 32.89 2.12
C LEU A 34 25.96 31.68 1.42
N SER A 35 25.32 30.52 1.56
CA SER A 35 25.86 29.27 1.06
C SER A 35 25.70 29.10 -0.44
N GLY A 36 24.90 29.95 -1.10
CA GLY A 36 24.69 29.85 -2.53
C GLY A 36 25.92 30.13 -3.38
N ILE A 37 26.98 30.64 -2.76
CA ILE A 37 28.21 30.93 -3.50
C ILE A 37 29.00 29.65 -3.79
N VAL A 38 28.96 28.68 -2.88
CA VAL A 38 29.70 27.44 -3.02
C VAL A 38 28.83 26.38 -3.70
N GLN A 56 19.55 27.47 -21.81
CA GLN A 56 19.51 27.67 -20.37
C GLN A 56 18.36 28.59 -19.97
N LEU A 57 17.40 28.76 -20.87
CA LEU A 57 16.20 29.54 -20.62
C LEU A 57 15.14 28.76 -19.85
N THR A 58 15.48 27.58 -19.36
CA THR A 58 14.52 26.69 -18.72
C THR A 58 14.00 27.30 -17.42
N VAL A 59 13.04 26.60 -16.79
CA VAL A 59 12.47 27.09 -15.54
C VAL A 59 13.51 27.07 -14.43
N TRP A 60 14.43 26.11 -14.44
CA TRP A 60 15.46 26.05 -13.42
C TRP A 60 16.49 27.16 -13.54
N GLY A 61 16.50 27.89 -14.66
CA GLY A 61 17.42 28.99 -14.85
C GLY A 61 16.95 30.25 -14.16
N ILE A 62 15.69 30.61 -14.38
CA ILE A 62 15.13 31.79 -13.72
C ILE A 62 14.77 31.52 -12.27
N LYS A 63 14.48 30.26 -11.91
CA LYS A 63 14.26 29.93 -10.50
C LYS A 63 15.57 29.94 -9.72
N GLN A 64 16.70 29.66 -10.37
CA GLN A 64 17.98 29.71 -9.69
C GLN A 64 18.57 31.12 -9.69
N LEU A 65 18.50 31.83 -10.82
CA LEU A 65 19.06 33.17 -10.88
C LEU A 65 18.30 34.12 -9.97
N GLN A 66 17.00 33.91 -9.77
CA GLN A 66 16.26 34.72 -8.82
C GLN A 66 16.44 34.26 -7.39
N ALA A 67 16.80 33.00 -7.17
CA ALA A 67 17.14 32.53 -5.82
C ALA A 67 18.52 33.02 -5.38
N ARG A 68 19.45 33.16 -6.33
CA ARG A 68 20.76 33.69 -5.99
C ARG A 68 20.67 35.18 -5.63
N VAL A 69 19.96 35.96 -6.43
CA VAL A 69 19.89 37.40 -6.20
C VAL A 69 19.06 37.73 -4.96
N LEU A 70 18.10 36.87 -4.60
CA LEU A 70 17.40 37.09 -3.35
C LEU A 70 18.31 36.86 -2.15
N ALA A 71 19.15 35.82 -2.22
CA ALA A 71 20.07 35.52 -1.13
C ALA A 71 21.09 36.64 -0.93
N VAL A 72 21.63 37.17 -2.03
CA VAL A 72 22.58 38.28 -1.94
C VAL A 72 21.88 39.55 -1.47
N GLU A 73 20.59 39.71 -1.77
CA GLU A 73 19.88 40.91 -1.34
C GLU A 73 19.49 40.86 0.14
N ARG A 74 19.23 39.68 0.68
CA ARG A 74 18.92 39.59 2.11
C ARG A 74 20.17 39.69 2.97
N TYR A 75 21.28 39.11 2.51
CA TYR A 75 22.55 39.27 3.23
C TYR A 75 22.95 40.73 3.31
N LEU A 76 22.81 41.47 2.21
CA LEU A 76 23.18 42.88 2.19
C LEU A 76 22.22 43.75 2.99
N ARG A 77 21.11 43.21 3.47
CA ARG A 77 20.24 43.99 4.34
C ARG A 77 20.78 44.02 5.76
N ASP A 78 21.30 42.88 6.24
CA ASP A 78 21.84 42.84 7.59
C ASP A 78 23.12 43.66 7.70
N GLN A 79 24.07 43.43 6.78
CA GLN A 79 25.30 44.20 6.80
C GLN A 79 25.04 45.68 6.59
N GLN A 80 23.93 46.01 5.92
CA GLN A 80 23.53 47.40 5.81
C GLN A 80 23.17 47.98 7.18
N LEU A 81 22.39 47.23 7.96
CA LEU A 81 22.00 47.71 9.28
C LEU A 81 23.18 47.70 10.25
N LEU A 82 24.01 46.65 10.21
CA LEU A 82 25.20 46.60 11.05
C LEU A 82 26.22 47.66 10.66
N GLY A 83 26.08 48.25 9.47
CA GLY A 83 26.95 49.34 9.06
C GLY A 83 26.52 50.67 9.63
N ILE A 84 25.21 50.87 9.77
CA ILE A 84 24.69 52.10 10.36
C ILE A 84 24.49 51.86 11.84
N TRP A 85 25.21 50.88 12.38
CA TRP A 85 25.23 50.64 13.82
C TRP A 85 26.64 50.64 14.41
N GLY A 86 27.69 50.77 13.60
CA GLY A 86 29.05 50.68 14.11
C GLY A 86 29.44 49.28 14.48
N CYS A 87 29.14 48.32 13.62
CA CYS A 87 29.34 46.91 13.94
C CYS A 87 29.79 46.10 12.74
N SER A 88 30.10 46.76 11.61
CA SER A 88 30.24 46.06 10.34
C SER A 88 31.16 44.85 10.44
N GLY A 89 32.26 44.97 11.18
CA GLY A 89 33.22 43.89 11.23
C GLY A 89 32.88 42.81 12.22
N LYS A 90 32.22 43.18 13.31
CA LYS A 90 32.06 42.28 14.43
C LYS A 90 30.73 41.53 14.38
N ILE A 91 30.77 40.28 14.83
CA ILE A 91 29.57 39.51 15.04
C ILE A 91 28.81 40.00 16.27
N ILE A 92 29.50 40.08 17.42
CA ILE A 92 28.95 40.66 18.64
C ILE A 92 29.49 42.07 18.75
N CYS A 93 28.62 43.01 19.12
CA CYS A 93 29.06 44.38 19.37
C CYS A 93 28.15 45.01 20.42
N CYS A 94 28.75 45.61 21.43
CA CYS A 94 27.98 46.29 22.46
C CYS A 94 27.66 47.71 22.02
N THR A 95 26.68 48.29 22.71
CA THR A 95 26.13 49.60 22.39
C THR A 95 26.29 50.51 23.62
N ASN A 96 25.61 51.66 23.54
CA ASN A 96 25.54 52.66 24.61
C ASN A 96 24.12 53.11 24.93
N VAL A 97 23.10 52.58 24.25
CA VAL A 97 21.71 52.96 24.50
C VAL A 97 21.18 52.08 25.63
N PRO A 98 20.58 52.66 26.66
CA PRO A 98 20.13 51.87 27.80
C PRO A 98 18.93 51.01 27.43
N TRP A 99 18.77 49.93 28.18
CA TRP A 99 17.67 48.99 27.96
C TRP A 99 16.48 49.46 28.78
N ASN A 100 15.50 50.06 28.12
CA ASN A 100 14.25 50.39 28.79
C ASN A 100 13.54 49.11 29.22
N ASP A 101 13.11 49.07 30.48
CA ASP A 101 12.42 47.89 31.00
C ASP A 101 11.06 47.68 30.36
N SER A 102 10.54 48.66 29.61
CA SER A 102 9.26 48.48 28.91
C SER A 102 9.36 47.42 27.83
N TRP A 103 10.56 47.16 27.31
CA TRP A 103 10.73 46.14 26.27
C TRP A 103 10.60 44.75 26.86
N SER A 104 11.42 44.44 27.87
CA SER A 104 11.26 43.23 28.65
C SER A 104 11.73 43.53 30.07
N ASN A 105 11.20 42.77 31.02
CA ASN A 105 11.38 43.05 32.44
C ASN A 105 12.11 41.92 33.16
N LYS A 106 12.81 41.07 32.41
CA LYS A 106 13.44 39.89 32.97
C LYS A 106 14.90 40.19 33.29
N THR A 107 15.52 39.30 34.06
CA THR A 107 16.86 39.50 34.56
C THR A 107 17.88 38.82 33.66
N ILE A 108 19.12 39.31 33.73
CA ILE A 108 20.19 38.79 32.89
C ILE A 108 20.49 37.33 33.21
N ASN A 109 20.05 36.85 34.37
CA ASN A 109 20.13 35.42 34.64
C ASN A 109 18.94 34.66 34.06
N GLU A 110 17.83 35.36 33.81
CA GLU A 110 16.64 34.74 33.26
C GLU A 110 16.65 34.71 31.75
N ILE A 111 17.27 35.71 31.13
CA ILE A 111 17.27 35.79 29.69
C ILE A 111 18.28 34.80 29.11
N TRP A 112 19.50 34.84 29.60
CA TRP A 112 20.58 34.09 28.99
C TRP A 112 20.75 32.69 29.58
N ASP A 113 19.84 32.25 30.45
CA ASP A 113 19.92 30.90 30.98
C ASP A 113 18.58 30.20 31.12
N ASN A 114 17.46 30.85 30.79
CA ASN A 114 16.18 30.17 30.76
C ASN A 114 15.40 30.39 29.46
N MET A 115 15.98 31.09 28.48
CA MET A 115 15.25 31.36 27.25
C MET A 115 16.12 31.04 26.05
N THR A 116 15.47 30.53 25.00
CA THR A 116 16.09 30.36 23.69
C THR A 116 15.79 31.56 22.84
N TRP A 117 16.70 31.83 21.89
CA TRP A 117 16.62 33.00 21.04
C TRP A 117 15.25 33.11 20.38
N MET A 118 14.63 31.95 20.14
CA MET A 118 13.33 31.90 19.49
C MET A 118 12.29 32.61 20.34
N GLN A 119 11.98 32.04 21.51
CA GLN A 119 10.93 32.61 22.34
C GLN A 119 11.32 34.00 22.82
N TRP A 120 12.63 34.29 22.89
CA TRP A 120 13.07 35.63 23.25
C TRP A 120 12.73 36.63 22.17
N GLU A 121 13.10 36.34 20.92
CA GLU A 121 12.77 37.23 19.82
C GLU A 121 11.26 37.42 19.68
N LYS A 122 10.49 36.39 20.02
CA LYS A 122 9.04 36.50 19.97
C LYS A 122 8.49 37.43 21.04
N GLU A 123 9.27 37.74 22.07
CA GLU A 123 8.85 38.65 23.11
C GLU A 123 9.22 40.10 22.81
N ILE A 124 10.32 40.33 22.10
CA ILE A 124 10.77 41.67 21.77
C ILE A 124 10.45 42.05 20.33
N ASP A 125 9.77 41.18 19.59
CA ASP A 125 9.44 41.49 18.21
C ASP A 125 8.57 42.74 18.11
N ASN A 126 7.75 42.99 19.13
CA ASN A 126 6.91 44.20 19.12
C ASN A 126 7.77 45.45 19.00
N TYR A 127 8.86 45.51 19.76
CA TYR A 127 9.62 46.74 19.91
C TYR A 127 10.85 46.80 19.01
N THR A 128 11.10 45.79 18.17
CA THR A 128 12.36 45.73 17.42
C THR A 128 12.51 46.95 16.52
N GLN A 129 11.51 47.22 15.67
CA GLN A 129 11.61 48.35 14.75
C GLN A 129 11.90 49.66 15.48
N HIS A 130 11.41 49.79 16.72
CA HIS A 130 11.72 50.97 17.53
C HIS A 130 13.17 50.94 17.99
N ILE A 131 13.66 49.76 18.39
CA ILE A 131 15.05 49.65 18.84
C ILE A 131 16.01 49.84 17.67
N TYR A 132 15.63 49.34 16.49
CA TYR A 132 16.48 49.52 15.31
C TYR A 132 16.64 50.99 14.95
N THR A 133 15.63 51.81 15.26
CA THR A 133 15.77 53.25 15.08
C THR A 133 16.65 53.85 16.16
N LEU A 134 16.28 53.64 17.43
CA LEU A 134 17.07 54.16 18.56
C LEU A 134 18.54 53.80 18.44
N LEU A 135 18.82 52.61 17.90
CA LEU A 135 20.20 52.14 17.84
C LEU A 135 21.04 52.99 16.89
N GLU A 136 20.46 53.42 15.77
CA GLU A 136 21.24 54.10 14.75
C GLU A 136 21.27 55.62 14.92
N VAL A 137 20.29 56.22 15.58
CA VAL A 137 20.29 57.66 15.79
C VAL A 137 21.01 58.04 17.08
N SER A 138 20.66 57.41 18.20
CA SER A 138 21.29 57.74 19.48
C SER A 138 22.77 57.39 19.48
N GLN A 139 23.17 56.36 18.77
CA GLN A 139 24.56 55.97 18.63
C GLN A 139 24.96 55.89 17.18
N ILE A 140 26.27 55.80 16.97
CA ILE A 140 26.94 55.78 15.67
C ILE A 140 26.66 57.07 14.89
N GLN A 141 25.41 57.53 14.87
CA GLN A 141 25.13 58.83 14.26
C GLN A 141 25.59 59.95 15.18
N GLN A 142 25.28 59.82 16.47
CA GLN A 142 25.79 60.78 17.45
C GLN A 142 27.30 60.63 17.64
N GLU A 143 27.81 59.39 17.63
CA GLU A 143 29.24 59.16 17.83
C GLU A 143 30.07 59.80 16.71
N LYS A 144 29.66 59.60 15.45
CA LYS A 144 30.42 60.16 14.34
C LYS A 144 30.38 61.68 14.34
N ASN A 145 29.28 62.28 14.82
CA ASN A 145 29.23 63.73 14.94
C ASN A 145 30.20 64.23 16.00
N GLU A 146 30.26 63.55 17.14
CA GLU A 146 31.21 63.91 18.18
C GLU A 146 32.63 63.46 17.84
N GLN A 147 32.79 62.32 17.16
CA GLN A 147 34.11 61.92 16.69
C GLN A 147 34.68 62.94 15.71
N GLU A 148 33.81 63.68 15.01
CA GLU A 148 34.27 64.76 14.14
C GLU A 148 34.62 66.01 14.95
N LEU A 149 33.82 66.31 15.99
CA LEU A 149 34.08 67.50 16.79
C LEU A 149 35.28 67.33 17.70
N LEU A 150 35.43 66.15 18.32
CA LEU A 150 36.51 65.94 19.28
C LEU A 150 37.88 65.94 18.60
N GLU A 151 37.99 65.30 17.44
CA GLU A 151 39.27 65.26 16.72
C GLU A 151 39.57 66.57 15.99
N LEU A 152 38.62 67.50 15.96
CA LEU A 152 38.87 68.79 15.32
C LEU A 152 40.02 69.53 16.00
N ASP A 153 40.09 69.45 17.33
CA ASP A 153 41.17 70.08 18.08
C ASP A 153 42.28 69.08 18.39
N ALA B 1 24.73 45.84 36.79
CA ALA B 1 23.33 45.97 37.21
C ALA B 1 22.54 46.82 36.22
N LYS B 2 23.25 47.44 35.28
CA LYS B 2 22.62 48.19 34.20
C LYS B 2 22.60 47.36 32.93
N LYS B 3 21.50 47.45 32.19
CA LYS B 3 21.28 46.66 30.99
C LYS B 3 21.44 47.53 29.76
N TRP B 4 22.22 47.05 28.80
CA TRP B 4 22.43 47.73 27.52
C TRP B 4 22.21 46.74 26.40
N VAL B 5 21.64 47.21 25.29
CA VAL B 5 21.37 46.31 24.18
C VAL B 5 22.67 45.91 23.51
N THR B 6 22.72 44.67 23.05
CA THR B 6 23.87 44.14 22.33
C THR B 6 23.35 43.29 21.19
N VAL B 7 23.62 43.70 19.95
CA VAL B 7 23.06 43.04 18.78
C VAL B 7 23.97 41.89 18.37
N TYR B 8 23.36 40.82 17.89
CA TYR B 8 24.06 39.59 17.56
C TYR B 8 23.82 39.25 16.09
N TYR B 9 24.85 38.75 15.43
CA TYR B 9 24.78 38.39 14.01
C TYR B 9 24.98 36.88 13.89
N GLY B 10 23.89 36.15 13.65
CA GLY B 10 23.97 34.71 13.51
C GLY B 10 23.06 33.99 14.47
N VAL B 11 22.01 34.67 14.92
CA VAL B 11 21.14 34.08 15.95
C VAL B 11 20.35 32.93 15.34
N PRO B 12 20.21 31.81 16.04
CA PRO B 12 19.29 30.76 15.58
C PRO B 12 17.83 31.19 15.68
N VAL B 13 17.38 32.01 14.74
CA VAL B 13 16.00 32.49 14.67
C VAL B 13 15.51 32.29 13.24
N TRP B 14 14.41 31.55 13.10
CA TRP B 14 13.80 31.31 11.80
C TRP B 14 12.34 31.73 11.83
N LYS B 15 11.80 32.00 10.64
CA LYS B 15 10.39 32.31 10.47
C LYS B 15 9.85 31.56 9.26
N GLU B 16 8.57 31.21 9.32
CA GLU B 16 7.93 30.46 8.24
C GLU B 16 7.56 31.40 7.11
N ALA B 17 8.17 31.20 5.95
CA ALA B 17 7.85 31.99 4.77
C ALA B 17 8.01 31.13 3.53
N THR B 18 7.58 31.67 2.39
CA THR B 18 7.58 30.95 1.13
C THR B 18 8.66 31.51 0.22
N THR B 19 9.42 30.61 -0.41
CA THR B 19 10.47 31.00 -1.34
C THR B 19 10.35 30.17 -2.61
N THR B 20 11.07 30.59 -3.64
CA THR B 20 11.09 29.89 -4.92
C THR B 20 12.21 28.86 -4.90
N LEU B 21 11.87 27.63 -4.49
CA LEU B 21 12.85 26.56 -4.40
C LEU B 21 13.34 26.17 -5.79
N PHE B 22 14.49 25.50 -5.82
CA PHE B 22 15.01 24.96 -7.07
C PHE B 22 15.35 23.48 -6.88
N CYS B 23 15.78 22.85 -7.97
CA CYS B 23 15.93 21.41 -8.08
C CYS B 23 17.37 20.99 -7.85
N ALA B 24 17.55 19.71 -7.51
CA ALA B 24 18.86 19.11 -7.38
C ALA B 24 18.78 17.66 -7.87
N SER B 25 19.53 17.35 -8.92
CA SER B 25 19.52 16.01 -9.51
C SER B 25 20.94 15.62 -9.87
N ASP B 26 21.37 14.45 -9.40
CA ASP B 26 22.76 14.02 -9.59
C ASP B 26 23.10 13.91 -11.07
N ALA B 27 24.40 13.95 -11.36
CA ALA B 27 24.85 14.02 -12.75
C ALA B 27 24.70 12.67 -13.44
N LYS B 28 24.05 12.67 -14.59
CA LYS B 28 23.90 11.50 -15.44
C LYS B 28 24.63 11.79 -16.75
N ALA B 29 25.84 11.26 -16.89
CA ALA B 29 26.68 11.48 -18.06
C ALA B 29 26.85 10.18 -18.82
N TYR B 30 26.41 10.15 -20.08
CA TYR B 30 26.55 8.97 -20.92
C TYR B 30 26.69 9.42 -22.37
N ASP B 31 27.30 8.55 -23.18
CA ASP B 31 27.38 8.81 -24.62
C ASP B 31 25.99 8.77 -25.25
N THR B 32 25.20 7.76 -24.92
CA THR B 32 23.80 7.69 -25.36
C THR B 32 22.95 8.50 -24.39
N GLU B 33 23.17 9.82 -24.43
CA GLU B 33 22.53 10.75 -23.51
C GLU B 33 21.11 11.04 -23.99
N VAL B 34 20.12 10.57 -23.24
CA VAL B 34 18.71 10.80 -23.56
C VAL B 34 18.14 11.73 -22.50
N HIS B 35 17.68 12.90 -22.94
CA HIS B 35 17.17 13.91 -22.02
C HIS B 35 15.89 13.43 -21.35
N ASN B 36 15.68 13.90 -20.12
CA ASN B 36 14.55 13.48 -19.32
C ASN B 36 13.63 14.68 -19.05
N VAL B 37 12.32 14.45 -19.18
CA VAL B 37 11.35 15.53 -19.01
C VAL B 37 11.11 15.82 -17.54
N TRP B 38 10.70 14.80 -16.79
CA TRP B 38 10.23 15.00 -15.43
C TRP B 38 11.28 15.65 -14.54
N ALA B 39 12.56 15.39 -14.79
CA ALA B 39 13.65 16.00 -14.02
C ALA B 39 14.80 16.27 -14.99
N THR B 40 14.72 17.40 -15.68
CA THR B 40 15.81 17.84 -16.54
C THR B 40 17.05 18.12 -15.71
N HIS B 41 18.21 17.80 -16.26
CA HIS B 41 19.47 18.01 -15.56
C HIS B 41 19.94 19.47 -15.59
N ALA B 42 19.08 20.40 -16.02
CA ALA B 42 19.44 21.81 -15.97
C ALA B 42 19.62 22.31 -14.55
N CYS B 43 19.07 21.60 -13.57
CA CYS B 43 19.19 21.99 -12.19
C CYS B 43 20.48 21.44 -11.58
N VAL B 44 21.00 22.16 -10.59
CA VAL B 44 22.36 21.92 -10.07
C VAL B 44 22.46 20.52 -9.50
N PRO B 45 23.54 19.78 -9.74
CA PRO B 45 23.66 18.43 -9.17
C PRO B 45 23.68 18.45 -7.65
N THR B 46 23.15 17.40 -7.05
CA THR B 46 23.13 17.29 -5.60
C THR B 46 24.55 17.16 -5.05
N ASP B 47 24.70 17.46 -3.77
CA ASP B 47 26.01 17.36 -3.13
C ASP B 47 26.46 15.90 -3.12
N PRO B 48 27.75 15.62 -3.25
CA PRO B 48 28.21 14.24 -3.17
C PRO B 48 27.95 13.61 -1.81
N ASN B 49 27.78 14.41 -0.76
CA ASN B 49 27.56 13.92 0.59
C ASN B 49 26.39 14.68 1.19
N PRO B 50 25.29 14.02 1.55
CA PRO B 50 24.19 14.72 2.21
C PRO B 50 24.59 15.17 3.60
N GLN B 51 24.10 16.34 4.00
CA GLN B 51 24.45 16.94 5.28
C GLN B 51 23.17 17.26 6.05
N GLU B 52 22.85 16.43 7.03
CA GLU B 52 21.67 16.60 7.86
C GLU B 52 22.12 17.02 9.27
N ILE B 53 21.47 18.04 9.81
CA ILE B 53 21.83 18.61 11.11
C ILE B 53 20.64 18.45 12.05
N VAL B 54 20.85 17.69 13.12
CA VAL B 54 19.78 17.42 14.08
C VAL B 54 19.58 18.64 14.97
N LEU B 55 18.31 18.96 15.25
CA LEU B 55 17.95 20.12 16.04
C LEU B 55 17.34 19.63 17.36
N GLY B 56 18.18 19.46 18.37
CA GLY B 56 17.70 19.06 19.66
C GLY B 56 16.84 20.14 20.31
N ASN B 57 15.86 19.69 21.09
CA ASN B 57 15.00 20.58 21.89
C ASN B 57 14.12 21.48 21.04
N VAL B 58 13.78 21.05 19.83
CA VAL B 58 12.95 21.84 18.94
C VAL B 58 11.62 21.14 18.80
N THR B 59 10.54 21.90 19.02
CA THR B 59 9.18 21.44 18.78
C THR B 59 8.54 22.40 17.80
N GLU B 60 8.39 21.96 16.56
CA GLU B 60 7.82 22.77 15.48
C GLU B 60 6.59 22.06 14.92
N ASN B 61 5.56 22.84 14.62
CA ASN B 61 4.31 22.30 14.12
C ASN B 61 4.36 22.19 12.60
N PHE B 62 4.17 20.99 12.09
CA PHE B 62 4.12 20.72 10.66
C PHE B 62 2.67 20.54 10.22
N ASN B 63 2.37 21.00 9.00
CA ASN B 63 1.05 20.79 8.39
C ASN B 63 1.28 20.48 6.91
N MET B 64 1.10 19.21 6.54
CA MET B 64 1.32 18.82 5.16
C MET B 64 0.29 19.43 4.23
N TRP B 65 -0.90 19.75 4.73
CA TRP B 65 -1.98 20.23 3.87
C TRP B 65 -1.84 21.71 3.53
N LYS B 66 -1.21 22.49 4.41
CA LYS B 66 -0.95 23.90 4.17
C LYS B 66 0.45 24.15 3.60
N ASN B 67 1.21 23.09 3.32
CA ASN B 67 2.57 23.24 2.83
C ASN B 67 2.59 23.83 1.43
N ASN B 68 3.34 24.92 1.26
CA ASN B 68 3.48 25.56 -0.05
C ASN B 68 4.46 24.83 -0.96
N MET B 69 5.23 23.87 -0.43
CA MET B 69 6.12 23.09 -1.28
C MET B 69 5.35 22.22 -2.25
N VAL B 70 4.19 21.72 -1.85
CA VAL B 70 3.36 20.92 -2.75
C VAL B 70 2.85 21.77 -3.92
N GLU B 71 2.26 22.93 -3.61
CA GLU B 71 1.74 23.80 -4.67
C GLU B 71 2.81 24.20 -5.67
N GLN B 72 4.07 24.27 -5.24
CA GLN B 72 5.13 24.65 -6.16
C GLN B 72 5.59 23.45 -7.00
N MET B 73 5.73 22.28 -6.39
CA MET B 73 6.12 21.09 -7.15
C MET B 73 5.07 20.74 -8.20
N HIS B 74 3.79 20.87 -7.83
CA HIS B 74 2.72 20.64 -8.80
C HIS B 74 2.78 21.63 -9.95
N GLU B 75 3.20 22.87 -9.68
CA GLU B 75 3.37 23.85 -10.74
C GLU B 75 4.67 23.67 -11.51
N ASP B 76 5.67 23.04 -10.90
CA ASP B 76 6.93 22.80 -11.61
C ASP B 76 6.75 21.67 -12.62
N ILE B 77 5.95 20.66 -12.28
CA ILE B 77 5.73 19.56 -13.20
C ILE B 77 5.00 20.02 -14.46
N ILE B 78 4.00 20.89 -14.28
CA ILE B 78 3.20 21.35 -15.41
C ILE B 78 4.08 22.13 -16.39
N SER B 79 4.87 23.07 -15.89
CA SER B 79 5.69 23.89 -16.77
C SER B 79 6.87 23.10 -17.34
N LEU B 80 7.34 22.06 -16.63
CA LEU B 80 8.38 21.21 -17.19
C LEU B 80 7.86 20.40 -18.36
N TRP B 81 6.58 20.06 -18.36
CA TRP B 81 6.01 19.25 -19.43
C TRP B 81 5.92 20.04 -20.73
N ASP B 82 5.38 21.27 -20.66
CA ASP B 82 5.13 22.04 -21.86
C ASP B 82 6.41 22.42 -22.59
N GLN B 83 7.53 22.50 -21.86
CA GLN B 83 8.79 22.86 -22.50
C GLN B 83 9.33 21.72 -23.37
N SER B 84 8.86 20.50 -23.14
CA SER B 84 9.28 19.36 -23.95
C SER B 84 8.35 19.10 -25.13
N LEU B 85 7.13 19.64 -25.11
CA LEU B 85 6.19 19.49 -26.19
C LEU B 85 6.29 20.59 -27.24
N LYS B 86 6.78 21.77 -26.87
CA LYS B 86 6.90 22.87 -27.82
C LYS B 86 7.76 22.52 -29.03
N PRO B 87 8.96 21.95 -28.90
CA PRO B 87 9.78 21.68 -30.09
C PRO B 87 9.48 20.36 -30.80
N CYS B 88 8.40 19.66 -30.46
CA CYS B 88 8.09 18.37 -31.04
C CYS B 88 6.88 18.47 -31.96
N VAL B 89 6.68 17.40 -32.73
CA VAL B 89 5.70 17.39 -33.82
C VAL B 89 4.29 17.45 -33.25
N LYS B 90 3.46 18.30 -33.86
CA LYS B 90 2.05 18.45 -33.50
C LYS B 90 1.20 17.89 -34.65
N LEU B 91 0.19 17.10 -34.28
CA LEU B 91 -0.62 16.37 -35.25
C LEU B 91 -1.89 17.15 -35.54
N THR B 92 -1.72 18.23 -36.30
CA THR B 92 -2.84 19.06 -36.72
C THR B 92 -3.41 18.64 -38.09
N PRO B 93 -2.59 18.31 -39.10
CA PRO B 93 -3.17 17.82 -40.35
C PRO B 93 -3.67 16.39 -40.27
N LEU B 94 -3.45 15.70 -39.16
CA LEU B 94 -3.87 14.32 -38.99
C LEU B 94 -5.28 14.20 -38.39
N CYS B 95 -6.04 15.29 -38.40
CA CYS B 95 -7.45 15.21 -38.00
C CYS B 95 -8.35 14.73 -39.13
N VAL B 96 -7.78 14.37 -40.28
CA VAL B 96 -8.56 13.79 -41.38
C VAL B 96 -9.27 12.53 -40.89
N THR B 97 -10.38 12.20 -41.54
CA THR B 97 -11.22 11.09 -41.08
C THR B 97 -10.60 9.74 -41.44
N LEU B 98 -10.97 8.73 -40.65
CA LEU B 98 -10.39 7.39 -40.75
C LEU B 98 -11.51 6.36 -40.92
N ASN B 99 -11.31 5.43 -41.85
CA ASN B 99 -12.16 4.25 -41.98
C ASN B 99 -11.43 3.07 -41.34
N CYS B 100 -12.06 2.46 -40.34
CA CYS B 100 -11.38 1.57 -39.42
C CYS B 100 -12.00 0.18 -39.41
N ASN B 101 -11.14 -0.84 -39.42
CA ASN B 101 -11.54 -2.23 -39.29
C ASN B 101 -11.09 -2.78 -37.95
N ASN B 102 -11.93 -3.61 -37.33
CA ASN B 102 -11.52 -4.29 -36.11
C ASN B 102 -10.38 -5.26 -36.42
N VAL B 103 -9.55 -5.53 -35.39
CA VAL B 103 -8.39 -6.40 -35.58
C VAL B 103 -8.85 -7.82 -35.84
N ASN B 104 -8.08 -8.53 -36.66
CA ASN B 104 -8.31 -9.94 -36.90
C ASN B 104 -8.08 -10.73 -35.63
N THR B 105 -9.09 -11.48 -35.20
CA THR B 105 -9.05 -12.23 -33.96
C THR B 105 -10.20 -13.23 -33.98
N ASN B 106 -9.92 -14.45 -33.50
CA ASN B 106 -10.97 -15.45 -33.36
C ASN B 106 -11.76 -15.19 -32.08
N ASN B 107 -13.07 -15.09 -32.21
CA ASN B 107 -13.94 -14.86 -31.05
C ASN B 107 -14.15 -16.20 -30.33
N THR B 108 -13.64 -16.28 -29.10
CA THR B 108 -13.79 -17.51 -28.33
C THR B 108 -15.24 -17.74 -27.94
N ASN B 109 -15.98 -16.67 -27.66
CA ASN B 109 -17.38 -16.78 -27.27
C ASN B 109 -18.28 -15.97 -28.21
N THR B 124 -15.69 -5.53 -28.46
CA THR B 124 -14.84 -6.71 -28.56
C THR B 124 -13.37 -6.33 -28.63
N GLY B 125 -12.89 -6.08 -29.86
CA GLY B 125 -11.51 -5.64 -30.03
C GLY B 125 -11.33 -4.17 -29.70
N GLU B 126 -10.17 -3.84 -29.15
CA GLU B 126 -9.90 -2.50 -28.66
C GLU B 126 -8.69 -1.83 -29.32
N MET B 127 -7.71 -2.59 -29.79
CA MET B 127 -6.55 -1.99 -30.44
C MET B 127 -6.87 -1.48 -31.84
N LYS B 128 -7.79 -2.15 -32.53
CA LYS B 128 -8.32 -1.73 -33.84
C LYS B 128 -7.26 -1.56 -34.92
N ASN B 129 -7.69 -0.93 -36.02
CA ASN B 129 -6.91 -0.70 -37.23
C ASN B 129 -7.62 0.40 -37.98
N CYS B 130 -6.87 1.24 -38.68
CA CYS B 130 -7.49 2.32 -39.43
C CYS B 130 -6.64 2.64 -40.65
N SER B 131 -7.28 3.27 -41.64
CA SER B 131 -6.62 3.71 -42.85
C SER B 131 -7.06 5.14 -43.17
N PHE B 132 -6.12 5.96 -43.63
CA PHE B 132 -6.37 7.38 -43.80
C PHE B 132 -5.43 7.93 -44.87
N ASN B 133 -5.69 9.17 -45.27
CA ASN B 133 -4.81 9.89 -46.18
C ASN B 133 -3.79 10.71 -45.40
N VAL B 134 -2.65 10.94 -46.04
CA VAL B 134 -1.59 11.77 -45.49
C VAL B 134 -0.92 12.53 -46.61
N THR B 135 -1.05 13.86 -46.61
CA THR B 135 -0.27 14.66 -47.53
C THR B 135 1.21 14.45 -47.23
N THR B 136 1.98 14.14 -48.26
CA THR B 136 3.40 13.81 -48.08
C THR B 136 4.16 15.08 -47.67
N SER B 137 5.49 14.99 -47.71
CA SER B 137 6.32 16.18 -47.53
C SER B 137 5.98 17.23 -48.59
N ILE B 138 5.61 16.79 -49.78
CA ILE B 138 5.18 17.67 -50.86
C ILE B 138 3.69 17.96 -50.70
N ARG B 139 3.31 19.23 -50.91
CA ARG B 139 1.97 19.67 -50.54
C ARG B 139 0.89 19.20 -51.51
N ASP B 140 1.21 19.01 -52.78
CA ASP B 140 0.20 18.62 -53.77
C ASP B 140 -0.04 17.11 -53.82
N LYS B 141 1.01 16.31 -53.64
CA LYS B 141 0.84 14.86 -53.65
C LYS B 141 0.06 14.40 -52.44
N ILE B 142 -0.60 13.25 -52.58
CA ILE B 142 -1.41 12.66 -51.51
C ILE B 142 -1.15 11.15 -51.48
N LYS B 143 -0.84 10.62 -50.30
CA LYS B 143 -0.67 9.20 -50.09
C LYS B 143 -1.85 8.64 -49.32
N LYS B 144 -1.84 7.32 -49.14
CA LYS B 144 -2.85 6.62 -48.36
C LYS B 144 -2.17 5.45 -47.68
N GLU B 145 -2.22 5.42 -46.34
CA GLU B 145 -1.54 4.39 -45.58
C GLU B 145 -2.47 3.91 -44.46
N TYR B 146 -1.98 2.94 -43.70
CA TYR B 146 -2.74 2.35 -42.60
C TYR B 146 -1.97 2.50 -41.30
N ALA B 147 -2.69 2.38 -40.20
CA ALA B 147 -2.10 2.45 -38.87
C ALA B 147 -3.05 1.76 -37.89
N LEU B 148 -2.55 1.56 -36.67
CA LEU B 148 -3.30 0.86 -35.64
C LEU B 148 -3.42 1.77 -34.43
N PHE B 149 -4.63 2.28 -34.19
CA PHE B 149 -4.90 3.22 -33.11
C PHE B 149 -5.88 2.59 -32.13
N TYR B 150 -5.50 2.56 -30.85
CA TYR B 150 -6.37 2.00 -29.82
C TYR B 150 -7.74 2.67 -29.85
N LYS B 151 -8.75 1.93 -29.38
CA LYS B 151 -10.13 2.38 -29.53
C LYS B 151 -10.39 3.65 -28.73
N LEU B 152 -9.78 3.78 -27.56
CA LEU B 152 -10.03 4.93 -26.71
C LEU B 152 -9.52 6.23 -27.32
N ASP B 153 -8.63 6.15 -28.30
CA ASP B 153 -8.05 7.34 -28.91
C ASP B 153 -8.87 7.88 -30.07
N VAL B 154 -9.86 7.12 -30.54
CA VAL B 154 -10.63 7.50 -31.72
C VAL B 154 -12.11 7.27 -31.45
N VAL B 155 -12.94 8.16 -31.98
CA VAL B 155 -14.39 8.06 -31.83
C VAL B 155 -15.03 8.25 -33.20
N PRO B 156 -16.12 7.55 -33.51
CA PRO B 156 -16.72 7.65 -34.84
C PRO B 156 -17.58 8.91 -34.99
N LEU B 157 -17.78 9.30 -36.25
CA LEU B 157 -18.67 10.42 -36.55
C LEU B 157 -20.01 9.97 -37.12
N GLU B 158 -20.05 8.84 -37.82
CA GLU B 158 -21.29 8.29 -38.35
C GLU B 158 -21.29 6.76 -38.29
N ILE B 168 -20.18 4.76 -43.12
CA ILE B 168 -19.05 3.96 -43.57
C ILE B 168 -18.13 3.68 -42.37
N THR B 169 -18.71 3.77 -41.17
CA THR B 169 -17.95 3.70 -39.92
C THR B 169 -16.74 4.64 -39.96
N ASN B 170 -17.03 5.91 -40.26
CA ASN B 170 -15.98 6.92 -40.30
C ASN B 170 -15.53 7.27 -38.90
N TYR B 171 -14.28 7.69 -38.77
CA TYR B 171 -13.70 7.93 -37.46
C TYR B 171 -12.88 9.22 -37.48
N ARG B 172 -12.59 9.71 -36.28
CA ARG B 172 -11.71 10.84 -36.07
C ARG B 172 -11.03 10.66 -34.72
N LEU B 173 -10.05 11.52 -34.45
CA LEU B 173 -9.35 11.48 -33.18
C LEU B 173 -10.20 12.11 -32.08
N ILE B 174 -10.04 11.57 -30.86
CA ILE B 174 -10.92 11.95 -29.75
C ILE B 174 -10.73 13.42 -29.42
N ASN B 175 -9.57 13.96 -29.73
CA ASN B 175 -9.23 15.31 -29.31
C ASN B 175 -9.41 16.36 -30.40
N CYS B 176 -9.76 15.97 -31.63
CA CYS B 176 -9.73 16.94 -32.72
C CYS B 176 -10.82 18.01 -32.61
N ASN B 177 -12.01 17.67 -32.07
CA ASN B 177 -12.98 18.73 -31.85
C ASN B 177 -12.74 19.48 -30.56
N THR B 178 -11.88 18.96 -29.68
CA THR B 178 -11.57 19.65 -28.42
C THR B 178 -10.42 20.63 -28.62
N SER B 179 -9.21 20.12 -28.85
CA SER B 179 -8.04 20.97 -28.89
C SER B 179 -6.97 20.34 -29.77
N VAL B 180 -5.87 21.06 -29.97
CA VAL B 180 -4.75 20.57 -30.76
C VAL B 180 -4.06 19.43 -30.01
N ILE B 181 -3.16 18.73 -30.71
CA ILE B 181 -2.43 17.61 -30.14
C ILE B 181 -0.99 17.70 -30.62
N THR B 182 -0.04 17.40 -29.73
CA THR B 182 1.36 17.36 -30.09
C THR B 182 1.95 16.01 -29.73
N GLN B 183 2.75 15.46 -30.63
CA GLN B 183 3.41 14.18 -30.40
C GLN B 183 4.72 14.42 -29.66
N ALA B 184 4.84 13.84 -28.48
CA ALA B 184 6.09 13.95 -27.72
C ALA B 184 7.22 13.28 -28.50
N CYS B 185 8.37 13.95 -28.52
CA CYS B 185 9.53 13.43 -29.23
C CYS B 185 9.91 12.05 -28.68
N PRO B 186 10.47 11.18 -29.52
CA PRO B 186 10.94 9.88 -29.02
C PRO B 186 12.26 9.94 -28.28
N LYS B 187 12.96 11.08 -28.33
CA LYS B 187 14.22 11.21 -27.60
C LYS B 187 14.00 11.32 -26.11
N VAL B 188 13.04 12.15 -25.70
CA VAL B 188 12.76 12.34 -24.28
C VAL B 188 12.18 11.06 -23.69
N SER B 189 12.57 10.76 -22.45
CA SER B 189 12.12 9.56 -21.76
C SER B 189 11.09 9.93 -20.71
N PHE B 190 10.09 9.07 -20.54
CA PHE B 190 9.01 9.28 -19.57
C PHE B 190 9.26 8.49 -18.28
N GLU B 191 10.52 8.42 -17.83
CA GLU B 191 10.76 7.73 -16.59
C GLU B 191 11.09 8.71 -15.47
N PRO B 192 10.67 8.44 -14.24
CA PRO B 192 10.96 9.36 -13.13
C PRO B 192 12.31 9.07 -12.49
N ILE B 193 13.11 10.11 -12.31
CA ILE B 193 14.41 10.01 -11.66
C ILE B 193 14.33 10.84 -10.39
N PRO B 194 14.98 10.44 -9.30
CA PRO B 194 14.87 11.20 -8.04
C PRO B 194 15.22 12.66 -8.20
N ILE B 195 14.37 13.53 -7.63
CA ILE B 195 14.57 14.97 -7.62
C ILE B 195 14.76 15.41 -6.17
N HIS B 196 15.62 16.41 -5.97
CA HIS B 196 15.85 17.02 -4.68
C HIS B 196 15.48 18.48 -4.76
N TYR B 197 14.73 18.97 -3.77
CA TYR B 197 14.35 20.37 -3.69
C TYR B 197 15.24 21.08 -2.68
N CYS B 198 16.07 22.01 -3.16
CA CYS B 198 16.92 22.81 -2.30
C CYS B 198 16.31 24.19 -2.11
N ALA B 199 16.36 24.68 -0.88
CA ALA B 199 15.97 26.05 -0.60
C ALA B 199 17.16 26.98 -0.78
N PRO B 200 16.94 28.23 -1.19
CA PRO B 200 18.07 29.12 -1.49
C PRO B 200 18.85 29.49 -0.24
N ALA B 201 19.98 30.17 -0.46
CA ALA B 201 20.79 30.64 0.66
C ALA B 201 20.02 31.67 1.48
N GLY B 202 20.19 31.60 2.80
CA GLY B 202 19.39 32.41 3.69
C GLY B 202 18.11 31.75 4.13
N PHE B 203 17.82 30.57 3.64
CA PHE B 203 16.67 29.77 4.05
C PHE B 203 17.15 28.37 4.40
N ALA B 204 16.21 27.55 4.88
CA ALA B 204 16.50 26.15 5.17
C ALA B 204 15.19 25.40 5.27
N ILE B 205 15.27 24.09 5.12
CA ILE B 205 14.11 23.20 5.13
C ILE B 205 14.13 22.40 6.42
N LEU B 206 13.00 22.38 7.12
CA LEU B 206 12.85 21.63 8.37
C LEU B 206 12.12 20.33 8.09
N LYS B 207 12.64 19.24 8.66
CA LYS B 207 12.21 17.88 8.34
C LYS B 207 11.79 17.17 9.61
N CYS B 208 10.63 16.53 9.57
CA CYS B 208 10.20 15.71 10.69
C CYS B 208 10.86 14.35 10.66
N ASN B 209 10.92 13.70 11.82
CA ASN B 209 11.54 12.40 11.93
C ASN B 209 10.78 11.47 12.84
N SER B 210 9.62 11.88 13.35
CA SER B 210 8.84 11.02 14.24
C SER B 210 8.33 9.80 13.49
N LYS B 211 8.45 8.63 14.14
CA LYS B 211 8.13 7.38 13.46
C LYS B 211 6.64 7.28 13.13
N THR B 212 5.78 7.79 14.00
CA THR B 212 4.34 7.80 13.78
C THR B 212 3.86 9.25 13.84
N PHE B 213 4.28 10.04 12.87
CA PHE B 213 3.95 11.46 12.82
C PHE B 213 2.57 11.67 12.21
N ASN B 214 1.61 12.05 13.05
CA ASN B 214 0.30 12.50 12.60
C ASN B 214 0.45 13.58 11.54
N GLY B 215 -0.47 13.58 10.58
CA GLY B 215 -0.43 14.50 9.45
C GLY B 215 -0.02 15.91 9.79
N SER B 216 -0.87 16.61 10.55
CA SER B 216 -0.58 17.96 10.99
C SER B 216 -0.46 17.97 12.51
N GLY B 217 0.66 18.49 13.02
CA GLY B 217 0.88 18.55 14.44
C GLY B 217 2.32 18.83 14.79
N PRO B 218 2.69 18.60 16.05
CA PRO B 218 4.07 18.86 16.47
C PRO B 218 4.99 17.67 16.28
N CYS B 219 6.16 17.91 15.67
CA CYS B 219 7.17 16.87 15.48
C CYS B 219 8.18 16.97 16.61
N THR B 220 8.40 15.84 17.31
CA THR B 220 9.23 15.86 18.52
C THR B 220 10.68 16.15 18.21
N ASN B 221 11.31 15.32 17.38
CA ASN B 221 12.75 15.43 17.16
C ASN B 221 13.01 15.80 15.69
N VAL B 222 13.22 17.10 15.47
CA VAL B 222 13.29 17.69 14.13
C VAL B 222 14.74 17.79 13.69
N SER B 223 14.95 17.95 12.39
CA SER B 223 16.27 18.22 11.81
C SER B 223 16.11 19.19 10.65
N THR B 224 17.24 19.76 10.21
CA THR B 224 17.26 20.69 9.09
C THR B 224 18.14 20.13 7.98
N VAL B 225 17.73 20.36 6.74
CA VAL B 225 18.46 19.94 5.56
C VAL B 225 18.29 20.99 4.47
N GLN B 226 19.34 21.17 3.67
CA GLN B 226 19.26 22.14 2.58
C GLN B 226 18.44 21.61 1.41
N CYS B 227 18.60 20.33 1.08
CA CYS B 227 17.91 19.70 -0.04
C CYS B 227 17.17 18.46 0.45
N THR B 228 15.94 18.29 -0.03
CA THR B 228 15.12 17.17 0.38
C THR B 228 15.64 15.87 -0.22
N HIS B 229 15.15 14.76 0.32
CA HIS B 229 15.60 13.46 -0.14
C HIS B 229 15.11 13.19 -1.56
N GLY B 230 15.65 12.14 -2.16
CA GLY B 230 15.31 11.78 -3.52
C GLY B 230 13.86 11.41 -3.73
N ILE B 231 13.08 12.36 -4.25
CA ILE B 231 11.65 12.16 -4.51
C ILE B 231 11.46 11.96 -6.00
N ARG B 232 10.84 10.85 -6.38
CA ARG B 232 10.55 10.60 -7.79
C ARG B 232 9.21 11.21 -8.17
N PRO B 233 9.14 12.01 -9.24
CA PRO B 233 7.85 12.58 -9.66
C PRO B 233 7.05 11.58 -10.47
N VAL B 234 6.28 10.72 -9.80
CA VAL B 234 5.52 9.66 -10.44
C VAL B 234 4.08 10.13 -10.57
N VAL B 235 3.65 10.37 -11.80
CA VAL B 235 2.23 10.66 -12.06
C VAL B 235 1.46 9.34 -11.95
N SER B 236 0.43 9.34 -11.11
CA SER B 236 -0.30 8.11 -10.83
C SER B 236 -1.69 8.45 -10.33
N THR B 237 -2.51 7.40 -10.22
CA THR B 237 -3.86 7.49 -9.68
C THR B 237 -4.05 6.33 -8.71
N GLN B 238 -5.00 6.50 -7.80
CA GLN B 238 -5.32 5.50 -6.78
C GLN B 238 -4.08 5.12 -5.99
N LEU B 239 -3.59 3.90 -6.17
CA LEU B 239 -2.43 3.44 -5.42
C LEU B 239 -1.16 4.11 -5.94
N LEU B 240 -0.26 4.43 -5.01
CA LEU B 240 0.96 5.16 -5.30
C LEU B 240 2.15 4.21 -5.43
N LEU B 241 3.18 4.68 -6.12
CA LEU B 241 4.30 3.82 -6.51
C LEU B 241 5.62 4.53 -6.28
N ASN B 242 6.60 3.77 -5.78
CA ASN B 242 8.00 4.22 -5.64
C ASN B 242 8.14 5.36 -4.64
N GLY B 243 7.36 5.31 -3.57
CA GLY B 243 7.41 6.34 -2.54
C GLY B 243 8.34 5.94 -1.41
N SER B 244 8.19 6.70 -0.33
CA SER B 244 8.96 6.53 0.92
C SER B 244 8.16 5.65 1.88
N LEU B 245 8.77 4.62 2.43
CA LEU B 245 8.08 3.70 3.33
C LEU B 245 8.32 4.13 4.78
N ALA B 246 7.23 4.46 5.48
CA ALA B 246 7.35 4.74 6.90
C ALA B 246 7.61 3.46 7.68
N GLU B 247 8.28 3.60 8.82
CA GLU B 247 8.74 2.45 9.58
C GLU B 247 7.70 2.05 10.64
N GLU B 248 7.87 0.83 11.16
CA GLU B 248 7.03 0.26 12.21
C GLU B 248 5.61 0.13 11.66
N GLU B 249 4.58 0.55 12.39
CA GLU B 249 3.22 0.44 11.91
C GLU B 249 2.95 1.49 10.82
N ILE B 250 1.95 1.20 9.99
CA ILE B 250 1.56 2.11 8.92
C ILE B 250 0.79 3.28 9.51
N VAL B 251 0.55 4.32 8.70
CA VAL B 251 -0.08 5.55 9.17
C VAL B 251 -1.13 5.98 8.16
N ILE B 252 -2.18 6.62 8.67
CA ILE B 252 -3.32 7.08 7.87
C ILE B 252 -3.42 8.58 8.07
N ARG B 253 -2.77 9.35 7.19
CA ARG B 253 -2.76 10.79 7.31
C ARG B 253 -3.95 11.40 6.58
N SER B 254 -4.71 12.23 7.29
CA SER B 254 -5.89 12.87 6.74
C SER B 254 -6.01 14.28 7.28
N GLU B 255 -6.44 15.21 6.43
CA GLU B 255 -6.66 16.59 6.90
C GLU B 255 -7.86 16.63 7.84
N ASN B 256 -8.86 15.81 7.59
CA ASN B 256 -10.05 15.75 8.44
C ASN B 256 -10.64 14.35 8.30
N ILE B 257 -10.37 13.49 9.28
CA ILE B 257 -10.91 12.14 9.26
C ILE B 257 -12.42 12.14 9.45
N THR B 258 -12.99 13.23 9.98
CA THR B 258 -14.43 13.32 10.18
C THR B 258 -15.17 13.82 8.96
N ASP B 259 -14.51 14.56 8.07
CA ASP B 259 -15.14 15.04 6.85
C ASP B 259 -14.87 14.06 5.72
N ASN B 260 -15.94 13.61 5.07
CA ASN B 260 -15.81 12.67 3.96
C ASN B 260 -15.19 13.31 2.72
N ALA B 261 -15.31 14.62 2.56
CA ALA B 261 -14.80 15.30 1.38
C ALA B 261 -13.29 15.45 1.38
N LYS B 262 -12.61 15.09 2.47
CA LYS B 262 -11.17 15.25 2.59
C LYS B 262 -10.49 13.94 2.22
N THR B 263 -9.45 14.04 1.39
CA THR B 263 -8.78 12.85 0.86
C THR B 263 -7.99 12.15 1.95
N ILE B 264 -8.09 10.84 1.98
CA ILE B 264 -7.30 10.01 2.89
C ILE B 264 -6.04 9.58 2.16
N ILE B 265 -4.88 9.87 2.75
CA ILE B 265 -3.60 9.39 2.25
C ILE B 265 -3.14 8.26 3.15
N VAL B 266 -2.68 7.16 2.55
CA VAL B 266 -2.27 5.99 3.29
C VAL B 266 -0.80 5.71 2.99
N GLN B 267 -0.13 5.11 3.97
CA GLN B 267 1.32 4.79 3.86
C GLN B 267 1.55 3.32 4.16
N LEU B 268 2.46 2.69 3.42
CA LEU B 268 2.81 1.29 3.60
C LEU B 268 4.16 1.18 4.30
N ASN B 269 4.30 0.12 5.10
CA ASN B 269 5.57 -0.13 5.76
C ASN B 269 6.41 -1.13 4.98
N GLU B 270 5.83 -2.24 4.56
CA GLU B 270 6.48 -3.22 3.72
C GLU B 270 6.16 -2.95 2.26
N ALA B 271 7.14 -3.16 1.39
CA ALA B 271 6.99 -2.86 -0.03
C ALA B 271 6.33 -4.02 -0.75
N VAL B 272 5.13 -3.79 -1.29
CA VAL B 272 4.45 -4.74 -2.16
C VAL B 272 4.81 -4.39 -3.60
N GLU B 273 5.03 -5.41 -4.42
CA GLU B 273 5.50 -5.24 -5.80
C GLU B 273 4.35 -5.45 -6.77
N ILE B 274 4.35 -4.64 -7.84
CA ILE B 274 3.38 -4.75 -8.92
C ILE B 274 4.13 -5.06 -10.20
N ASN B 275 3.58 -5.97 -11.01
CA ASN B 275 4.21 -6.43 -12.23
C ASN B 275 3.25 -6.20 -13.39
N CYS B 276 3.59 -5.27 -14.27
CA CYS B 276 2.76 -4.93 -15.42
C CYS B 276 3.54 -5.15 -16.71
N THR B 277 2.87 -5.74 -17.70
CA THR B 277 3.47 -5.99 -19.00
C THR B 277 2.43 -5.70 -20.09
N ARG B 278 2.92 -5.36 -21.28
CA ARG B 278 2.09 -5.28 -22.48
C ARG B 278 2.59 -6.30 -23.48
N PRO B 279 1.95 -7.46 -23.59
CA PRO B 279 2.54 -8.58 -24.35
C PRO B 279 2.59 -8.38 -25.86
N ASN B 280 1.90 -7.38 -26.40
CA ASN B 280 1.82 -7.23 -27.85
C ASN B 280 3.13 -6.71 -28.41
N ASN B 281 3.73 -7.48 -29.31
CA ASN B 281 5.02 -7.14 -29.91
C ASN B 281 4.79 -6.25 -31.12
N ASN B 282 4.48 -4.99 -30.84
CA ASN B 282 4.12 -4.04 -31.90
C ASN B 282 5.37 -3.64 -32.68
N THR B 283 5.16 -2.78 -33.69
CA THR B 283 6.23 -2.19 -34.48
C THR B 283 5.95 -0.71 -34.69
N ARG B 284 6.97 -0.01 -35.22
CA ARG B 284 6.96 1.44 -35.33
C ARG B 284 7.06 1.84 -36.79
N LYS B 285 6.02 2.50 -37.30
CA LYS B 285 5.97 2.95 -38.68
C LYS B 285 6.17 4.46 -38.73
N SER B 286 7.11 4.92 -39.55
CA SER B 286 7.41 6.33 -39.70
C SER B 286 6.68 6.87 -40.92
N ILE B 287 5.72 7.76 -40.70
CA ILE B 287 4.92 8.35 -41.75
C ILE B 287 5.33 9.81 -41.93
N HIS B 288 5.41 10.25 -43.18
CA HIS B 288 5.79 11.63 -43.50
C HIS B 288 4.53 12.43 -43.74
N ILE B 289 3.99 13.02 -42.66
CA ILE B 289 2.83 13.89 -42.79
C ILE B 289 3.19 15.30 -43.19
N GLY B 290 4.47 15.65 -43.16
CA GLY B 290 4.94 16.95 -43.57
C GLY B 290 6.43 16.95 -43.81
N PRO B 291 6.97 18.07 -44.30
CA PRO B 291 8.42 18.15 -44.53
C PRO B 291 9.18 18.11 -43.22
N GLY B 292 10.00 17.07 -43.05
CA GLY B 292 10.81 16.92 -41.86
C GLY B 292 10.05 16.57 -40.60
N ARG B 293 8.75 16.28 -40.69
CA ARG B 293 7.93 15.94 -39.54
C ARG B 293 7.49 14.49 -39.71
N ALA B 294 8.08 13.59 -38.92
CA ALA B 294 7.82 12.16 -39.00
C ALA B 294 6.87 11.77 -37.87
N PHE B 295 5.62 11.47 -38.22
CA PHE B 295 4.64 11.01 -37.25
C PHE B 295 4.81 9.51 -37.03
N TYR B 296 5.11 9.12 -35.80
CA TYR B 296 5.29 7.72 -35.46
C TYR B 296 3.96 7.11 -35.02
N ALA B 297 3.74 5.86 -35.41
CA ALA B 297 2.49 5.18 -35.08
C ALA B 297 2.75 3.68 -35.03
N THR B 298 1.74 2.96 -34.53
CA THR B 298 1.86 1.52 -34.34
C THR B 298 1.74 0.81 -35.67
N GLY B 299 2.69 -0.08 -35.96
CA GLY B 299 2.61 -0.92 -37.14
C GLY B 299 1.75 -2.14 -36.89
N ASP B 300 1.78 -3.06 -37.86
CA ASP B 300 1.01 -4.29 -37.73
C ASP B 300 1.53 -5.11 -36.54
N ILE B 301 0.59 -5.68 -35.78
CA ILE B 301 0.97 -6.47 -34.62
C ILE B 301 1.65 -7.76 -35.06
N ILE B 302 2.58 -8.23 -34.24
CA ILE B 302 3.30 -9.48 -34.48
C ILE B 302 3.10 -10.38 -33.27
N GLY B 303 2.81 -11.66 -33.53
CA GLY B 303 2.63 -12.61 -32.45
C GLY B 303 1.19 -12.66 -31.95
N ASN B 304 1.05 -13.28 -30.79
CA ASN B 304 -0.28 -13.51 -30.23
C ASN B 304 -0.96 -12.19 -29.86
N ILE B 305 -2.27 -12.13 -30.10
CA ILE B 305 -3.05 -11.00 -29.62
C ILE B 305 -3.27 -11.16 -28.12
N ARG B 306 -3.04 -10.08 -27.37
CA ARG B 306 -3.11 -10.15 -25.91
C ARG B 306 -3.42 -8.78 -25.36
N GLN B 307 -3.76 -8.74 -24.07
CA GLN B 307 -4.06 -7.50 -23.36
C GLN B 307 -3.06 -7.29 -22.23
N ALA B 308 -2.81 -6.02 -21.92
CA ALA B 308 -1.84 -5.67 -20.89
C ALA B 308 -2.43 -5.92 -19.51
N HIS B 309 -1.71 -6.68 -18.70
CA HIS B 309 -2.17 -7.07 -17.37
C HIS B 309 -1.18 -6.60 -16.32
N CYS B 310 -1.61 -6.63 -15.07
CA CYS B 310 -0.73 -6.32 -13.95
C CYS B 310 -0.93 -7.38 -12.88
N ASN B 311 0.17 -7.87 -12.32
CA ASN B 311 0.11 -8.93 -11.31
C ASN B 311 0.55 -8.48 -9.92
N ILE B 312 -0.24 -8.83 -8.92
CA ILE B 312 0.01 -8.47 -7.53
C ILE B 312 -0.23 -9.70 -6.67
N SER B 313 0.82 -10.19 -6.02
CA SER B 313 0.70 -11.37 -5.16
C SER B 313 -0.33 -11.12 -4.08
N LYS B 314 -1.35 -11.99 -4.04
CA LYS B 314 -2.44 -11.79 -3.09
C LYS B 314 -2.02 -12.10 -1.67
N ALA B 315 -1.07 -13.02 -1.48
CA ALA B 315 -0.57 -13.31 -0.15
C ALA B 315 0.08 -12.07 0.49
N ARG B 316 0.70 -11.23 -0.33
CA ARG B 316 1.29 -9.99 0.18
C ARG B 316 0.28 -8.85 0.25
N TRP B 317 -0.75 -8.88 -0.60
CA TRP B 317 -1.79 -7.85 -0.51
C TRP B 317 -2.78 -8.18 0.61
N ASN B 318 -2.93 -9.46 0.93
CA ASN B 318 -3.83 -9.84 2.01
C ASN B 318 -3.32 -9.33 3.36
N GLU B 319 -2.02 -9.50 3.62
CA GLU B 319 -1.44 -8.97 4.85
C GLU B 319 -1.46 -7.45 4.86
N THR B 320 -1.10 -6.82 3.74
CA THR B 320 -1.11 -5.37 3.65
C THR B 320 -2.53 -4.83 3.85
N LEU B 321 -3.55 -5.55 3.36
CA LEU B 321 -4.92 -5.12 3.59
C LEU B 321 -5.30 -5.30 5.06
N GLY B 322 -4.90 -6.41 5.67
CA GLY B 322 -5.23 -6.66 7.06
C GLY B 322 -4.64 -5.64 8.02
N GLN B 323 -3.53 -5.01 7.64
CA GLN B 323 -2.94 -3.96 8.47
C GLN B 323 -3.61 -2.61 8.25
N ILE B 324 -4.12 -2.35 7.05
CA ILE B 324 -4.77 -1.07 6.77
C ILE B 324 -6.09 -0.96 7.51
N VAL B 325 -6.84 -2.05 7.60
CA VAL B 325 -8.11 -2.00 8.31
C VAL B 325 -7.89 -1.81 9.81
N ALA B 326 -6.77 -2.31 10.34
CA ALA B 326 -6.48 -2.12 11.77
C ALA B 326 -6.30 -0.65 12.09
N LYS B 327 -5.49 0.06 11.29
CA LYS B 327 -5.37 1.50 11.46
C LYS B 327 -6.64 2.23 11.08
N LEU B 328 -7.50 1.62 10.26
CA LEU B 328 -8.81 2.19 9.99
C LEU B 328 -9.80 1.88 11.11
N GLU B 329 -9.59 0.80 11.86
CA GLU B 329 -10.38 0.51 13.04
C GLU B 329 -9.92 1.29 14.27
N GLU B 330 -8.78 1.98 14.20
CA GLU B 330 -8.34 2.83 15.29
C GLU B 330 -8.94 4.23 15.19
N GLN B 331 -8.99 4.80 13.99
CA GLN B 331 -9.64 6.08 13.79
C GLN B 331 -11.15 5.98 13.84
N PHE B 332 -11.69 4.78 14.00
CA PHE B 332 -13.11 4.48 13.81
C PHE B 332 -13.58 3.58 14.94
N PRO B 333 -14.91 3.42 15.07
CA PRO B 333 -15.42 2.66 16.21
C PRO B 333 -15.08 1.20 16.13
N ASN B 334 -15.43 0.51 17.21
CA ASN B 334 -15.10 -0.89 17.31
C ASN B 334 -15.91 -1.74 16.36
N LYS B 335 -17.16 -1.34 16.07
CA LYS B 335 -17.95 -1.97 15.02
C LYS B 335 -17.66 -1.26 13.71
N THR B 336 -16.94 -1.94 12.80
CA THR B 336 -16.45 -1.35 11.56
C THR B 336 -16.53 -2.38 10.44
N ILE B 337 -16.74 -1.93 9.20
CA ILE B 337 -16.67 -2.81 8.04
C ILE B 337 -15.74 -2.23 6.99
N ILE B 338 -15.94 -2.62 5.72
CA ILE B 338 -14.96 -2.38 4.67
C ILE B 338 -15.54 -1.62 3.48
N PHE B 339 -14.82 -1.59 2.36
CA PHE B 339 -14.96 -0.56 1.32
C PHE B 339 -15.58 -1.08 0.01
N ASN B 340 -15.84 -0.11 -0.90
CA ASN B 340 -16.46 -0.25 -2.23
C ASN B 340 -15.67 0.66 -3.18
N HIS B 341 -15.87 0.55 -4.50
CA HIS B 341 -14.89 1.20 -5.36
C HIS B 341 -15.42 1.91 -6.58
N SER B 342 -14.91 3.14 -6.78
CA SER B 342 -14.75 3.83 -8.08
C SER B 342 -16.10 4.09 -8.73
N SER B 343 -16.71 5.17 -8.22
CA SER B 343 -17.94 5.70 -8.80
C SER B 343 -17.99 7.19 -8.56
N GLY B 344 -18.12 7.95 -9.64
CA GLY B 344 -18.41 9.37 -9.58
C GLY B 344 -17.64 10.23 -10.54
N GLY B 345 -16.86 9.64 -11.44
CA GLY B 345 -16.07 10.45 -12.35
C GLY B 345 -15.90 9.85 -13.74
N ASP B 346 -15.00 10.43 -14.52
CA ASP B 346 -14.72 9.98 -15.87
C ASP B 346 -13.91 8.69 -15.86
N PRO B 347 -13.92 7.94 -16.97
CA PRO B 347 -13.16 6.68 -17.02
C PRO B 347 -11.66 6.84 -16.77
N GLU B 348 -11.10 8.03 -16.93
CA GLU B 348 -9.70 8.24 -16.56
C GLU B 348 -9.52 8.25 -15.06
N ILE B 349 -10.50 8.75 -14.32
CA ILE B 349 -10.44 8.72 -12.86
C ILE B 349 -10.75 7.32 -12.34
N VAL B 350 -11.57 6.56 -13.08
CA VAL B 350 -12.00 5.23 -12.62
C VAL B 350 -10.82 4.28 -12.52
N THR B 351 -9.93 4.33 -13.50
CA THR B 351 -8.83 3.37 -13.59
C THR B 351 -7.56 3.93 -12.94
N HIS B 352 -6.73 3.02 -12.44
CA HIS B 352 -5.41 3.36 -11.96
C HIS B 352 -4.54 3.73 -13.15
N SER B 353 -4.37 5.03 -13.39
CA SER B 353 -3.59 5.50 -14.52
C SER B 353 -2.16 5.79 -14.09
N PHE B 354 -1.21 5.40 -14.93
CA PHE B 354 0.18 5.69 -14.68
C PHE B 354 0.95 5.60 -16.00
N ASN B 355 2.27 5.45 -15.93
CA ASN B 355 3.12 5.32 -17.09
C ASN B 355 4.21 4.30 -16.79
N CYS B 356 4.57 3.49 -17.78
CA CYS B 356 5.70 2.58 -17.65
C CYS B 356 6.21 2.26 -19.04
N GLY B 357 7.52 2.44 -19.25
CA GLY B 357 8.10 2.23 -20.57
C GLY B 357 7.78 3.32 -21.57
N GLY B 358 6.60 3.92 -21.46
CA GLY B 358 6.15 4.96 -22.37
C GLY B 358 4.66 4.93 -22.58
N GLU B 359 4.06 3.75 -22.48
CA GLU B 359 2.63 3.60 -22.66
C GLU B 359 1.89 3.90 -21.37
N PHE B 360 0.75 4.56 -21.48
CA PHE B 360 -0.05 4.97 -20.33
C PHE B 360 -1.15 3.94 -20.12
N PHE B 361 -1.09 3.24 -18.99
CA PHE B 361 -2.04 2.18 -18.66
C PHE B 361 -3.24 2.77 -17.93
N TYR B 362 -4.33 1.99 -17.90
CA TYR B 362 -5.55 2.37 -17.19
C TYR B 362 -6.21 1.06 -16.71
N CYS B 363 -5.85 0.64 -15.51
CA CYS B 363 -6.18 -0.69 -15.01
C CYS B 363 -7.50 -0.72 -14.26
N ASN B 364 -8.21 -1.84 -14.42
CA ASN B 364 -9.44 -2.09 -13.69
C ASN B 364 -9.06 -2.58 -12.28
N THR B 365 -9.31 -1.75 -11.27
CA THR B 365 -8.97 -2.07 -9.90
C THR B 365 -10.16 -2.65 -9.13
N THR B 366 -11.09 -3.28 -9.83
CA THR B 366 -12.16 -4.02 -9.14
C THR B 366 -11.61 -5.16 -8.28
N PRO B 367 -10.83 -6.11 -8.80
CA PRO B 367 -10.42 -7.25 -7.96
C PRO B 367 -9.45 -6.91 -6.87
N LEU B 368 -8.89 -5.70 -6.85
CA LEU B 368 -7.83 -5.36 -5.92
C LEU B 368 -8.38 -5.01 -4.55
N PHE B 369 -9.58 -4.46 -4.48
CA PHE B 369 -10.15 -4.03 -3.21
C PHE B 369 -11.27 -4.97 -2.77
N ASN B 370 -11.41 -6.10 -3.44
CA ASN B 370 -12.46 -7.05 -3.16
C ASN B 370 -12.18 -7.79 -1.85
N SER B 371 -13.03 -7.57 -0.84
CA SER B 371 -12.94 -8.30 0.42
C SER B 371 -14.13 -7.90 1.30
N THR B 372 -14.21 -8.57 2.46
CA THR B 372 -15.17 -8.23 3.51
C THR B 372 -14.59 -8.71 4.83
N TRP B 373 -14.28 -7.77 5.71
CA TRP B 373 -13.69 -8.07 7.01
C TRP B 373 -14.58 -7.53 8.10
N ASN B 374 -14.64 -8.27 9.21
CA ASN B 374 -15.39 -7.83 10.37
C ASN B 374 -14.59 -8.18 11.62
N ASN B 375 -14.35 -7.17 12.45
CA ASN B 375 -13.38 -7.26 13.53
C ASN B 375 -12.06 -7.82 13.01
N THR B 376 -11.65 -7.34 11.83
CA THR B 376 -10.54 -7.87 11.05
C THR B 376 -10.71 -9.37 10.82
N TYR B 381 -9.90 -12.59 -0.90
CA TYR B 381 -11.13 -13.09 -0.33
C TYR B 381 -11.25 -14.63 -0.35
N PRO B 382 -11.07 -15.28 -1.51
CA PRO B 382 -11.21 -16.75 -1.53
C PRO B 382 -10.01 -17.46 -0.93
N THR B 383 -10.30 -18.51 -0.15
CA THR B 383 -9.23 -19.27 0.49
C THR B 383 -8.40 -20.03 -0.54
N GLY B 384 -9.04 -20.51 -1.61
CA GLY B 384 -8.31 -21.17 -2.67
C GLY B 384 -8.14 -20.29 -3.87
N GLY B 385 -8.26 -18.97 -3.68
CA GLY B 385 -8.15 -18.04 -4.80
C GLY B 385 -6.80 -18.12 -5.49
N GLU B 386 -6.72 -17.56 -6.69
CA GLU B 386 -5.49 -17.83 -7.42
C GLU B 386 -4.36 -16.96 -6.85
N GLN B 387 -3.13 -17.44 -7.06
CA GLN B 387 -1.95 -16.81 -6.48
C GLN B 387 -1.65 -15.39 -6.89
N ASN B 388 -1.75 -15.08 -8.16
CA ASN B 388 -1.44 -13.72 -8.58
C ASN B 388 -2.71 -13.00 -8.97
N ILE B 389 -3.01 -11.89 -8.30
CA ILE B 389 -4.18 -11.13 -8.67
C ILE B 389 -3.83 -10.53 -10.01
N THR B 390 -4.76 -10.52 -10.93
CA THR B 390 -4.42 -10.01 -12.26
C THR B 390 -5.52 -9.06 -12.73
N LEU B 391 -5.12 -7.85 -13.12
CA LEU B 391 -6.05 -6.84 -13.61
C LEU B 391 -5.73 -6.53 -15.06
N GLN B 392 -6.77 -6.22 -15.83
CA GLN B 392 -6.57 -5.81 -17.21
C GLN B 392 -6.49 -4.29 -17.28
N CYS B 393 -5.60 -3.80 -18.15
CA CYS B 393 -5.30 -2.38 -18.24
C CYS B 393 -5.48 -1.92 -19.68
N ARG B 394 -6.49 -1.10 -19.91
CA ARG B 394 -6.67 -0.49 -21.22
C ARG B 394 -5.60 0.58 -21.44
N ILE B 395 -5.06 0.62 -22.66
CA ILE B 395 -4.00 1.56 -23.00
C ILE B 395 -4.56 2.60 -23.97
N LYS B 396 -4.18 3.85 -23.75
CA LYS B 396 -4.48 4.94 -24.67
C LYS B 396 -3.19 5.44 -25.30
N GLN B 397 -3.33 6.49 -26.12
CA GLN B 397 -2.18 7.22 -26.63
C GLN B 397 -2.43 8.72 -26.68
N ILE B 398 -3.66 9.18 -26.52
CA ILE B 398 -3.99 10.59 -26.39
C ILE B 398 -4.38 10.83 -24.93
N ILE B 399 -3.69 11.75 -24.27
CA ILE B 399 -3.82 11.96 -22.84
C ILE B 399 -3.96 13.45 -22.54
N ASN B 400 -4.85 13.77 -21.60
CA ASN B 400 -4.99 15.11 -21.01
C ASN B 400 -4.83 14.93 -19.49
N MET B 401 -3.59 15.00 -19.02
CA MET B 401 -3.30 14.71 -17.62
C MET B 401 -3.34 15.97 -16.76
N TRP B 402 -3.39 15.76 -15.45
CA TRP B 402 -3.54 16.82 -14.45
C TRP B 402 -4.76 17.68 -14.72
N GLN B 403 -5.78 17.11 -15.37
CA GLN B 403 -6.99 17.84 -15.75
C GLN B 403 -6.65 19.05 -16.61
N GLY B 404 -5.58 18.94 -17.41
CA GLY B 404 -5.10 20.05 -18.20
C GLY B 404 -5.74 20.13 -19.57
N VAL B 405 -6.80 20.94 -19.69
CA VAL B 405 -7.49 21.09 -20.97
C VAL B 405 -6.60 21.88 -21.92
N GLY B 406 -6.76 21.60 -23.22
CA GLY B 406 -5.96 22.24 -24.25
C GLY B 406 -5.12 21.22 -25.01
N LYS B 407 -3.91 21.64 -25.37
CA LYS B 407 -3.02 20.83 -26.18
C LYS B 407 -2.76 19.45 -25.57
N ALA B 408 -3.28 18.41 -26.22
CA ALA B 408 -3.06 17.04 -25.77
C ALA B 408 -1.70 16.54 -26.23
N MET B 409 -1.31 15.38 -25.70
CA MET B 409 -0.02 14.78 -26.03
C MET B 409 -0.24 13.38 -26.57
N TYR B 410 0.49 13.06 -27.64
CA TYR B 410 0.43 11.74 -28.28
C TYR B 410 1.69 10.97 -27.88
N ALA B 411 1.51 9.90 -27.11
CA ALA B 411 2.63 9.05 -26.73
C ALA B 411 3.03 8.16 -27.90
N PRO B 412 4.23 8.32 -28.45
CA PRO B 412 4.66 7.48 -29.56
C PRO B 412 4.72 6.03 -29.15
N PRO B 413 4.35 5.11 -30.05
CA PRO B 413 4.31 3.69 -29.68
C PRO B 413 5.70 3.14 -29.41
N ILE B 414 5.74 2.15 -28.53
CA ILE B 414 7.00 1.57 -28.07
C ILE B 414 7.26 0.29 -28.84
N ARG B 415 8.48 0.16 -29.38
CA ARG B 415 8.85 -1.04 -30.10
C ARG B 415 9.01 -2.22 -29.15
N GLY B 416 8.72 -3.41 -29.64
CA GLY B 416 8.92 -4.62 -28.86
C GLY B 416 7.94 -4.76 -27.71
N GLN B 417 8.21 -5.78 -26.88
CA GLN B 417 7.37 -6.07 -25.74
C GLN B 417 7.74 -5.18 -24.55
N ILE B 418 6.73 -4.77 -23.80
CA ILE B 418 6.90 -3.89 -22.65
C ILE B 418 6.77 -4.69 -21.37
N ARG B 419 7.74 -4.54 -20.47
CA ARG B 419 7.71 -5.20 -19.17
C ARG B 419 8.32 -4.28 -18.13
N CYS B 420 7.65 -4.12 -17.00
CA CYS B 420 8.09 -3.23 -15.94
C CYS B 420 7.57 -3.75 -14.61
N SER B 421 8.25 -3.37 -13.55
CA SER B 421 7.85 -3.75 -12.19
C SER B 421 8.14 -2.60 -11.25
N SER B 422 7.12 -2.19 -10.49
CA SER B 422 7.22 -1.08 -9.55
C SER B 422 6.87 -1.55 -8.15
N ASN B 423 7.25 -0.75 -7.16
CA ASN B 423 6.81 -0.95 -5.78
C ASN B 423 5.67 0.00 -5.47
N ILE B 424 4.58 -0.52 -4.95
CA ILE B 424 3.49 0.31 -4.45
C ILE B 424 3.80 0.68 -3.01
N THR B 425 3.68 1.97 -2.69
CA THR B 425 4.02 2.46 -1.36
C THR B 425 2.90 3.25 -0.71
N GLY B 426 1.82 3.56 -1.42
CA GLY B 426 0.74 4.33 -0.84
C GLY B 426 -0.54 4.15 -1.62
N LEU B 427 -1.64 4.53 -0.98
CA LEU B 427 -2.97 4.45 -1.58
C LEU B 427 -3.66 5.80 -1.46
N LEU B 428 -4.80 5.92 -2.12
CA LEU B 428 -5.65 7.10 -2.01
C LEU B 428 -7.09 6.62 -1.91
N LEU B 429 -7.72 6.86 -0.77
CA LEU B 429 -9.09 6.43 -0.53
C LEU B 429 -10.00 7.66 -0.48
N THR B 430 -11.29 7.40 -0.23
CA THR B 430 -12.30 8.44 -0.10
C THR B 430 -13.53 7.83 0.54
N ARG B 431 -14.14 8.54 1.49
CA ARG B 431 -15.31 8.03 2.17
C ARG B 431 -16.53 8.11 1.26
N ASP B 432 -17.49 7.22 1.51
CA ASP B 432 -18.70 7.19 0.70
C ASP B 432 -19.45 8.50 0.78
N GLY B 433 -19.65 9.01 2.00
CA GLY B 433 -20.49 10.16 2.20
C GLY B 433 -21.93 9.76 2.46
N GLY B 434 -22.21 9.36 3.71
CA GLY B 434 -23.58 9.12 4.09
C GLY B 434 -24.39 10.41 4.05
N ARG B 435 -25.64 10.30 3.61
CA ARG B 435 -26.47 11.48 3.45
C ARG B 435 -26.70 12.18 4.79
N ASP B 436 -27.20 11.45 5.78
CA ASP B 436 -27.44 12.00 7.11
C ASP B 436 -27.34 10.90 8.16
N GLN B 437 -27.20 9.66 7.71
CA GLN B 437 -27.03 8.52 8.60
C GLN B 437 -26.03 7.57 7.97
N ASN B 438 -25.46 6.70 8.81
CA ASN B 438 -24.40 5.80 8.36
C ASN B 438 -24.80 4.36 8.64
N GLY B 439 -24.90 3.57 7.58
CA GLY B 439 -24.87 2.13 7.74
C GLY B 439 -23.43 1.66 7.77
N THR B 440 -22.90 1.50 8.98
CA THR B 440 -21.47 1.30 9.20
C THR B 440 -20.63 2.27 8.36
N GLU B 441 -19.79 1.77 7.46
CA GLU B 441 -18.90 2.67 6.74
C GLU B 441 -18.22 1.93 5.60
N THR B 442 -18.12 2.61 4.45
CA THR B 442 -17.44 2.12 3.27
C THR B 442 -16.46 3.20 2.80
N PHE B 443 -15.46 2.79 2.01
CA PHE B 443 -14.45 3.70 1.48
C PHE B 443 -14.31 3.50 -0.02
N ARG B 444 -14.00 4.57 -0.74
CA ARG B 444 -13.79 4.52 -2.18
C ARG B 444 -12.38 4.95 -2.54
N PRO B 445 -11.65 4.16 -3.32
CA PRO B 445 -10.37 4.64 -3.85
C PRO B 445 -10.55 5.80 -4.83
N GLY B 446 -10.04 6.97 -4.50
CA GLY B 446 -10.25 8.12 -5.36
C GLY B 446 -9.07 9.07 -5.38
N GLY B 447 -8.66 9.47 -6.58
CA GLY B 447 -7.65 10.49 -6.74
C GLY B 447 -8.30 11.84 -6.95
N GLY B 448 -8.69 12.49 -5.85
CA GLY B 448 -9.38 13.76 -5.95
C GLY B 448 -8.57 14.84 -6.64
N ASN B 449 -7.25 14.82 -6.46
CA ASN B 449 -6.39 15.83 -7.05
C ASN B 449 -5.03 15.22 -7.36
N MET B 450 -4.39 15.74 -8.41
CA MET B 450 -3.05 15.30 -8.75
C MET B 450 -2.01 15.80 -7.75
N ARG B 451 -2.30 16.89 -7.03
CA ARG B 451 -1.35 17.43 -6.06
C ARG B 451 -1.09 16.47 -4.91
N ASP B 452 -2.09 15.64 -4.56
CA ASP B 452 -1.94 14.75 -3.42
C ASP B 452 -0.82 13.73 -3.62
N ASN B 453 -0.39 13.50 -4.86
CA ASN B 453 0.77 12.66 -5.11
C ASN B 453 2.06 13.30 -4.61
N TRP B 454 2.08 14.61 -4.46
CA TRP B 454 3.23 15.31 -3.91
C TRP B 454 3.15 15.45 -2.39
N ARG B 455 1.94 15.56 -1.84
CA ARG B 455 1.79 15.54 -0.39
C ARG B 455 2.23 14.20 0.20
N SER B 456 2.15 13.12 -0.59
CA SER B 456 2.59 11.81 -0.12
C SER B 456 4.09 11.74 0.12
N GLU B 457 4.86 12.71 -0.38
CA GLU B 457 6.29 12.77 -0.14
C GLU B 457 6.77 14.10 0.43
N LEU B 458 5.96 15.17 0.37
CA LEU B 458 6.30 16.45 0.96
C LEU B 458 5.58 16.68 2.29
N TYR B 459 5.21 15.61 2.99
CA TYR B 459 4.59 15.75 4.29
C TYR B 459 5.61 16.10 5.37
N LYS B 460 6.84 15.60 5.23
CA LYS B 460 7.86 15.77 6.26
C LYS B 460 8.65 17.07 6.14
N TYR B 461 8.55 17.77 5.01
CA TYR B 461 9.38 18.94 4.77
C TYR B 461 8.57 20.22 4.92
N LYS B 462 9.28 21.30 5.24
CA LYS B 462 8.70 22.62 5.43
C LYS B 462 9.83 23.65 5.28
N VAL B 463 9.51 24.81 4.70
CA VAL B 463 10.49 25.83 4.37
C VAL B 463 10.36 26.97 5.37
N VAL B 464 11.51 27.55 5.75
CA VAL B 464 11.57 28.66 6.70
C VAL B 464 12.72 29.58 6.30
N LYS B 465 12.63 30.84 6.71
CA LYS B 465 13.66 31.85 6.47
C LYS B 465 14.41 32.15 7.76
N ILE B 466 15.72 32.39 7.63
CA ILE B 466 16.58 32.65 8.78
C ILE B 466 16.63 34.15 9.03
N GLU B 467 16.33 34.56 10.26
CA GLU B 467 16.44 35.95 10.70
C GLU B 467 17.64 36.09 11.62
N PRO B 468 18.83 36.43 11.11
CA PRO B 468 20.04 36.37 11.93
C PRO B 468 20.32 37.66 12.71
N LEU B 469 19.29 38.45 12.97
CA LEU B 469 19.41 39.68 13.76
C LEU B 469 18.71 39.49 15.09
N GLY B 470 19.45 39.71 16.18
CA GLY B 470 18.92 39.51 17.52
C GLY B 470 19.46 40.47 18.55
N ILE B 471 18.65 41.47 18.91
CA ILE B 471 19.01 42.38 19.99
C ILE B 471 18.81 41.68 21.32
N ALA B 472 19.66 42.01 22.29
CA ALA B 472 19.60 41.37 23.60
C ALA B 472 20.31 42.22 24.64
N PRO B 473 19.80 42.27 25.87
CA PRO B 473 20.45 43.08 26.91
C PRO B 473 21.54 42.36 27.67
N THR B 474 22.64 43.08 27.90
CA THR B 474 23.71 42.61 28.75
C THR B 474 24.28 43.79 29.53
N ALA B 475 25.09 43.48 30.54
CA ALA B 475 25.78 44.53 31.26
C ALA B 475 27.02 44.97 30.51
N CYS B 476 26.86 45.36 29.25
CA CYS B 476 27.99 45.73 28.41
C CYS B 476 27.62 47.01 27.69
N LYS B 477 28.30 48.10 28.03
CA LYS B 477 28.11 49.38 27.35
C LYS B 477 29.38 49.72 26.60
N ARG B 478 29.24 50.03 25.31
CA ARG B 478 30.39 50.29 24.45
C ARG B 478 31.19 51.48 24.97
N ARG B 479 32.40 51.63 24.43
CA ARG B 479 33.30 52.68 24.90
C ARG B 479 32.65 54.06 24.76
N VAL B 480 32.85 54.89 25.78
CA VAL B 480 32.31 56.25 25.76
C VAL B 480 32.91 57.02 24.58
N VAL B 481 32.12 57.94 24.04
CA VAL B 481 32.57 58.75 22.91
C VAL B 481 33.69 59.67 23.38
N GLN B 482 34.86 59.49 22.80
CA GLN B 482 36.02 60.32 23.14
C GLN B 482 36.88 60.61 21.91
N GLU C 1 4.95 29.48 34.65
CA GLU C 1 3.55 29.71 34.99
C GLU C 1 2.75 28.42 34.87
N GLY C 2 3.38 27.30 35.20
CA GLY C 2 2.75 26.00 35.12
C GLY C 2 2.29 25.45 36.45
N GLN C 3 1.42 24.46 36.42
CA GLN C 3 0.88 23.83 37.61
C GLN C 3 1.41 22.40 37.73
N LEU C 4 1.75 22.01 38.96
CA LEU C 4 2.15 20.65 39.27
C LEU C 4 1.06 20.02 40.13
N VAL C 5 0.51 18.89 39.67
CA VAL C 5 -0.56 18.19 40.36
C VAL C 5 -0.07 16.78 40.67
N GLN C 6 0.01 16.45 41.96
CA GLN C 6 0.47 15.16 42.41
C GLN C 6 -0.72 14.23 42.68
N SER C 7 -0.40 12.96 42.89
CA SER C 7 -1.44 11.97 43.13
C SER C 7 -2.08 12.17 44.50
N GLY C 8 -3.20 11.50 44.73
CA GLY C 8 -3.91 11.61 45.98
C GLY C 8 -3.16 10.96 47.13
N ALA C 9 -3.69 11.18 48.34
CA ALA C 9 -3.08 10.62 49.54
C ALA C 9 -3.38 9.13 49.64
N GLU C 10 -2.39 8.37 50.09
CA GLU C 10 -2.51 6.91 50.20
C GLU C 10 -2.16 6.46 51.61
N LEU C 11 -2.71 5.31 51.99
CA LEU C 11 -2.43 4.68 53.27
C LEU C 11 -1.88 3.29 53.00
N LYS C 12 -0.63 3.05 53.41
CA LYS C 12 0.04 1.77 53.20
C LYS C 12 0.47 1.19 54.54
N LYS C 13 0.67 -0.13 54.55
CA LYS C 13 1.18 -0.78 55.76
C LYS C 13 2.70 -0.76 55.76
N PRO C 14 3.31 -0.73 56.95
CA PRO C 14 4.77 -0.74 57.02
C PRO C 14 5.34 -2.02 56.43
N GLY C 15 6.42 -1.87 55.65
CA GLY C 15 7.01 -2.97 54.93
C GLY C 15 6.61 -3.04 53.47
N ALA C 16 5.47 -2.46 53.11
CA ALA C 16 5.00 -2.46 51.73
C ALA C 16 5.70 -1.36 50.94
N SER C 17 5.20 -1.08 49.75
CA SER C 17 5.76 -0.06 48.87
C SER C 17 4.65 0.85 48.37
N VAL C 18 5.04 2.02 47.88
CA VAL C 18 4.09 2.99 47.35
C VAL C 18 4.78 3.79 46.26
N LYS C 19 4.00 4.17 45.25
CA LYS C 19 4.51 4.89 44.08
C LYS C 19 3.67 6.15 43.90
N ILE C 20 4.34 7.30 43.90
CA ILE C 20 3.66 8.58 43.81
C ILE C 20 3.92 9.19 42.44
N SER C 21 2.88 9.77 41.84
CA SER C 21 2.97 10.39 40.53
C SER C 21 2.93 11.90 40.65
N CYS C 22 3.43 12.58 39.62
CA CYS C 22 3.50 14.05 39.60
C CYS C 22 3.32 14.48 38.14
N LYS C 23 2.07 14.76 37.78
CA LYS C 23 1.74 15.19 36.43
C LYS C 23 1.92 16.70 36.30
N THR C 24 2.63 17.11 35.27
CA THR C 24 2.95 18.52 35.04
C THR C 24 2.16 19.05 33.84
N SER C 25 2.21 20.37 33.69
CA SER C 25 1.53 21.06 32.60
C SER C 25 1.92 22.52 32.64
N GLY C 26 1.95 23.15 31.46
CA GLY C 26 2.21 24.57 31.35
C GLY C 26 3.66 24.95 31.12
N TYR C 27 4.53 23.99 30.79
CA TYR C 27 5.93 24.29 30.53
C TYR C 27 6.57 23.08 29.87
N ARG C 28 7.70 23.31 29.21
CA ARG C 28 8.45 22.23 28.60
C ARG C 28 8.95 21.26 29.65
N PHE C 29 8.28 20.10 29.78
CA PHE C 29 8.61 19.15 30.83
C PHE C 29 10.04 18.62 30.71
N ASN C 30 10.64 18.70 29.53
CA ASN C 30 12.00 18.21 29.34
C ASN C 30 13.07 19.21 29.75
N PHE C 31 12.70 20.44 30.08
CA PHE C 31 13.68 21.49 30.30
C PHE C 31 14.06 21.70 31.77
N TYR C 32 13.35 21.07 32.71
CA TYR C 32 13.58 21.30 34.12
C TYR C 32 13.61 19.99 34.88
N HIS C 33 14.52 19.90 35.85
CA HIS C 33 14.58 18.75 36.74
C HIS C 33 13.28 18.62 37.52
N ILE C 34 13.10 17.45 38.12
CA ILE C 34 11.95 17.18 38.98
C ILE C 34 12.49 16.72 40.32
N ASN C 35 12.44 17.61 41.31
CA ASN C 35 12.92 17.32 42.65
C ASN C 35 11.82 16.67 43.49
N TRP C 36 12.22 15.80 44.41
CA TRP C 36 11.32 15.16 45.35
C TRP C 36 11.79 15.50 46.76
N ILE C 37 10.91 16.16 47.52
CA ILE C 37 11.23 16.60 48.88
C ILE C 37 10.10 16.17 49.80
N ARG C 38 10.46 15.61 50.96
CA ARG C 38 9.48 15.18 51.95
C ARG C 38 9.65 15.99 53.23
N GLN C 39 8.61 15.97 54.07
CA GLN C 39 8.63 16.67 55.34
C GLN C 39 7.88 15.84 56.36
N THR C 40 8.60 15.37 57.39
CA THR C 40 8.02 14.62 58.48
C THR C 40 8.17 15.41 59.78
N ALA C 41 7.51 14.94 60.83
CA ALA C 41 7.55 15.63 62.11
C ALA C 41 8.85 15.38 62.86
N GLY C 42 9.53 14.27 62.61
CA GLY C 42 10.72 13.94 63.37
C GLY C 42 12.00 14.55 62.83
N ARG C 43 12.09 14.74 61.52
CA ARG C 43 13.31 15.23 60.89
C ARG C 43 13.13 16.54 60.14
N GLY C 44 11.92 17.09 60.09
CA GLY C 44 11.67 18.32 59.36
C GLY C 44 11.70 18.09 57.87
N PRO C 45 11.91 19.17 57.11
CA PRO C 45 11.96 19.03 55.65
C PRO C 45 13.25 18.34 55.21
N GLU C 46 13.11 17.32 54.37
CA GLU C 46 14.24 16.51 53.93
C GLU C 46 14.20 16.37 52.42
N TRP C 47 15.29 16.76 51.77
CA TRP C 47 15.42 16.62 50.33
C TRP C 47 15.78 15.18 49.98
N MET C 48 15.09 14.61 49.00
CA MET C 48 15.26 13.21 48.62
C MET C 48 16.08 13.04 47.35
N GLY C 49 15.71 13.73 46.28
CA GLY C 49 16.47 13.64 45.04
C GLY C 49 15.80 14.41 43.93
N TRP C 50 16.47 14.39 42.78
CA TRP C 50 15.93 14.97 41.55
C TRP C 50 16.31 14.07 40.38
N ILE C 51 15.56 14.20 39.29
CA ILE C 51 15.78 13.40 38.09
C ILE C 51 15.56 14.29 36.86
N SER C 52 16.30 13.99 35.80
CA SER C 52 16.25 14.80 34.58
C SER C 52 15.37 14.11 33.55
N PRO C 53 14.31 14.76 33.06
CA PRO C 53 13.46 14.11 32.05
C PRO C 53 14.11 14.04 30.68
N TYR C 54 15.09 14.89 30.37
CA TYR C 54 15.74 14.89 29.07
C TYR C 54 16.90 13.89 28.99
N SER C 55 17.72 13.82 30.04
CA SER C 55 18.90 12.96 30.04
C SER C 55 18.72 11.67 30.81
N GLY C 56 17.70 11.59 31.67
CA GLY C 56 17.48 10.41 32.48
C GLY C 56 18.36 10.28 33.69
N ASP C 57 19.19 11.27 33.99
CA ASP C 57 20.11 11.14 35.11
C ASP C 57 19.45 11.57 36.41
N LYS C 58 19.88 10.95 37.49
CA LYS C 58 19.25 11.09 38.79
C LYS C 58 20.32 11.22 39.87
N ASN C 59 20.00 12.00 40.90
CA ASN C 59 20.84 12.08 42.09
C ASN C 59 19.96 11.89 43.32
N LEU C 60 20.34 10.94 44.15
CA LEU C 60 19.61 10.62 45.37
C LEU C 60 20.48 10.90 46.58
N ALA C 61 19.84 11.40 47.65
CA ALA C 61 20.55 11.52 48.91
C ALA C 61 20.86 10.13 49.46
N PRO C 62 22.05 9.94 50.04
CA PRO C 62 22.39 8.61 50.56
C PRO C 62 21.39 8.05 51.54
N ALA C 63 20.64 8.92 52.24
CA ALA C 63 19.59 8.44 53.12
C ALA C 63 18.45 7.78 52.36
N PHE C 64 18.31 8.09 51.06
CA PHE C 64 17.28 7.49 50.23
C PHE C 64 17.86 6.78 49.01
N GLN C 65 19.18 6.61 48.96
CA GLN C 65 19.82 6.00 47.80
C GLN C 65 19.44 4.55 47.61
N ASP C 66 18.97 3.88 48.66
CA ASP C 66 18.70 2.45 48.62
C ASP C 66 17.22 2.11 48.60
N ARG C 67 16.33 3.11 48.62
CA ARG C 67 14.91 2.85 48.74
C ARG C 67 14.03 3.69 47.82
N VAL C 68 14.59 4.61 47.05
CA VAL C 68 13.82 5.48 46.16
C VAL C 68 14.15 5.11 44.72
N ILE C 69 13.11 4.93 43.91
CA ILE C 69 13.23 4.62 42.49
C ILE C 69 12.44 5.65 41.73
N MET C 70 13.14 6.57 41.05
CA MET C 70 12.50 7.66 40.33
C MET C 70 12.49 7.35 38.84
N THR C 71 11.33 7.57 38.21
CA THR C 71 11.18 7.40 36.76
C THR C 71 10.36 8.55 36.20
N THR C 72 10.58 8.84 34.92
CA THR C 72 9.82 9.85 34.21
C THR C 72 9.19 9.24 32.96
N ASP C 73 8.15 9.90 32.46
CA ASP C 73 7.53 9.53 31.21
C ASP C 73 8.09 10.40 30.08
N THR C 74 7.51 10.22 28.89
CA THR C 74 7.87 11.03 27.74
C THR C 74 6.86 12.16 27.59
N GLU C 75 7.36 13.37 27.33
CA GLU C 75 6.50 14.53 27.25
C GLU C 75 5.54 14.42 26.07
N VAL C 76 4.32 14.90 26.28
CA VAL C 76 3.30 14.96 25.23
C VAL C 76 3.21 16.41 24.74
N PRO C 77 3.59 16.70 23.51
CA PRO C 77 3.61 18.11 23.06
C PRO C 77 2.21 18.70 23.03
N VAL C 78 2.13 19.98 23.38
CA VAL C 78 0.88 20.74 23.29
C VAL C 78 1.09 21.88 22.30
N THR C 79 2.03 22.77 22.61
CA THR C 79 2.44 23.81 21.67
C THR C 79 3.93 23.68 21.37
N SER C 80 4.53 24.74 20.83
CA SER C 80 5.96 24.70 20.52
C SER C 80 6.83 24.93 21.73
N PHE C 81 6.32 25.60 22.77
CA PHE C 81 7.10 25.90 23.96
C PHE C 81 6.50 25.35 25.25
N THR C 82 5.40 24.61 25.18
CA THR C 82 4.80 23.97 26.34
C THR C 82 4.47 22.52 26.01
N SER C 83 4.25 21.73 27.05
CA SER C 83 3.91 20.33 26.90
C SER C 83 3.36 19.83 28.24
N THR C 84 3.10 18.52 28.31
CA THR C 84 2.67 17.88 29.53
C THR C 84 3.54 16.66 29.79
N GLY C 85 3.85 16.41 31.06
CA GLY C 85 4.70 15.31 31.44
C GLY C 85 4.22 14.66 32.72
N ALA C 86 4.97 13.64 33.15
CA ALA C 86 4.65 12.92 34.37
C ALA C 86 5.93 12.34 34.96
N ALA C 87 6.09 12.49 36.27
CA ALA C 87 7.23 11.94 36.99
C ALA C 87 6.73 11.00 38.07
N TYR C 88 7.49 9.93 38.31
CA TYR C 88 7.13 8.91 39.29
C TYR C 88 8.23 8.76 40.33
N MET C 89 7.83 8.37 41.54
CA MET C 89 8.75 8.16 42.65
C MET C 89 8.26 6.94 43.42
N GLU C 90 9.10 5.91 43.50
CA GLU C 90 8.74 4.64 44.10
C GLU C 90 9.59 4.42 45.34
N ILE C 91 8.93 4.31 46.50
CA ILE C 91 9.60 4.09 47.78
C ILE C 91 9.18 2.75 48.34
N ARG C 92 10.14 2.00 48.87
CA ARG C 92 9.91 0.67 49.41
C ARG C 92 10.44 0.58 50.83
N ASN C 93 10.00 -0.44 51.56
CA ASN C 93 10.38 -0.64 52.95
C ASN C 93 9.93 0.54 53.81
N LEU C 94 8.62 0.77 53.81
CA LEU C 94 8.05 1.88 54.55
C LEU C 94 8.13 1.63 56.06
N LYS C 95 8.41 2.69 56.81
CA LYS C 95 8.45 2.65 58.26
C LYS C 95 7.53 3.74 58.81
N PHE C 96 7.31 3.69 60.13
CA PHE C 96 6.39 4.64 60.75
C PHE C 96 6.92 6.07 60.69
N ASP C 97 8.24 6.24 60.79
CA ASP C 97 8.80 7.59 60.76
C ASP C 97 8.73 8.21 59.36
N ASP C 98 8.49 7.41 58.33
CA ASP C 98 8.34 7.94 56.98
C ASP C 98 7.00 8.63 56.76
N THR C 99 6.11 8.62 57.75
CA THR C 99 4.81 9.27 57.62
C THR C 99 4.99 10.78 57.57
N GLY C 100 4.46 11.41 56.53
CA GLY C 100 4.57 12.84 56.38
C GLY C 100 3.97 13.37 55.10
N THR C 101 4.56 14.44 54.55
CA THR C 101 4.09 15.07 53.33
C THR C 101 5.21 15.05 52.30
N TYR C 102 4.89 14.65 51.07
CA TYR C 102 5.85 14.51 49.99
C TYR C 102 5.51 15.49 48.87
N PHE C 103 6.54 16.14 48.35
CA PHE C 103 6.41 17.15 47.30
C PHE C 103 7.24 16.79 46.09
N CYS C 104 6.73 17.13 44.91
CA CYS C 104 7.53 17.20 43.70
C CYS C 104 7.69 18.66 43.31
N ALA C 105 8.85 19.01 42.76
CA ALA C 105 9.20 20.40 42.52
C ALA C 105 9.87 20.56 41.17
N LYS C 106 9.42 21.57 40.41
CA LYS C 106 10.03 21.89 39.14
C LYS C 106 11.38 22.56 39.35
N GLY C 107 12.29 22.32 38.42
CA GLY C 107 13.59 22.96 38.46
C GLY C 107 13.49 24.46 38.30
N LEU C 108 14.62 25.13 38.49
CA LEU C 108 14.68 26.59 38.46
C LEU C 108 15.09 27.12 37.09
N LEU C 109 16.25 26.72 36.59
CA LEU C 109 16.80 27.26 35.37
C LEU C 109 17.22 26.13 34.43
N ARG C 110 17.33 26.47 33.15
CA ARG C 110 17.80 25.50 32.17
C ARG C 110 19.32 25.34 32.24
N ASP C 111 20.03 26.43 32.50
CA ASP C 111 21.48 26.43 32.65
C ASP C 111 21.84 27.26 33.87
N GLY C 112 23.13 27.24 34.23
CA GLY C 112 23.59 28.05 35.34
C GLY C 112 24.28 27.27 36.43
N SER C 113 24.21 27.77 37.66
CA SER C 113 24.80 27.10 38.81
C SER C 113 23.77 26.45 39.72
N SER C 114 22.50 26.82 39.60
CA SER C 114 21.41 26.18 40.34
C SER C 114 20.31 25.81 39.34
N THR C 115 20.57 24.74 38.56
CA THR C 115 19.65 24.35 37.51
C THR C 115 18.49 23.52 38.03
N TRP C 116 18.71 22.76 39.10
CA TRP C 116 17.70 21.86 39.66
C TRP C 116 16.97 22.46 40.85
N LEU C 117 17.33 23.66 41.29
CA LEU C 117 16.82 24.18 42.55
C LEU C 117 15.29 24.18 42.56
N PRO C 118 14.65 23.45 43.48
CA PRO C 118 13.19 23.39 43.51
C PRO C 118 12.55 24.77 43.56
N TYR C 119 11.75 25.07 42.53
CA TYR C 119 11.16 26.39 42.37
C TYR C 119 9.64 26.34 42.38
N LEU C 120 9.01 25.66 41.42
CA LEU C 120 7.58 25.43 41.42
C LEU C 120 7.29 24.12 42.13
N TRP C 121 6.36 24.16 43.09
CA TRP C 121 6.06 23.02 43.94
C TRP C 121 4.62 22.59 43.77
N GLY C 122 4.38 21.28 43.83
CA GLY C 122 3.04 20.73 43.78
C GLY C 122 2.31 20.93 45.09
N GLN C 123 1.09 20.39 45.14
CA GLN C 123 0.25 20.55 46.32
C GLN C 123 0.61 19.59 47.45
N GLY C 124 1.51 18.64 47.22
CA GLY C 124 1.95 17.73 48.26
C GLY C 124 1.05 16.51 48.42
N THR C 125 1.66 15.36 48.68
CA THR C 125 0.94 14.10 48.85
C THR C 125 1.14 13.61 50.28
N LEU C 126 0.04 13.36 50.97
CA LEU C 126 0.06 12.89 52.35
C LEU C 126 0.20 11.37 52.37
N LEU C 127 1.23 10.87 53.05
CA LEU C 127 1.49 9.44 53.17
C LEU C 127 1.48 9.06 54.65
N THR C 128 0.62 8.12 55.01
CA THR C 128 0.52 7.63 56.38
C THR C 128 0.90 6.16 56.40
N VAL C 129 1.83 5.81 57.28
CA VAL C 129 2.31 4.44 57.44
C VAL C 129 1.85 3.93 58.79
N SER C 130 0.84 3.06 58.79
CA SER C 130 0.27 2.53 60.02
C SER C 130 -0.20 1.11 59.78
N SER C 131 -0.14 0.30 60.84
CA SER C 131 -0.62 -1.08 60.78
C SER C 131 -2.12 -1.19 61.00
N ALA C 132 -2.78 -0.11 61.44
CA ALA C 132 -4.22 -0.14 61.65
C ALA C 132 -4.95 -0.02 60.33
N SER C 133 -6.23 -0.38 60.35
CA SER C 133 -7.06 -0.43 59.15
C SER C 133 -7.87 0.85 58.99
N THR C 134 -8.35 1.06 57.76
CA THR C 134 -9.11 2.25 57.44
C THR C 134 -10.44 2.27 58.19
N LYS C 135 -10.79 3.43 58.74
CA LYS C 135 -12.03 3.61 59.46
C LYS C 135 -12.75 4.84 58.91
N GLY C 136 -14.04 4.68 58.63
CA GLY C 136 -14.85 5.76 58.10
C GLY C 136 -15.40 6.65 59.20
N PRO C 137 -15.72 7.89 58.84
CA PRO C 137 -16.21 8.85 59.84
C PRO C 137 -17.71 8.74 60.07
N SER C 138 -18.15 9.33 61.17
CA SER C 138 -19.57 9.44 61.51
C SER C 138 -19.92 10.92 61.58
N VAL C 139 -20.78 11.38 60.68
CA VAL C 139 -21.09 12.80 60.55
C VAL C 139 -22.33 13.12 61.37
N PHE C 140 -22.24 14.17 62.20
CA PHE C 140 -23.35 14.65 63.00
C PHE C 140 -23.64 16.11 62.67
N PRO C 141 -24.89 16.53 62.76
CA PRO C 141 -25.22 17.94 62.48
C PRO C 141 -24.90 18.84 63.66
N LEU C 142 -24.45 20.06 63.35
CA LEU C 142 -24.21 21.09 64.35
C LEU C 142 -25.34 22.10 64.28
N ALA C 143 -26.16 22.15 65.33
CA ALA C 143 -27.30 23.04 65.32
C ALA C 143 -26.85 24.50 65.20
N PRO C 144 -27.65 25.33 64.53
CA PRO C 144 -27.26 26.74 64.37
C PRO C 144 -27.09 27.43 65.72
N SER C 145 -26.10 28.30 65.79
CA SER C 145 -25.80 29.07 66.99
C SER C 145 -25.71 30.55 66.65
N SER C 146 -26.09 31.39 67.60
CA SER C 146 -26.10 32.83 67.37
C SER C 146 -24.68 33.38 67.36
N LYS C 147 -24.40 34.24 66.39
CA LYS C 147 -23.12 34.93 66.30
C LYS C 147 -23.22 36.41 66.61
N SER C 148 -24.33 37.06 66.25
CA SER C 148 -24.54 38.46 66.56
C SER C 148 -26.03 38.74 66.49
N THR C 149 -26.64 39.02 67.65
CA THR C 149 -28.08 39.29 67.68
C THR C 149 -28.41 40.60 66.97
N SER C 150 -27.62 41.65 67.21
CA SER C 150 -27.86 42.92 66.54
C SER C 150 -27.53 42.84 65.05
N GLY C 151 -26.51 42.06 64.68
CA GLY C 151 -26.15 41.92 63.27
C GLY C 151 -27.00 40.94 62.51
N GLY C 152 -27.72 40.06 63.21
CA GLY C 152 -28.57 39.08 62.54
C GLY C 152 -27.82 37.99 61.81
N THR C 153 -26.77 37.45 62.43
CA THR C 153 -25.96 36.40 61.83
C THR C 153 -26.00 35.15 62.70
N ALA C 154 -25.79 34.00 62.05
CA ALA C 154 -25.81 32.71 62.73
C ALA C 154 -24.70 31.84 62.15
N ALA C 155 -24.43 30.73 62.83
CA ALA C 155 -23.37 29.81 62.42
C ALA C 155 -23.86 28.37 62.56
N LEU C 156 -23.68 27.59 61.50
CA LEU C 156 -24.07 26.19 61.47
C LEU C 156 -23.03 25.39 60.71
N GLY C 157 -23.07 24.08 60.88
CA GLY C 157 -22.10 23.23 60.20
C GLY C 157 -22.32 21.77 60.50
N CYS C 158 -21.29 20.97 60.24
CA CYS C 158 -21.33 19.53 60.40
C CYS C 158 -20.09 19.06 61.13
N LEU C 159 -20.21 17.95 61.85
CA LEU C 159 -19.16 17.41 62.68
C LEU C 159 -18.66 16.08 62.13
N VAL C 160 -17.34 15.90 62.12
CA VAL C 160 -16.69 14.68 61.66
C VAL C 160 -16.12 13.97 62.88
N LYS C 161 -16.28 12.65 62.91
CA LYS C 161 -15.96 11.88 64.12
C LYS C 161 -15.40 10.51 63.76
N ASP C 162 -14.24 10.20 64.33
CA ASP C 162 -13.65 8.84 64.29
C ASP C 162 -13.44 8.36 62.86
N TYR C 163 -12.46 8.97 62.20
CA TYR C 163 -11.97 8.52 60.91
C TYR C 163 -10.46 8.34 61.00
N PHE C 164 -9.95 7.20 60.54
CA PHE C 164 -8.56 6.84 60.78
C PHE C 164 -7.62 7.48 59.76
N PRO C 165 -7.88 7.37 58.46
CA PRO C 165 -7.03 8.04 57.47
C PRO C 165 -7.19 9.56 57.56
N GLU C 166 -6.06 10.27 57.54
CA GLU C 166 -6.08 11.69 57.86
C GLU C 166 -6.84 12.55 56.86
N PRO C 167 -6.77 12.31 55.55
CA PRO C 167 -7.41 13.24 54.61
C PRO C 167 -8.88 13.45 54.91
N VAL C 168 -9.31 14.72 54.81
CA VAL C 168 -10.66 15.14 55.14
C VAL C 168 -11.13 16.14 54.09
N THR C 169 -12.37 15.98 53.62
CA THR C 169 -12.94 16.83 52.60
C THR C 169 -14.39 17.16 52.94
N VAL C 170 -14.72 18.45 52.95
CA VAL C 170 -16.08 18.91 53.22
C VAL C 170 -16.40 20.03 52.24
N SER C 171 -17.56 19.91 51.58
CA SER C 171 -18.06 20.94 50.67
C SER C 171 -19.49 21.26 51.03
N TRP C 172 -20.02 22.32 50.42
CA TRP C 172 -21.37 22.79 50.70
C TRP C 172 -22.13 23.03 49.40
N ASN C 173 -23.33 22.45 49.31
CA ASN C 173 -24.20 22.62 48.14
C ASN C 173 -23.49 22.22 46.85
N SER C 174 -22.76 21.11 46.90
CA SER C 174 -22.04 20.61 45.73
C SER C 174 -21.06 21.66 45.19
N GLY C 175 -20.45 22.42 46.10
CA GLY C 175 -19.50 23.45 45.73
C GLY C 175 -20.11 24.80 45.40
N ALA C 176 -21.44 24.91 45.38
CA ALA C 176 -22.09 26.18 45.07
C ALA C 176 -22.00 27.18 46.21
N LEU C 177 -21.74 26.72 47.43
CA LEU C 177 -21.62 27.59 48.60
C LEU C 177 -20.16 27.57 49.04
N THR C 178 -19.44 28.65 48.75
CA THR C 178 -18.04 28.77 49.12
C THR C 178 -17.75 29.94 50.06
N SER C 179 -18.64 30.93 50.14
CA SER C 179 -18.41 32.08 51.01
C SER C 179 -18.84 31.77 52.44
N GLY C 180 -18.05 32.24 53.40
CA GLY C 180 -18.34 32.04 54.80
C GLY C 180 -17.96 30.68 55.36
N VAL C 181 -17.32 29.82 54.56
CA VAL C 181 -16.94 28.50 55.02
C VAL C 181 -15.67 28.58 55.85
N HIS C 182 -15.64 27.85 56.96
CA HIS C 182 -14.48 27.85 57.86
C HIS C 182 -14.31 26.43 58.39
N THR C 183 -13.31 25.72 57.85
CA THR C 183 -13.01 24.35 58.26
C THR C 183 -11.87 24.35 59.25
N PHE C 184 -12.03 23.58 60.35
CA PHE C 184 -11.06 23.52 61.44
C PHE C 184 -10.18 22.28 61.33
N PRO C 185 -8.96 22.35 61.81
CA PRO C 185 -8.06 21.20 61.74
C PRO C 185 -8.56 20.04 62.59
N ALA C 186 -7.99 18.87 62.33
CA ALA C 186 -8.40 17.66 63.03
C ALA C 186 -7.71 17.54 64.39
N VAL C 187 -8.29 16.71 65.25
CA VAL C 187 -7.74 16.41 66.57
C VAL C 187 -7.21 14.99 66.55
N LEU C 188 -6.10 14.77 67.25
CA LEU C 188 -5.46 13.46 67.34
C LEU C 188 -5.85 12.84 68.68
N GLN C 189 -6.88 12.01 68.69
CA GLN C 189 -7.32 11.36 69.90
C GLN C 189 -6.26 10.37 70.38
N SER C 190 -6.38 9.99 71.66
CA SER C 190 -5.45 9.01 72.23
C SER C 190 -5.63 7.62 71.66
N SER C 191 -6.69 7.38 70.90
CA SER C 191 -6.93 6.08 70.27
C SER C 191 -6.29 5.96 68.90
N GLY C 192 -5.84 7.07 68.30
CA GLY C 192 -5.28 7.07 66.97
C GLY C 192 -6.22 7.54 65.89
N LEU C 193 -7.48 7.80 66.22
CA LEU C 193 -8.46 8.28 65.26
C LEU C 193 -8.52 9.80 65.28
N TYR C 194 -9.02 10.37 64.19
CA TYR C 194 -9.08 11.81 64.01
C TYR C 194 -10.52 12.29 63.96
N SER C 195 -10.69 13.59 64.19
CA SER C 195 -12.01 14.22 64.18
C SER C 195 -11.82 15.72 64.07
N LEU C 196 -12.75 16.38 63.37
CA LEU C 196 -12.72 17.83 63.24
C LEU C 196 -14.13 18.34 63.01
N SER C 197 -14.25 19.66 62.89
CA SER C 197 -15.53 20.31 62.70
C SER C 197 -15.43 21.33 61.57
N SER C 198 -16.57 21.59 60.93
CA SER C 198 -16.68 22.59 59.88
C SER C 198 -17.92 23.43 60.14
N VAL C 199 -17.77 24.75 60.05
CA VAL C 199 -18.87 25.67 60.34
C VAL C 199 -18.91 26.75 59.26
N VAL C 200 -20.11 27.22 58.97
CA VAL C 200 -20.33 28.29 58.01
C VAL C 200 -21.23 29.33 58.64
N THR C 201 -20.91 30.61 58.41
CA THR C 201 -21.64 31.72 58.98
C THR C 201 -22.58 32.30 57.93
N VAL C 202 -23.87 32.28 58.22
CA VAL C 202 -24.89 32.76 57.28
C VAL C 202 -25.84 33.69 58.01
N PRO C 203 -26.50 34.58 57.29
CA PRO C 203 -27.51 35.45 57.92
C PRO C 203 -28.66 34.61 58.49
N SER C 204 -29.22 35.09 59.60
CA SER C 204 -30.28 34.35 60.27
C SER C 204 -31.61 34.40 59.51
N SER C 205 -31.82 35.42 58.68
CA SER C 205 -33.05 35.51 57.91
C SER C 205 -33.11 34.55 56.75
N SER C 206 -31.97 33.99 56.33
CA SER C 206 -31.92 33.07 55.20
C SER C 206 -32.30 31.67 55.68
N LEU C 207 -33.62 31.45 55.73
CA LEU C 207 -34.16 30.15 56.14
C LEU C 207 -35.17 29.57 55.17
N GLY C 208 -35.81 30.36 54.33
CA GLY C 208 -36.79 29.86 53.39
C GLY C 208 -36.43 30.10 51.94
N THR C 209 -35.18 30.48 51.69
CA THR C 209 -34.71 30.74 50.33
C THR C 209 -33.42 30.01 49.97
N GLN C 210 -32.71 29.44 50.93
CA GLN C 210 -31.43 28.79 50.67
C GLN C 210 -31.39 27.43 51.35
N THR C 211 -30.89 26.43 50.64
CA THR C 211 -30.70 25.09 51.17
C THR C 211 -29.23 24.89 51.53
N TYR C 212 -28.98 24.31 52.70
CA TYR C 212 -27.63 24.11 53.21
C TYR C 212 -27.38 22.62 53.35
N ILE C 213 -26.46 22.09 52.54
CA ILE C 213 -26.11 20.67 52.54
C ILE C 213 -24.60 20.55 52.62
N CYS C 214 -24.11 19.86 53.65
CA CYS C 214 -22.68 19.60 53.81
C CYS C 214 -22.35 18.25 53.20
N ASN C 215 -21.36 18.22 52.32
CA ASN C 215 -20.94 17.02 51.61
C ASN C 215 -19.58 16.59 52.14
N VAL C 216 -19.55 15.45 52.84
CA VAL C 216 -18.33 14.92 53.44
C VAL C 216 -17.88 13.73 52.61
N ASN C 217 -16.66 13.81 52.10
CA ASN C 217 -16.06 12.72 51.32
C ASN C 217 -14.84 12.19 52.04
N HIS C 218 -14.80 10.89 52.27
CA HIS C 218 -13.67 10.20 52.90
C HIS C 218 -13.17 9.15 51.91
N LYS C 219 -12.30 9.57 51.00
CA LYS C 219 -11.95 8.73 49.86
C LYS C 219 -11.18 7.48 50.26
N PRO C 220 -10.28 7.50 51.25
CA PRO C 220 -9.62 6.25 51.66
C PRO C 220 -10.59 5.14 52.03
N SER C 221 -11.73 5.47 52.64
CA SER C 221 -12.77 4.51 52.92
C SER C 221 -13.83 4.47 51.82
N ASN C 222 -13.73 5.34 50.83
CA ASN C 222 -14.68 5.39 49.71
C ASN C 222 -16.10 5.56 50.22
N THR C 223 -16.29 6.56 51.09
CA THR C 223 -17.59 6.84 51.69
C THR C 223 -17.93 8.31 51.48
N LYS C 224 -19.15 8.57 51.02
CA LYS C 224 -19.66 9.93 50.84
C LYS C 224 -20.88 10.11 51.74
N VAL C 225 -20.91 11.22 52.47
CA VAL C 225 -21.99 11.51 53.39
C VAL C 225 -22.57 12.88 53.05
N ASP C 226 -23.85 12.92 52.69
CA ASP C 226 -24.56 14.15 52.39
C ASP C 226 -25.59 14.37 53.49
N LYS C 227 -25.28 15.30 54.40
CA LYS C 227 -26.14 15.59 55.54
C LYS C 227 -26.82 16.94 55.37
N ARG C 228 -28.12 16.98 55.66
CA ARG C 228 -28.88 18.22 55.60
C ARG C 228 -28.92 18.84 56.99
N VAL C 229 -28.34 20.03 57.13
CA VAL C 229 -28.27 20.72 58.41
C VAL C 229 -29.65 21.29 58.74
N GLU C 230 -30.19 20.91 59.88
CA GLU C 230 -31.48 21.44 60.32
C GLU C 230 -31.34 22.89 60.74
N PRO C 231 -32.03 23.83 60.11
CA PRO C 231 -31.82 25.25 60.39
C PRO C 231 -32.48 25.75 61.67
N LYS C 232 -33.20 24.90 62.40
CA LYS C 232 -33.88 25.32 63.62
C LYS C 232 -32.90 25.27 64.79
N SER C 233 -32.65 26.42 65.42
CA SER C 233 -31.57 26.58 66.39
C SER C 233 -32.11 26.69 67.80
N CYS C 234 -31.31 26.23 68.76
CA CYS C 234 -31.70 26.23 70.17
C CYS C 234 -31.24 27.47 70.93
N ASP C 235 -30.39 28.30 70.33
CA ASP C 235 -29.83 29.45 71.05
C ASP C 235 -30.92 30.46 71.35
N LYS C 236 -31.09 30.80 72.63
CA LYS C 236 -32.06 31.81 73.02
C LYS C 236 -31.71 33.16 72.39
N GLY C 237 -30.41 33.46 72.27
CA GLY C 237 -30.02 34.70 71.62
C GLY C 237 -30.39 34.74 70.15
N LEU C 238 -30.44 33.59 69.51
CA LEU C 238 -30.85 33.52 68.10
C LEU C 238 -32.36 33.41 67.95
N GLU C 239 -33.05 32.88 68.95
CA GLU C 239 -34.50 32.80 68.90
C GLU C 239 -35.14 34.18 68.93
N VAL C 240 -34.46 35.16 69.49
CA VAL C 240 -34.98 36.53 69.56
C VAL C 240 -35.02 37.14 68.16
N SER D 2 19.65 18.41 62.12
CA SER D 2 20.32 18.96 60.94
C SER D 2 21.61 19.65 61.32
N VAL D 3 22.62 19.55 60.44
CA VAL D 3 23.91 20.21 60.69
C VAL D 3 23.91 21.66 60.27
N LEU D 4 22.87 22.12 59.57
CA LEU D 4 22.73 23.53 59.19
C LEU D 4 21.78 24.19 60.18
N THR D 5 22.34 25.05 61.04
CA THR D 5 21.59 25.62 62.16
C THR D 5 21.25 27.08 61.88
N GLN D 6 19.98 27.42 62.09
CA GLN D 6 19.50 28.79 62.03
C GLN D 6 19.13 29.25 63.45
N SER D 7 18.76 30.52 63.56
CA SER D 7 18.21 31.02 64.81
C SER D 7 16.84 30.40 65.07
N ALA D 8 16.65 29.87 66.27
CA ALA D 8 15.39 29.18 66.56
C ALA D 8 14.19 30.11 66.42
N SER D 9 14.36 31.39 66.75
CA SER D 9 13.28 32.35 66.63
C SER D 9 13.85 33.74 66.49
N VAL D 10 13.00 34.68 66.06
CA VAL D 10 13.38 36.08 65.92
C VAL D 10 12.09 36.87 65.78
N SER D 11 12.15 38.16 66.12
CA SER D 11 10.97 39.01 66.09
C SER D 11 11.34 40.40 65.62
N GLY D 12 10.40 41.03 64.93
CA GLY D 12 10.58 42.39 64.47
C GLY D 12 9.26 43.14 64.50
N SER D 13 9.36 44.46 64.48
CA SER D 13 8.18 45.32 64.54
C SER D 13 7.60 45.56 63.16
N LEU D 14 6.36 46.04 63.14
CA LEU D 14 5.68 46.33 61.89
C LEU D 14 6.38 47.47 61.15
N GLY D 15 6.51 47.33 59.83
CA GLY D 15 7.19 48.34 59.03
C GLY D 15 8.68 48.41 59.25
N GLN D 16 9.25 47.49 60.03
CA GLN D 16 10.67 47.47 60.33
C GLN D 16 11.35 46.35 59.54
N SER D 17 12.55 45.97 59.96
CA SER D 17 13.31 44.90 59.32
C SER D 17 13.61 43.81 60.33
N VAL D 18 14.01 42.65 59.80
CA VAL D 18 14.36 41.49 60.64
C VAL D 18 15.39 40.66 59.88
N THR D 19 16.32 40.07 60.63
CA THR D 19 17.42 39.32 60.06
C THR D 19 17.42 37.89 60.61
N ILE D 20 17.61 36.93 59.70
CA ILE D 20 17.68 35.51 60.06
C ILE D 20 19.06 35.00 59.73
N SER D 21 19.59 34.12 60.58
CA SER D 21 20.93 33.58 60.40
C SER D 21 20.86 32.16 59.86
N CYS D 22 22.01 31.68 59.37
CA CYS D 22 22.10 30.35 58.76
C CYS D 22 23.58 29.98 58.73
N THR D 23 23.99 29.10 59.64
CA THR D 23 25.40 28.74 59.74
C THR D 23 25.52 27.30 60.22
N GLY D 24 26.71 26.73 59.99
CA GLY D 24 27.03 25.38 60.39
C GLY D 24 28.50 25.08 60.24
N PRO D 25 28.86 23.81 60.23
CA PRO D 25 30.27 23.43 60.08
C PRO D 25 30.81 23.83 58.71
N ASN D 26 32.12 23.65 58.56
CA ASN D 26 32.77 23.92 57.27
C ASN D 26 32.53 22.82 56.25
N SER D 27 32.00 21.67 56.66
CA SER D 27 31.53 20.68 55.69
C SER D 27 30.30 21.18 54.97
N VAL D 28 29.52 22.05 55.61
CA VAL D 28 28.40 22.73 54.98
C VAL D 28 28.72 24.22 54.97
N CYS D 29 29.99 24.55 54.69
CA CYS D 29 30.43 25.93 54.73
C CYS D 29 29.73 26.76 53.67
N CYS D 30 29.88 28.08 53.80
CA CYS D 30 29.25 29.03 52.89
C CYS D 30 30.19 29.53 51.80
N SER D 31 31.51 29.39 51.99
CA SER D 31 32.45 29.92 51.03
C SER D 31 32.34 29.23 49.68
N HIS D 32 32.27 27.90 49.68
CA HIS D 32 32.27 27.11 48.45
C HIS D 32 30.88 26.54 48.13
N LYS D 33 29.83 27.09 48.73
CA LYS D 33 28.47 26.63 48.47
C LYS D 33 27.53 27.82 48.46
N SER D 34 26.48 27.71 47.65
CA SER D 34 25.45 28.73 47.56
C SER D 34 24.38 28.51 48.63
N ILE D 35 23.66 29.58 48.95
CA ILE D 35 22.63 29.57 49.98
C ILE D 35 21.33 30.08 49.37
N SER D 36 20.26 29.30 49.55
CA SER D 36 18.95 29.67 49.04
C SER D 36 17.94 29.65 50.18
N TRP D 37 17.03 30.62 50.19
CA TRP D 37 16.04 30.78 51.24
C TRP D 37 14.65 30.48 50.71
N TYR D 38 13.81 29.88 51.56
CA TYR D 38 12.45 29.52 51.21
C TYR D 38 11.50 29.98 52.31
N GLN D 39 10.31 30.46 51.90
CA GLN D 39 9.23 30.78 52.82
C GLN D 39 8.28 29.59 52.85
N TRP D 40 8.22 28.91 54.00
CA TRP D 40 7.51 27.63 54.13
C TRP D 40 6.44 27.73 55.20
N PRO D 41 5.23 28.14 54.86
CA PRO D 41 4.11 28.07 55.81
C PRO D 41 3.72 26.62 56.05
N PRO D 42 3.47 26.23 57.29
CA PRO D 42 3.10 24.85 57.58
C PRO D 42 1.77 24.49 56.93
N GLY D 43 1.73 23.31 56.31
CA GLY D 43 0.52 22.82 55.68
C GLY D 43 0.32 23.28 54.25
N ARG D 44 1.27 24.00 53.67
CA ARG D 44 1.17 24.49 52.31
C ARG D 44 2.49 24.29 51.59
N ALA D 45 2.50 24.61 50.30
CA ALA D 45 3.72 24.48 49.51
C ALA D 45 4.61 25.72 49.69
N PRO D 46 5.92 25.54 49.75
CA PRO D 46 6.80 26.69 49.96
C PRO D 46 6.92 27.58 48.73
N THR D 47 7.73 28.63 48.82
CA THR D 47 7.95 29.55 47.72
C THR D 47 9.38 30.05 47.77
N LEU D 48 10.09 29.95 46.65
CA LEU D 48 11.47 30.40 46.61
C LEU D 48 11.55 31.92 46.61
N ILE D 49 12.29 32.47 47.56
CA ILE D 49 12.48 33.91 47.66
C ILE D 49 13.92 34.33 47.37
N ILE D 50 14.88 33.43 47.53
CA ILE D 50 16.31 33.76 47.40
C ILE D 50 17.04 32.53 46.87
N TYR D 51 17.77 32.70 45.77
CA TYR D 51 18.51 31.60 45.16
C TYR D 51 19.91 32.06 44.81
N GLU D 52 20.86 31.12 44.86
CA GLU D 52 22.27 31.40 44.62
C GLU D 52 22.71 32.63 45.41
N ASP D 53 22.47 32.54 46.72
CA ASP D 53 22.79 33.60 47.66
C ASP D 53 21.92 34.84 47.53
N ASN D 54 22.55 35.99 47.34
CA ASN D 54 21.81 37.25 47.30
C ASN D 54 20.74 37.42 46.23
N GLU D 55 21.00 36.97 45.02
CA GLU D 55 20.02 37.16 43.96
C GLU D 55 18.67 36.55 44.34
N ARG D 56 17.61 37.33 44.14
CA ARG D 56 16.26 36.93 44.53
C ARG D 56 15.51 36.29 43.36
N ALA D 57 14.56 35.42 43.70
CA ALA D 57 13.79 34.72 42.69
C ALA D 57 12.92 35.69 41.90
N PRO D 58 12.44 35.26 40.73
CA PRO D 58 11.59 36.15 39.93
C PRO D 58 10.26 36.43 40.60
N GLY D 59 9.85 37.70 40.55
CA GLY D 59 8.63 38.14 41.17
C GLY D 59 8.78 38.59 42.62
N ILE D 60 9.89 38.25 43.27
CA ILE D 60 10.09 38.59 44.66
C ILE D 60 10.22 40.10 44.81
N SER D 61 9.52 40.66 45.80
CA SER D 61 9.59 42.09 46.03
C SER D 61 11.00 42.48 46.48
N PRO D 62 11.40 43.73 46.24
CA PRO D 62 12.73 44.17 46.70
C PRO D 62 12.89 44.22 48.21
N ARG D 63 11.80 43.98 48.97
CA ARG D 63 11.92 43.98 50.42
C ARG D 63 12.88 42.91 50.91
N PHE D 64 12.96 41.79 50.21
CA PHE D 64 13.87 40.72 50.59
C PHE D 64 15.27 41.00 50.03
N SER D 65 16.27 40.61 50.80
CA SER D 65 17.65 40.85 50.41
C SER D 65 18.54 39.78 51.05
N GLY D 66 19.60 39.43 50.34
CA GLY D 66 20.50 38.38 50.81
C GLY D 66 21.91 38.83 51.07
N TYR D 67 22.61 38.09 51.94
CA TYR D 67 24.01 38.36 52.22
C TYR D 67 24.62 37.09 52.81
N LYS D 68 25.84 36.78 52.38
CA LYS D 68 26.54 35.58 52.80
C LYS D 68 27.97 35.93 53.17
N SER D 69 28.34 35.66 54.41
CA SER D 69 29.72 35.76 54.86
C SER D 69 30.40 34.41 54.78
N TYR D 70 31.72 34.41 54.99
CA TYR D 70 32.48 33.16 54.89
C TYR D 70 32.07 32.16 55.95
N TRP D 71 31.40 32.59 57.02
CA TRP D 71 31.01 31.71 58.10
C TRP D 71 29.50 31.53 58.25
N SER D 72 28.71 32.42 57.66
CA SER D 72 27.26 32.33 57.80
C SER D 72 26.60 33.13 56.67
N ALA D 73 25.29 32.95 56.56
CA ALA D 73 24.48 33.68 55.59
C ALA D 73 23.30 34.31 56.32
N TYR D 74 22.76 35.38 55.75
CA TYR D 74 21.69 36.13 56.38
C TYR D 74 20.60 36.45 55.37
N LEU D 75 19.38 36.58 55.88
CA LEU D 75 18.20 36.93 55.08
C LEU D 75 17.47 38.07 55.79
N THR D 76 17.44 39.24 55.16
CA THR D 76 16.87 40.44 55.77
C THR D 76 15.54 40.74 55.09
N ILE D 77 14.46 40.69 55.87
CA ILE D 77 13.11 41.01 55.40
C ILE D 77 12.77 42.42 55.86
N SER D 78 12.67 43.34 54.91
CA SER D 78 12.38 44.73 55.20
C SER D 78 10.90 45.02 55.00
N ASP D 79 10.40 46.02 55.72
CA ASP D 79 9.00 46.43 55.66
C ASP D 79 8.08 45.22 55.90
N LEU D 80 8.08 44.78 57.16
CA LEU D 80 7.37 43.56 57.53
C LEU D 80 5.87 43.72 57.33
N ARG D 81 5.23 42.65 56.88
CA ARG D 81 3.79 42.58 56.65
C ARG D 81 3.19 41.48 57.51
N PRO D 82 1.87 41.44 57.67
CA PRO D 82 1.27 40.31 58.41
C PRO D 82 1.57 38.96 57.78
N GLU D 83 1.64 38.89 56.45
CA GLU D 83 1.88 37.61 55.79
C GLU D 83 3.31 37.13 55.97
N ASP D 84 4.23 38.01 56.37
CA ASP D 84 5.61 37.59 56.62
C ASP D 84 5.77 36.83 57.92
N GLU D 85 4.72 36.71 58.72
CA GLU D 85 4.79 36.04 60.02
C GLU D 85 4.59 34.55 59.79
N THR D 86 5.69 33.84 59.54
CA THR D 86 5.64 32.41 59.30
C THR D 86 7.02 31.83 59.56
N THR D 87 7.30 30.65 59.00
CA THR D 87 8.56 29.95 59.20
C THR D 87 9.40 30.03 57.93
N TYR D 88 10.72 30.01 58.10
CA TYR D 88 11.65 30.15 56.99
C TYR D 88 12.80 29.18 57.13
N TYR D 89 13.24 28.63 55.99
CA TYR D 89 14.36 27.70 55.93
C TYR D 89 15.39 28.21 54.94
N CYS D 90 16.67 28.01 55.25
CA CYS D 90 17.74 28.21 54.29
C CYS D 90 18.16 26.87 53.69
N CYS D 91 18.94 26.94 52.61
CA CYS D 91 19.40 25.75 51.93
C CYS D 91 20.85 25.92 51.47
N SER D 92 21.63 24.87 51.62
CA SER D 92 23.01 24.82 51.16
C SER D 92 23.13 23.80 50.03
N TYR D 93 23.69 24.22 48.90
CA TYR D 93 23.78 23.35 47.75
C TYR D 93 24.90 23.84 46.83
N THR D 94 25.37 22.93 45.99
CA THR D 94 26.22 23.25 44.85
C THR D 94 25.45 22.94 43.57
N HIS D 95 26.16 22.93 42.44
CA HIS D 95 25.48 22.73 41.16
C HIS D 95 25.05 21.28 40.98
N ASN D 96 25.85 20.32 41.46
CA ASN D 96 25.57 18.91 41.24
C ASN D 96 25.24 18.16 42.53
N SER D 97 25.11 18.85 43.66
CA SER D 97 24.79 18.22 44.93
C SER D 97 23.47 18.75 45.45
N GLY D 98 22.58 17.85 45.85
CA GLY D 98 21.25 18.23 46.28
C GLY D 98 21.26 19.17 47.47
N CYS D 99 20.06 19.67 47.79
CA CYS D 99 19.91 20.67 48.83
C CYS D 99 20.00 20.07 50.22
N VAL D 100 20.60 20.82 51.14
CA VAL D 100 20.63 20.51 52.56
C VAL D 100 19.85 21.60 53.28
N PHE D 101 18.71 21.23 53.86
CA PHE D 101 17.87 22.21 54.53
C PHE D 101 18.41 22.54 55.92
N GLY D 102 17.97 23.68 56.44
CA GLY D 102 18.38 24.13 57.76
C GLY D 102 17.41 23.69 58.85
N THR D 103 17.72 24.12 60.07
CA THR D 103 16.89 23.75 61.21
C THR D 103 15.54 24.47 61.20
N GLY D 104 15.51 25.70 60.71
CA GLY D 104 14.27 26.44 60.63
C GLY D 104 14.24 27.69 61.50
N THR D 105 13.43 28.67 61.10
CA THR D 105 13.28 29.91 61.85
C THR D 105 11.86 30.40 61.73
N LYS D 106 11.23 30.66 62.86
CA LYS D 106 9.85 31.16 62.91
C LYS D 106 9.87 32.65 63.23
N VAL D 107 9.27 33.44 62.35
CA VAL D 107 9.29 34.90 62.46
C VAL D 107 7.98 35.36 63.07
N SER D 108 8.07 36.26 64.05
CA SER D 108 6.91 36.86 64.69
C SER D 108 6.99 38.38 64.52
N VAL D 109 5.91 38.97 64.02
CA VAL D 109 5.85 40.40 63.76
C VAL D 109 5.18 41.08 64.94
N LEU D 110 5.87 42.03 65.55
CA LEU D 110 5.35 42.77 66.69
C LEU D 110 4.69 44.07 66.21
N GLY D 111 4.29 44.91 67.15
CA GLY D 111 3.55 46.12 66.79
C GLY D 111 2.26 45.81 66.06
N GLN D 112 1.51 44.83 66.53
CA GLN D 112 0.34 44.31 65.84
C GLN D 112 -0.95 44.83 66.45
N SER D 113 -2.01 44.74 65.66
CA SER D 113 -3.36 45.07 66.12
C SER D 113 -3.99 43.84 66.75
N LYS D 114 -4.76 44.07 67.82
CA LYS D 114 -5.41 42.99 68.54
C LYS D 114 -6.75 42.62 67.89
N ALA D 115 -7.02 41.33 67.81
CA ALA D 115 -8.27 40.82 67.26
C ALA D 115 -9.01 40.05 68.36
N ASN D 116 -10.28 40.37 68.53
CA ASN D 116 -11.05 39.76 69.61
C ASN D 116 -11.39 38.30 69.27
N PRO D 117 -11.27 37.39 70.22
CA PRO D 117 -11.50 35.98 69.92
C PRO D 117 -12.99 35.68 69.77
N SER D 118 -13.30 34.81 68.82
CA SER D 118 -14.67 34.34 68.60
C SER D 118 -14.78 32.92 69.14
N VAL D 119 -15.62 32.74 70.16
CA VAL D 119 -15.78 31.46 70.85
C VAL D 119 -17.19 30.94 70.59
N THR D 120 -17.29 29.65 70.31
CA THR D 120 -18.57 29.00 70.05
C THR D 120 -18.51 27.56 70.57
N LEU D 121 -19.50 27.18 71.37
CA LEU D 121 -19.55 25.86 72.00
C LEU D 121 -20.79 25.13 71.53
N PHE D 122 -20.61 23.88 71.10
CA PHE D 122 -21.71 23.04 70.62
C PHE D 122 -21.92 21.84 71.54
N PRO D 123 -23.17 21.52 71.85
CA PRO D 123 -23.44 20.31 72.64
C PRO D 123 -23.46 19.08 71.76
N PRO D 124 -23.45 17.88 72.35
CA PRO D 124 -23.55 16.67 71.54
C PRO D 124 -24.95 16.51 70.96
N SER D 125 -24.99 16.07 69.71
CA SER D 125 -26.25 15.91 69.01
C SER D 125 -27.07 14.77 69.62
N SER D 126 -28.37 14.77 69.34
CA SER D 126 -29.25 13.71 69.84
C SER D 126 -28.88 12.37 69.22
N GLU D 127 -28.49 12.37 67.94
CA GLU D 127 -28.07 11.12 67.30
C GLU D 127 -26.79 10.58 67.93
N GLU D 128 -25.93 11.47 68.45
CA GLU D 128 -24.72 11.02 69.12
C GLU D 128 -25.03 10.44 70.50
N LEU D 129 -25.98 11.05 71.21
CA LEU D 129 -26.39 10.53 72.50
C LEU D 129 -27.06 9.17 72.39
N GLN D 130 -27.52 8.79 71.20
CA GLN D 130 -28.15 7.48 71.02
C GLN D 130 -27.13 6.36 71.15
N ALA D 131 -25.92 6.55 70.62
CA ALA D 131 -24.90 5.53 70.58
C ALA D 131 -24.00 5.53 71.81
N ASN D 132 -24.42 6.19 72.89
CA ASN D 132 -23.74 6.21 74.19
C ASN D 132 -22.52 7.13 74.20
N LYS D 133 -22.31 7.95 73.17
CA LYS D 133 -21.19 8.87 73.11
C LYS D 133 -21.67 10.31 73.26
N ALA D 134 -20.81 11.14 73.86
CA ALA D 134 -21.11 12.55 74.05
C ALA D 134 -19.81 13.34 73.93
N THR D 135 -19.78 14.31 73.01
CA THR D 135 -18.59 15.12 72.78
C THR D 135 -18.99 16.57 72.65
N LEU D 136 -18.33 17.43 73.43
CA LEU D 136 -18.51 18.87 73.33
C LEU D 136 -17.46 19.46 72.40
N VAL D 137 -17.90 20.38 71.54
CA VAL D 137 -17.03 20.99 70.54
C VAL D 137 -16.95 22.48 70.82
N CYS D 138 -15.75 22.97 71.12
CA CYS D 138 -15.51 24.38 71.40
C CYS D 138 -14.60 24.92 70.30
N LEU D 139 -15.15 25.77 69.44
CA LEU D 139 -14.44 26.31 68.29
C LEU D 139 -14.02 27.75 68.55
N ILE D 140 -12.77 28.06 68.24
CA ILE D 140 -12.20 29.40 68.44
C ILE D 140 -11.62 29.87 67.10
N SER D 141 -11.82 31.14 66.79
CA SER D 141 -11.38 31.66 65.50
C SER D 141 -11.11 33.16 65.60
N ASP D 142 -10.26 33.64 64.69
CA ASP D 142 -10.00 35.06 64.51
C ASP D 142 -9.47 35.71 65.78
N PHE D 143 -8.31 35.24 66.21
CA PHE D 143 -7.55 35.88 67.30
C PHE D 143 -6.15 36.17 66.80
N TYR D 144 -5.79 37.46 66.71
CA TYR D 144 -4.45 37.81 66.29
C TYR D 144 -3.43 37.49 67.38
N PRO D 145 -3.66 37.82 68.65
CA PRO D 145 -2.75 37.38 69.70
C PRO D 145 -2.59 35.86 69.69
N GLY D 146 -1.37 35.40 69.94
CA GLY D 146 -1.05 34.00 69.78
C GLY D 146 -1.15 33.19 71.08
N ALA D 147 -1.12 31.87 70.90
CA ALA D 147 -1.07 30.91 72.01
C ALA D 147 -2.28 31.04 72.92
N VAL D 148 -3.35 30.31 72.59
CA VAL D 148 -4.58 30.32 73.37
C VAL D 148 -4.57 29.14 74.35
N THR D 149 -5.21 29.34 75.50
CA THR D 149 -5.37 28.31 76.51
C THR D 149 -6.86 27.99 76.67
N VAL D 150 -7.17 26.71 76.83
CA VAL D 150 -8.54 26.23 76.91
C VAL D 150 -8.73 25.46 78.20
N ALA D 151 -9.89 25.64 78.84
CA ALA D 151 -10.22 24.94 80.07
C ALA D 151 -11.68 24.54 80.04
N TRP D 152 -11.96 23.33 80.51
CA TRP D 152 -13.33 22.79 80.58
C TRP D 152 -13.76 22.68 82.03
N LYS D 153 -15.07 22.77 82.25
CA LYS D 153 -15.63 22.70 83.59
C LYS D 153 -16.97 21.97 83.57
N ALA D 154 -17.18 21.12 84.57
CA ALA D 154 -18.42 20.38 84.74
C ALA D 154 -19.14 20.91 85.98
N ASP D 155 -20.25 21.61 85.77
CA ASP D 155 -20.97 22.27 86.85
C ASP D 155 -20.05 23.21 87.63
N SER D 156 -19.37 24.08 86.89
CA SER D 156 -18.46 25.08 87.45
C SER D 156 -17.27 24.44 88.16
N SER D 157 -16.94 23.20 87.81
CA SER D 157 -15.80 22.50 88.40
C SER D 157 -14.94 21.89 87.30
N PRO D 158 -13.62 22.03 87.39
CA PRO D 158 -12.74 21.60 86.29
C PRO D 158 -12.97 20.16 85.87
N VAL D 159 -12.65 19.87 84.62
CA VAL D 159 -12.67 18.52 84.07
C VAL D 159 -11.27 18.16 83.60
N LYS D 160 -10.94 16.87 83.70
CA LYS D 160 -9.61 16.41 83.29
C LYS D 160 -9.62 15.11 82.50
N ALA D 161 -10.75 14.43 82.36
CA ALA D 161 -10.83 13.16 81.65
C ALA D 161 -11.51 13.37 80.31
N GLY D 162 -10.80 13.03 79.23
CA GLY D 162 -11.35 13.16 77.89
C GLY D 162 -11.19 14.51 77.24
N VAL D 163 -10.20 15.30 77.66
CA VAL D 163 -9.96 16.63 77.12
C VAL D 163 -8.87 16.52 76.05
N GLU D 164 -9.18 17.01 74.85
CA GLU D 164 -8.24 17.03 73.74
C GLU D 164 -8.32 18.40 73.08
N THR D 165 -7.20 19.10 73.02
CA THR D 165 -7.13 20.45 72.46
C THR D 165 -6.14 20.47 71.31
N THR D 166 -6.54 21.08 70.20
CA THR D 166 -5.69 21.15 69.02
C THR D 166 -4.72 22.32 69.13
N THR D 167 -3.68 22.28 68.30
CA THR D 167 -2.71 23.36 68.23
C THR D 167 -3.30 24.55 67.47
N PRO D 168 -2.83 25.76 67.74
CA PRO D 168 -3.33 26.92 67.00
C PRO D 168 -2.96 26.85 65.52
N SER D 169 -3.90 27.27 64.68
CA SER D 169 -3.72 27.27 63.24
C SER D 169 -4.04 28.65 62.68
N LYS D 170 -3.31 29.03 61.63
CA LYS D 170 -3.46 30.35 61.03
C LYS D 170 -4.58 30.34 60.00
N GLN D 171 -5.45 31.34 60.06
CA GLN D 171 -6.55 31.46 59.12
C GLN D 171 -6.08 32.15 57.84
N SER D 172 -6.90 32.04 56.79
CA SER D 172 -6.54 32.65 55.52
C SER D 172 -6.45 34.17 55.62
N ASN D 173 -7.18 34.76 56.57
CA ASN D 173 -7.16 36.21 56.78
C ASN D 173 -6.05 36.63 57.73
N ASN D 174 -4.96 35.87 57.79
CA ASN D 174 -3.80 36.15 58.63
C ASN D 174 -4.13 36.14 60.12
N LYS D 175 -5.35 35.79 60.49
CA LYS D 175 -5.70 35.59 61.89
C LYS D 175 -5.36 34.15 62.28
N TYR D 176 -5.84 33.70 63.43
CA TYR D 176 -5.55 32.36 63.92
C TYR D 176 -6.84 31.67 64.33
N ALA D 177 -6.75 30.34 64.45
CA ALA D 177 -7.91 29.52 64.81
C ALA D 177 -7.43 28.31 65.60
N ALA D 178 -8.34 27.77 66.40
CA ALA D 178 -8.05 26.59 67.21
C ALA D 178 -9.36 25.96 67.63
N SER D 179 -9.26 24.70 68.08
CA SER D 179 -10.44 23.95 68.48
C SER D 179 -10.09 23.02 69.63
N SER D 180 -11.12 22.61 70.37
CA SER D 180 -10.95 21.70 71.50
C SER D 180 -12.19 20.82 71.60
N TYR D 181 -11.98 19.59 72.08
CA TYR D 181 -13.05 18.61 72.18
C TYR D 181 -13.02 17.95 73.56
N LEU D 182 -14.21 17.74 74.13
CA LEU D 182 -14.37 17.11 75.43
C LEU D 182 -15.23 15.87 75.25
N SER D 183 -14.60 14.70 75.33
CA SER D 183 -15.32 13.44 75.24
C SER D 183 -15.87 13.06 76.61
N LEU D 184 -17.15 12.66 76.65
CA LEU D 184 -17.82 12.34 77.89
C LEU D 184 -18.75 11.15 77.68
N THR D 185 -19.22 10.59 78.79
CA THR D 185 -20.27 9.60 78.86
C THR D 185 -21.61 10.29 79.13
N PRO D 186 -22.72 9.72 78.66
CA PRO D 186 -24.02 10.41 78.86
C PRO D 186 -24.41 10.54 80.32
N GLU D 187 -23.89 9.67 81.20
CA GLU D 187 -24.16 9.84 82.63
C GLU D 187 -23.55 11.13 83.15
N GLN D 188 -22.28 11.37 82.82
CA GLN D 188 -21.66 12.65 83.18
C GLN D 188 -22.37 13.81 82.50
N TRP D 189 -22.88 13.60 81.29
CA TRP D 189 -23.57 14.67 80.58
C TRP D 189 -24.92 14.99 81.21
N LYS D 190 -25.65 13.95 81.64
CA LYS D 190 -27.00 14.15 82.15
C LYS D 190 -27.02 14.46 83.65
N SER D 191 -26.02 14.04 84.40
CA SER D 191 -25.97 14.24 85.84
C SER D 191 -25.39 15.59 86.23
N HIS D 192 -25.23 16.52 85.28
CA HIS D 192 -24.70 17.84 85.57
C HIS D 192 -25.67 18.90 85.05
N ARG D 193 -25.69 20.03 85.76
CA ARG D 193 -26.58 21.12 85.37
C ARG D 193 -26.07 21.88 84.15
N SER D 194 -24.76 21.94 83.95
CA SER D 194 -24.21 22.69 82.84
C SER D 194 -22.74 22.32 82.65
N TYR D 195 -22.25 22.56 81.43
CA TYR D 195 -20.84 22.42 81.09
C TYR D 195 -20.35 23.73 80.49
N SER D 196 -19.06 24.01 80.65
CA SER D 196 -18.50 25.28 80.25
C SER D 196 -17.16 25.09 79.56
N CYS D 197 -16.94 25.87 78.51
CA CYS D 197 -15.65 25.96 77.82
C CYS D 197 -15.06 27.34 78.11
N GLN D 198 -13.92 27.36 78.79
CA GLN D 198 -13.28 28.61 79.22
C GLN D 198 -12.04 28.86 78.37
N VAL D 199 -12.07 29.91 77.57
CA VAL D 199 -10.96 30.30 76.71
C VAL D 199 -10.27 31.49 77.36
N THR D 200 -8.98 31.34 77.65
CA THR D 200 -8.22 32.32 78.41
C THR D 200 -7.08 32.88 77.56
N HIS D 201 -7.06 34.19 77.39
CA HIS D 201 -5.95 34.89 76.75
C HIS D 201 -5.23 35.75 77.77
N GLU D 202 -4.11 36.34 77.33
CA GLU D 202 -3.33 37.19 78.22
C GLU D 202 -3.95 38.55 78.44
N GLY D 203 -4.94 38.94 77.63
CA GLY D 203 -5.57 40.24 77.77
C GLY D 203 -7.00 40.16 78.27
N SER D 204 -7.69 39.07 77.92
CA SER D 204 -9.08 38.90 78.33
C SER D 204 -9.43 37.41 78.28
N THR D 205 -10.31 37.00 79.20
CA THR D 205 -10.77 35.63 79.28
C THR D 205 -12.25 35.57 78.94
N VAL D 206 -12.61 34.69 78.02
CA VAL D 206 -13.99 34.52 77.57
C VAL D 206 -14.48 33.14 78.01
N GLU D 207 -15.75 33.08 78.40
CA GLU D 207 -16.36 31.84 78.86
C GLU D 207 -17.68 31.60 78.14
N LYS D 208 -17.88 30.37 77.69
CA LYS D 208 -19.12 29.94 77.07
C LYS D 208 -19.63 28.69 77.77
N THR D 209 -20.94 28.66 78.05
CA THR D 209 -21.53 27.61 78.85
C THR D 209 -22.74 27.03 78.15
N VAL D 210 -22.83 25.69 78.14
CA VAL D 210 -23.98 24.97 77.62
C VAL D 210 -24.60 24.18 78.76
N ALA D 211 -25.90 23.92 78.65
CA ALA D 211 -26.63 23.21 79.69
C ALA D 211 -27.35 22.01 79.08
N PRO D 212 -27.24 20.82 79.69
CA PRO D 212 -27.94 19.65 79.16
C PRO D 212 -29.45 19.74 79.29
N THR D 213 -29.96 20.61 80.16
CA THR D 213 -31.41 20.72 80.34
C THR D 213 -32.09 21.30 79.11
N GLU D 214 -31.43 22.21 78.42
CA GLU D 214 -32.02 22.84 77.24
C GLU D 214 -31.20 22.55 75.98
N GLN E 1 -7.45 -50.12 -29.41
CA GLN E 1 -8.49 -50.99 -28.85
C GLN E 1 -9.87 -50.55 -29.31
N VAL E 2 -9.89 -49.56 -30.21
CA VAL E 2 -11.13 -49.01 -30.76
C VAL E 2 -11.18 -49.33 -32.25
N GLN E 3 -12.30 -49.91 -32.69
CA GLN E 3 -12.49 -50.28 -34.08
C GLN E 3 -13.72 -49.57 -34.62
N LEU E 4 -13.58 -48.97 -35.80
CA LEU E 4 -14.66 -48.26 -36.47
C LEU E 4 -15.04 -48.99 -37.75
N GLN E 5 -16.34 -49.08 -38.01
CA GLN E 5 -16.87 -49.77 -39.18
C GLN E 5 -17.88 -48.88 -39.89
N GLU E 6 -17.56 -48.47 -41.11
CA GLU E 6 -18.46 -47.64 -41.90
C GLU E 6 -19.35 -48.51 -42.78
N SER E 7 -20.64 -48.16 -42.81
CA SER E 7 -21.60 -48.87 -43.64
C SER E 7 -22.55 -47.85 -44.28
N GLY E 8 -22.93 -48.10 -45.52
CA GLY E 8 -23.81 -47.22 -46.25
C GLY E 8 -24.22 -47.79 -47.59
N PRO E 9 -25.02 -47.03 -48.34
CA PRO E 9 -25.50 -47.55 -49.63
C PRO E 9 -24.40 -47.64 -50.68
N GLY E 10 -23.45 -46.70 -50.68
CA GLY E 10 -22.43 -46.66 -51.70
C GLY E 10 -22.89 -46.12 -53.04
N LEU E 11 -24.18 -45.92 -53.22
CA LEU E 11 -24.71 -45.35 -54.47
C LEU E 11 -26.02 -44.65 -54.14
N VAL E 12 -26.09 -43.35 -54.43
CA VAL E 12 -27.27 -42.55 -54.15
C VAL E 12 -27.56 -41.75 -55.41
N ARG E 13 -28.84 -41.58 -55.71
CA ARG E 13 -29.23 -40.74 -56.84
C ARG E 13 -28.91 -39.29 -56.51
N PRO E 14 -28.62 -38.46 -57.50
CA PRO E 14 -28.42 -37.03 -57.24
C PRO E 14 -29.64 -36.34 -56.62
N SER E 15 -29.36 -35.29 -55.85
CA SER E 15 -30.41 -34.49 -55.20
C SER E 15 -31.23 -35.33 -54.23
N GLU E 16 -30.60 -36.31 -53.60
CA GLU E 16 -31.24 -37.15 -52.60
C GLU E 16 -30.44 -37.13 -51.31
N THR E 17 -31.02 -37.72 -50.26
CA THR E 17 -30.43 -37.68 -48.93
C THR E 17 -29.52 -38.90 -48.75
N LEU E 18 -28.21 -38.66 -48.77
CA LEU E 18 -27.25 -39.70 -48.46
C LEU E 18 -27.28 -40.04 -46.97
N SER E 19 -27.06 -41.31 -46.66
CA SER E 19 -27.02 -41.78 -45.29
C SER E 19 -25.84 -42.72 -45.15
N VAL E 20 -25.37 -42.88 -43.93
CA VAL E 20 -24.25 -43.75 -43.61
C VAL E 20 -24.28 -44.08 -42.13
N THR E 21 -23.45 -45.03 -41.71
CA THR E 21 -23.39 -45.46 -40.33
C THR E 21 -21.96 -45.82 -39.97
N CYS E 22 -21.55 -45.47 -38.75
CA CYS E 22 -20.19 -45.68 -38.26
C CYS E 22 -20.24 -46.46 -36.95
N ILE E 23 -20.06 -47.78 -37.05
CA ILE E 23 -20.10 -48.63 -35.86
C ILE E 23 -18.82 -48.69 -35.05
N VAL E 24 -18.92 -48.40 -33.75
CA VAL E 24 -17.78 -48.34 -32.86
C VAL E 24 -17.87 -49.52 -31.90
N SER E 25 -16.75 -50.22 -31.70
CA SER E 25 -16.70 -51.37 -30.80
C SER E 25 -15.74 -51.19 -29.64
N GLY E 26 -14.89 -50.16 -29.64
CA GLY E 26 -13.92 -49.97 -28.59
C GLY E 26 -14.52 -49.51 -27.28
N GLY E 27 -15.17 -48.35 -27.29
CA GLY E 27 -15.75 -47.82 -26.08
C GLY E 27 -17.09 -47.12 -26.30
N SER E 28 -17.53 -46.34 -25.31
CA SER E 28 -18.80 -45.64 -25.41
C SER E 28 -18.66 -44.39 -26.26
N ILE E 29 -19.75 -44.02 -26.93
CA ILE E 29 -19.74 -42.82 -27.77
C ILE E 29 -19.75 -41.56 -26.90
N SER E 30 -20.28 -41.64 -25.69
CA SER E 30 -20.41 -40.48 -24.81
C SER E 30 -19.13 -40.16 -24.04
N ASN E 31 -17.98 -40.68 -24.48
CA ASN E 31 -16.71 -40.39 -23.83
C ASN E 31 -15.74 -39.60 -24.70
N TYR E 32 -15.78 -39.79 -26.02
CA TYR E 32 -14.86 -39.14 -26.93
C TYR E 32 -15.65 -38.37 -27.99
N TYR E 33 -14.93 -37.71 -28.89
CA TYR E 33 -15.53 -36.99 -30.00
C TYR E 33 -15.40 -37.79 -31.29
N TRP E 34 -16.30 -37.51 -32.23
CA TRP E 34 -16.32 -38.17 -33.53
C TRP E 34 -16.43 -37.12 -34.61
N THR E 35 -16.04 -37.48 -35.82
CA THR E 35 -16.09 -36.57 -36.96
C THR E 35 -16.14 -37.39 -38.24
N TRP E 36 -16.37 -36.68 -39.35
CA TRP E 36 -16.47 -37.30 -40.67
C TRP E 36 -15.55 -36.60 -41.65
N ILE E 37 -14.77 -37.40 -42.40
CA ILE E 37 -13.86 -36.88 -43.40
C ILE E 37 -14.06 -37.66 -44.69
N ARG E 38 -14.29 -36.95 -45.78
CA ARG E 38 -14.48 -37.56 -47.09
C ARG E 38 -13.24 -37.36 -47.95
N GLN E 39 -13.07 -38.24 -48.94
CA GLN E 39 -11.89 -38.26 -49.80
C GLN E 39 -12.36 -38.25 -51.25
N SER E 40 -12.36 -37.07 -51.86
CA SER E 40 -12.75 -37.05 -53.27
C SER E 40 -11.52 -37.16 -54.16
N PRO E 41 -11.61 -37.92 -55.26
CA PRO E 41 -10.44 -38.07 -56.15
C PRO E 41 -10.08 -36.75 -56.80
N GLY E 42 -8.78 -36.50 -56.90
CA GLY E 42 -8.27 -35.26 -57.44
C GLY E 42 -8.21 -34.12 -56.46
N LYS E 43 -8.76 -34.27 -55.26
CA LYS E 43 -8.75 -33.23 -54.25
C LYS E 43 -8.25 -33.81 -52.94
N GLY E 44 -7.76 -32.94 -52.07
CA GLY E 44 -7.27 -33.35 -50.77
C GLY E 44 -8.41 -33.71 -49.83
N LEU E 45 -8.03 -34.14 -48.63
CA LEU E 45 -9.02 -34.48 -47.62
C LEU E 45 -9.83 -33.26 -47.22
N GLU E 46 -11.06 -33.50 -46.76
CA GLU E 46 -11.93 -32.43 -46.32
C GLU E 46 -12.61 -32.81 -45.01
N TRP E 47 -12.61 -31.88 -44.06
CA TRP E 47 -13.24 -32.06 -42.77
C TRP E 47 -14.63 -31.43 -42.83
N ILE E 48 -15.68 -32.24 -42.62
CA ILE E 48 -17.03 -31.78 -42.88
C ILE E 48 -17.75 -31.41 -41.59
N GLY E 49 -17.40 -32.07 -40.49
CA GLY E 49 -18.04 -31.76 -39.22
C GLY E 49 -17.78 -32.78 -38.12
N TYR E 50 -18.04 -32.40 -36.88
CA TYR E 50 -17.76 -33.26 -35.74
C TYR E 50 -18.89 -33.16 -34.72
N ILE E 51 -18.95 -34.17 -33.87
CA ILE E 51 -19.96 -34.26 -32.80
C ILE E 51 -19.24 -34.53 -31.49
N SER E 52 -19.70 -33.88 -30.43
CA SER E 52 -19.06 -34.02 -29.12
C SER E 52 -19.64 -35.21 -28.37
N ASP E 53 -19.07 -35.50 -27.20
CA ASP E 53 -19.60 -36.55 -26.35
C ASP E 53 -20.91 -36.22 -25.63
N ARG E 54 -21.17 -34.94 -25.39
CA ARG E 54 -22.45 -34.48 -24.89
C ARG E 54 -23.40 -34.09 -26.03
N GLU E 55 -23.11 -34.58 -27.24
CA GLU E 55 -23.93 -34.35 -28.42
C GLU E 55 -24.17 -32.88 -28.75
N THR E 56 -23.15 -32.27 -29.34
CA THR E 56 -23.22 -30.90 -29.84
C THR E 56 -22.52 -30.86 -31.19
N THR E 57 -23.24 -30.48 -32.23
CA THR E 57 -22.74 -30.53 -33.60
C THR E 57 -21.98 -29.26 -33.95
N THR E 58 -21.18 -29.37 -35.01
CA THR E 58 -20.41 -28.25 -35.55
C THR E 58 -19.92 -28.61 -36.94
N TYR E 59 -20.33 -27.84 -37.95
CA TYR E 59 -20.16 -28.25 -39.35
C TYR E 59 -19.26 -27.27 -40.09
N ASN E 60 -18.65 -27.78 -41.16
CA ASN E 60 -17.81 -26.95 -42.01
C ASN E 60 -18.67 -25.91 -42.72
N PRO E 61 -18.25 -24.64 -42.75
CA PRO E 61 -19.11 -23.60 -43.32
C PRO E 61 -19.46 -23.82 -44.79
N SER E 62 -18.64 -24.55 -45.54
CA SER E 62 -18.96 -24.78 -46.95
C SER E 62 -20.01 -25.87 -47.13
N LEU E 63 -20.04 -26.86 -46.24
CA LEU E 63 -21.04 -27.92 -46.25
C LEU E 63 -22.09 -27.60 -45.19
N ASN E 64 -21.88 -26.53 -44.41
CA ASN E 64 -22.79 -26.18 -43.32
C ASN E 64 -24.29 -26.32 -43.70
N SER E 65 -24.60 -25.99 -44.96
CA SER E 65 -25.98 -26.04 -45.40
C SER E 65 -26.70 -27.38 -45.45
N ARG E 66 -26.00 -28.44 -45.83
CA ARG E 66 -26.64 -29.70 -46.22
C ARG E 66 -26.25 -30.88 -45.34
N ALA E 67 -25.47 -30.67 -44.28
CA ALA E 67 -24.93 -31.77 -43.50
C ALA E 67 -25.63 -31.76 -42.14
N VAL E 68 -25.94 -32.95 -41.64
CA VAL E 68 -26.46 -33.16 -40.29
C VAL E 68 -25.80 -34.42 -39.78
N ILE E 69 -25.28 -34.37 -38.56
CA ILE E 69 -24.59 -35.50 -37.94
C ILE E 69 -25.28 -35.82 -36.62
N SER E 70 -25.49 -37.10 -36.36
CA SER E 70 -26.16 -37.55 -35.14
C SER E 70 -25.37 -38.76 -34.64
N ARG E 71 -25.65 -39.15 -33.40
CA ARG E 71 -25.05 -40.31 -32.78
C ARG E 71 -26.13 -40.99 -31.97
N ASP E 72 -26.14 -42.32 -31.99
CA ASP E 72 -27.11 -43.10 -31.24
C ASP E 72 -26.55 -43.49 -29.88
N THR E 73 -27.45 -43.51 -28.88
CA THR E 73 -27.04 -43.84 -27.52
C THR E 73 -27.13 -45.34 -27.24
N SER E 74 -28.20 -45.99 -27.71
CA SER E 74 -28.33 -47.43 -27.52
C SER E 74 -27.26 -48.18 -28.31
N LYS E 75 -27.12 -47.85 -29.59
CA LYS E 75 -26.10 -48.46 -30.44
C LYS E 75 -24.90 -47.53 -30.54
N ASN E 76 -23.71 -48.09 -30.34
CA ASN E 76 -22.48 -47.32 -30.51
C ASN E 76 -22.25 -47.04 -32.00
N GLN E 77 -23.07 -46.17 -32.58
CA GLN E 77 -22.95 -45.84 -33.99
C GLN E 77 -23.35 -44.38 -34.19
N LEU E 78 -22.65 -43.70 -35.09
CA LEU E 78 -22.93 -42.32 -35.45
C LEU E 78 -23.35 -42.26 -36.90
N SER E 79 -24.47 -41.59 -37.17
CA SER E 79 -25.03 -41.50 -38.50
C SER E 79 -24.68 -40.18 -39.16
N LEU E 80 -24.52 -40.23 -40.48
CA LEU E 80 -24.25 -39.05 -41.29
C LEU E 80 -25.34 -38.96 -42.36
N GLN E 81 -25.79 -37.75 -42.66
CA GLN E 81 -26.82 -37.52 -43.65
C GLN E 81 -26.50 -36.25 -44.41
N LEU E 82 -26.48 -36.34 -45.74
CA LEU E 82 -26.20 -35.21 -46.61
C LEU E 82 -27.36 -35.06 -47.58
N ARG E 83 -27.92 -33.86 -47.64
CA ARG E 83 -29.07 -33.59 -48.49
C ARG E 83 -28.63 -32.92 -49.79
N SER E 84 -29.39 -33.16 -50.84
CA SER E 84 -29.13 -32.56 -52.16
C SER E 84 -27.71 -32.85 -52.63
N VAL E 85 -27.33 -34.13 -52.57
CA VAL E 85 -25.99 -34.51 -53.01
C VAL E 85 -25.86 -34.32 -54.52
N THR E 86 -24.63 -34.22 -54.98
CA THR E 86 -24.30 -34.07 -56.40
C THR E 86 -23.26 -35.18 -56.54
N THR E 87 -22.78 -35.36 -57.76
CA THR E 87 -21.70 -36.34 -57.97
C THR E 87 -20.21 -35.88 -57.61
N ALA E 88 -20.22 -34.70 -56.99
CA ALA E 88 -18.99 -34.14 -56.45
C ALA E 88 -19.00 -34.70 -55.02
N ASP E 89 -20.19 -34.85 -54.43
CA ASP E 89 -20.28 -35.38 -53.08
C ASP E 89 -19.79 -36.82 -53.09
N THR E 90 -19.52 -37.39 -54.27
CA THR E 90 -18.98 -38.74 -54.34
C THR E 90 -17.56 -38.85 -53.80
N ALA E 91 -17.38 -39.65 -52.76
CA ALA E 91 -16.08 -39.76 -52.10
C ALA E 91 -15.98 -40.96 -51.16
N ILE E 92 -14.77 -41.21 -50.68
CA ILE E 92 -14.52 -42.22 -49.66
C ILE E 92 -14.73 -41.55 -48.30
N TYR E 93 -15.72 -42.04 -47.55
CA TYR E 93 -16.12 -41.41 -46.30
C TYR E 93 -15.42 -42.07 -45.12
N PHE E 94 -14.69 -41.28 -44.33
CA PHE E 94 -14.02 -41.73 -43.14
C PHE E 94 -14.66 -41.11 -41.89
N CYS E 95 -15.08 -41.96 -40.97
CA CYS E 95 -15.39 -41.53 -39.61
C CYS E 95 -14.19 -41.80 -38.73
N ALA E 96 -13.91 -40.88 -37.81
CA ALA E 96 -12.70 -40.95 -37.00
C ALA E 96 -13.12 -40.51 -35.60
N THR E 97 -12.46 -41.09 -34.60
CA THR E 97 -12.68 -40.72 -33.21
C THR E 97 -11.73 -39.56 -32.92
N ALA E 98 -12.29 -38.39 -32.67
CA ALA E 98 -11.49 -37.20 -32.45
C ALA E 98 -11.48 -37.06 -30.92
N ARG E 99 -10.43 -36.42 -30.43
CA ARG E 99 -10.32 -36.01 -29.03
C ARG E 99 -9.77 -34.62 -28.91
N ARG E 100 -10.06 -33.93 -27.80
CA ARG E 100 -9.76 -32.52 -27.65
C ARG E 100 -8.52 -32.16 -26.84
N GLY E 101 -7.80 -31.14 -27.30
CA GLY E 101 -6.72 -30.55 -26.55
C GLY E 101 -6.92 -29.07 -26.26
N GLN E 102 -6.13 -28.56 -25.32
CA GLN E 102 -6.18 -27.15 -24.93
C GLN E 102 -4.83 -26.45 -25.05
N ARG E 103 -4.70 -25.58 -26.03
CA ARG E 103 -3.48 -24.81 -26.25
C ARG E 103 -3.63 -23.43 -25.63
N ILE E 104 -2.81 -23.14 -24.62
CA ILE E 104 -2.87 -21.88 -23.89
C ILE E 104 -1.56 -21.14 -24.11
N TYR E 105 -1.64 -19.93 -24.67
CA TYR E 105 -0.48 -19.08 -24.88
C TYR E 105 -0.42 -17.92 -23.89
N GLY E 106 -1.27 -17.93 -22.88
CA GLY E 106 -1.28 -16.88 -21.88
C GLY E 106 -2.04 -17.29 -20.65
N VAL E 107 -2.71 -16.33 -20.04
CA VAL E 107 -3.51 -16.59 -18.84
C VAL E 107 -4.86 -17.17 -19.20
N VAL E 108 -5.30 -18.15 -18.41
CA VAL E 108 -6.54 -18.87 -18.73
C VAL E 108 -7.77 -18.00 -18.47
N SER E 109 -7.69 -17.09 -17.50
CA SER E 109 -8.87 -16.34 -17.10
C SER E 109 -9.29 -15.31 -18.15
N PHE E 110 -8.35 -14.74 -18.88
CA PHE E 110 -8.65 -13.76 -19.92
C PHE E 110 -8.66 -14.37 -21.31
N GLY E 111 -9.26 -15.55 -21.45
CA GLY E 111 -9.22 -16.22 -22.74
C GLY E 111 -7.80 -16.67 -23.05
N GLU E 112 -7.31 -16.27 -24.22
CA GLU E 112 -5.92 -16.53 -24.60
C GLU E 112 -5.62 -18.03 -24.67
N PHE E 113 -6.64 -18.83 -24.95
CA PHE E 113 -6.46 -20.26 -25.21
C PHE E 113 -7.45 -20.68 -26.28
N PHE E 114 -6.97 -21.45 -27.25
CA PHE E 114 -7.80 -21.92 -28.35
C PHE E 114 -7.82 -23.45 -28.34
N TYR E 115 -8.97 -24.02 -28.66
CA TYR E 115 -9.15 -25.46 -28.69
C TYR E 115 -8.79 -26.00 -30.07
N TYR E 116 -8.01 -27.08 -30.09
CA TYR E 116 -7.63 -27.76 -31.31
C TYR E 116 -7.99 -29.22 -31.20
N TYR E 117 -8.43 -29.82 -32.30
CA TYR E 117 -8.87 -31.20 -32.35
C TYR E 117 -7.92 -32.04 -33.22
N TYR E 118 -7.93 -33.34 -32.97
CA TYR E 118 -7.15 -34.29 -33.75
C TYR E 118 -7.76 -35.67 -33.62
N MET E 119 -7.84 -36.38 -34.74
CA MET E 119 -8.46 -37.71 -34.79
C MET E 119 -7.36 -38.76 -34.77
N ASP E 120 -7.21 -39.43 -33.63
CA ASP E 120 -6.15 -40.43 -33.47
C ASP E 120 -6.54 -41.80 -34.02
N VAL E 121 -7.84 -42.10 -34.10
CA VAL E 121 -8.33 -43.37 -34.59
C VAL E 121 -9.19 -43.12 -35.83
N TRP E 122 -8.99 -43.95 -36.86
CA TRP E 122 -9.73 -43.85 -38.10
C TRP E 122 -10.39 -45.18 -38.43
N GLY E 123 -11.50 -45.11 -39.18
CA GLY E 123 -12.13 -46.31 -39.68
C GLY E 123 -11.57 -46.73 -41.03
N LYS E 124 -12.03 -47.89 -41.51
CA LYS E 124 -11.54 -48.40 -42.78
C LYS E 124 -11.93 -47.48 -43.94
N GLY E 125 -13.11 -46.89 -43.88
CA GLY E 125 -13.56 -45.99 -44.93
C GLY E 125 -14.49 -46.64 -45.92
N THR E 126 -15.66 -46.05 -46.14
CA THR E 126 -16.63 -46.55 -47.09
C THR E 126 -16.67 -45.63 -48.31
N ALA E 127 -16.92 -46.24 -49.48
CA ALA E 127 -17.02 -45.50 -50.73
C ALA E 127 -18.47 -45.28 -51.09
N VAL E 128 -18.77 -44.08 -51.59
CA VAL E 128 -20.12 -43.72 -52.01
C VAL E 128 -20.03 -42.98 -53.34
N THR E 129 -20.80 -43.43 -54.31
CA THR E 129 -20.86 -42.81 -55.63
C THR E 129 -22.23 -42.15 -55.83
N VAL E 130 -22.26 -41.11 -56.64
CA VAL E 130 -23.49 -40.39 -56.96
C VAL E 130 -23.59 -40.27 -58.47
N SER E 131 -24.64 -40.86 -59.04
CA SER E 131 -24.88 -40.81 -60.47
C SER E 131 -26.32 -41.19 -60.75
N SER E 132 -26.92 -40.52 -61.74
CA SER E 132 -28.28 -40.82 -62.14
C SER E 132 -28.42 -42.20 -62.79
N ALA E 133 -27.30 -42.84 -63.16
CA ALA E 133 -27.33 -44.08 -63.90
C ALA E 133 -27.71 -45.25 -62.99
N SER E 134 -28.20 -46.31 -63.63
CA SER E 134 -28.75 -47.46 -62.93
C SER E 134 -27.64 -48.42 -62.50
N THR E 135 -28.03 -49.45 -61.76
CA THR E 135 -27.11 -50.47 -61.30
C THR E 135 -26.93 -51.55 -62.38
N LYS E 136 -25.69 -52.01 -62.54
CA LYS E 136 -25.37 -53.02 -63.53
C LYS E 136 -24.60 -54.14 -62.82
N GLY E 137 -25.18 -55.34 -62.81
CA GLY E 137 -24.54 -56.47 -62.19
C GLY E 137 -23.47 -57.07 -63.08
N PRO E 138 -22.37 -57.50 -62.46
CA PRO E 138 -21.26 -58.06 -63.24
C PRO E 138 -21.46 -59.54 -63.55
N SER E 139 -20.98 -59.93 -64.72
CA SER E 139 -20.94 -61.33 -65.13
C SER E 139 -19.49 -61.80 -65.11
N VAL E 140 -19.30 -63.07 -64.75
CA VAL E 140 -17.97 -63.62 -64.46
C VAL E 140 -17.59 -64.60 -65.56
N PHE E 141 -16.43 -64.35 -66.18
CA PHE E 141 -15.85 -65.23 -67.17
C PHE E 141 -14.51 -65.75 -66.65
N PRO E 142 -14.31 -67.07 -66.60
CA PRO E 142 -13.04 -67.60 -66.08
C PRO E 142 -11.91 -67.44 -67.09
N LEU E 143 -10.71 -67.28 -66.55
CA LEU E 143 -9.49 -67.16 -67.34
C LEU E 143 -8.71 -68.47 -67.18
N ALA E 144 -8.75 -69.30 -68.22
CA ALA E 144 -8.12 -70.60 -68.15
C ALA E 144 -6.60 -70.49 -68.14
N PRO E 145 -5.91 -71.38 -67.45
CA PRO E 145 -4.44 -71.32 -67.42
C PRO E 145 -3.87 -71.57 -68.80
N SER E 146 -2.81 -70.82 -69.13
CA SER E 146 -2.12 -71.00 -70.41
C SER E 146 -1.27 -72.26 -70.45
N SER E 147 -1.10 -72.94 -69.32
CA SER E 147 -0.33 -74.17 -69.27
C SER E 147 1.14 -73.92 -69.61
N SER E 149 2.92 -71.64 -68.52
CA SER E 149 3.23 -70.21 -68.61
C SER E 149 4.74 -69.98 -68.49
N THR E 150 5.27 -70.44 -67.36
CA THR E 150 6.71 -70.24 -67.05
C THR E 150 7.33 -71.58 -66.62
N SER E 151 8.64 -71.69 -66.76
CA SER E 151 9.34 -72.89 -66.34
C SER E 151 9.34 -73.00 -64.82
N GLY E 152 9.77 -74.17 -64.34
CA GLY E 152 9.78 -74.45 -62.92
C GLY E 152 8.45 -74.82 -62.31
N GLY E 153 7.37 -74.83 -63.10
CA GLY E 153 6.07 -75.22 -62.63
C GLY E 153 5.12 -74.10 -62.28
N THR E 154 5.54 -72.85 -62.43
CA THR E 154 4.69 -71.71 -62.07
C THR E 154 3.75 -71.40 -63.23
N ALA E 155 2.44 -71.43 -62.95
CA ALA E 155 1.41 -71.13 -63.93
C ALA E 155 0.41 -70.16 -63.32
N ALA E 156 -0.42 -69.57 -64.17
CA ALA E 156 -1.34 -68.51 -63.74
C ALA E 156 -2.72 -68.73 -64.34
N LEU E 157 -3.74 -68.56 -63.50
CA LEU E 157 -5.13 -68.54 -63.92
C LEU E 157 -5.82 -67.36 -63.24
N GLY E 158 -7.13 -67.23 -63.42
CA GLY E 158 -7.84 -66.14 -62.78
C GLY E 158 -9.28 -66.06 -63.24
N CYS E 159 -9.93 -64.98 -62.84
CA CYS E 159 -11.34 -64.72 -63.14
C CYS E 159 -11.48 -63.31 -63.68
N LEU E 160 -12.23 -63.16 -64.76
CA LEU E 160 -12.56 -61.86 -65.32
C LEU E 160 -13.94 -61.43 -64.84
N VAL E 161 -14.07 -60.16 -64.49
CA VAL E 161 -15.34 -59.60 -64.03
C VAL E 161 -15.77 -58.57 -65.07
N LYS E 162 -16.87 -58.85 -65.75
CA LYS E 162 -17.30 -58.02 -66.87
C LYS E 162 -17.74 -56.65 -66.36
N ASP E 163 -18.22 -55.82 -67.29
CA ASP E 163 -18.45 -54.41 -67.00
C ASP E 163 -19.63 -54.21 -66.05
N TYR E 164 -19.42 -53.37 -65.05
CA TYR E 164 -20.42 -53.01 -64.05
C TYR E 164 -20.25 -51.54 -63.72
N PHE E 165 -21.34 -50.90 -63.27
CA PHE E 165 -21.22 -49.49 -62.96
C PHE E 165 -20.91 -49.27 -61.47
N PRO E 166 -21.60 -49.94 -60.57
CA PRO E 166 -21.24 -49.83 -59.15
C PRO E 166 -19.77 -50.16 -58.92
N GLU E 167 -19.02 -49.17 -58.45
CA GLU E 167 -17.57 -49.26 -58.47
C GLU E 167 -17.03 -50.28 -57.47
N PRO E 168 -17.48 -50.29 -56.21
CA PRO E 168 -16.89 -51.22 -55.23
C PRO E 168 -17.24 -52.67 -55.57
N VAL E 169 -16.22 -53.50 -55.65
CA VAL E 169 -16.36 -54.92 -55.94
C VAL E 169 -15.39 -55.70 -55.08
N THR E 170 -15.86 -56.78 -54.46
CA THR E 170 -15.04 -57.63 -53.61
C THR E 170 -14.86 -58.99 -54.27
N VAL E 171 -13.63 -59.51 -54.21
CA VAL E 171 -13.28 -60.78 -54.83
C VAL E 171 -12.53 -61.63 -53.81
N SER E 172 -12.97 -62.87 -53.64
CA SER E 172 -12.28 -63.83 -52.79
C SER E 172 -12.07 -65.12 -53.58
N TRP E 173 -11.33 -66.06 -52.97
CA TRP E 173 -11.00 -67.32 -53.62
C TRP E 173 -11.16 -68.45 -52.62
N ASN E 174 -11.98 -69.44 -52.99
CA ASN E 174 -12.28 -70.56 -52.09
C ASN E 174 -12.87 -70.06 -50.77
N SER E 175 -13.66 -68.99 -50.85
CA SER E 175 -14.24 -68.37 -49.67
C SER E 175 -13.14 -67.90 -48.70
N GLY E 176 -12.07 -67.35 -49.27
CA GLY E 176 -10.97 -66.86 -48.46
C GLY E 176 -10.02 -67.93 -47.95
N ALA E 177 -10.01 -69.10 -48.60
CA ALA E 177 -9.11 -70.17 -48.19
C ALA E 177 -7.71 -70.04 -48.80
N LEU E 178 -7.61 -69.45 -49.99
CA LEU E 178 -6.33 -69.25 -50.66
C LEU E 178 -6.00 -67.77 -50.65
N THR E 179 -4.83 -67.42 -50.09
CA THR E 179 -4.36 -66.05 -50.04
C THR E 179 -3.04 -65.83 -50.78
N SER E 180 -2.26 -66.87 -51.01
CA SER E 180 -0.99 -66.72 -51.70
C SER E 180 -1.20 -66.66 -53.21
N GLY E 181 -0.47 -65.76 -53.86
CA GLY E 181 -0.57 -65.59 -55.30
C GLY E 181 -1.69 -64.71 -55.76
N VAL E 182 -2.58 -64.27 -54.87
CA VAL E 182 -3.71 -63.45 -55.28
C VAL E 182 -3.24 -62.03 -55.60
N HIS E 183 -3.79 -61.46 -56.65
CA HIS E 183 -3.48 -60.08 -57.03
C HIS E 183 -4.68 -59.53 -57.83
N THR E 184 -5.63 -58.95 -57.11
CA THR E 184 -6.79 -58.33 -57.74
C THR E 184 -6.39 -56.96 -58.27
N PHE E 185 -6.45 -56.80 -59.58
CA PHE E 185 -6.05 -55.55 -60.22
C PHE E 185 -7.15 -54.50 -60.13
N PRO E 186 -6.79 -53.23 -60.29
CA PRO E 186 -7.80 -52.17 -60.23
C PRO E 186 -8.70 -52.19 -61.45
N ALA E 187 -9.95 -51.80 -61.25
CA ALA E 187 -10.92 -51.78 -62.33
C ALA E 187 -10.62 -50.62 -63.28
N VAL E 188 -11.01 -50.80 -64.54
CA VAL E 188 -10.87 -49.78 -65.57
C VAL E 188 -12.26 -49.26 -65.90
N LEU E 189 -12.40 -47.94 -65.99
CA LEU E 189 -13.65 -47.31 -66.42
C LEU E 189 -13.66 -47.25 -67.93
N GLN E 190 -14.47 -48.11 -68.56
CA GLN E 190 -14.57 -48.16 -70.01
C GLN E 190 -15.39 -46.98 -70.52
N SER E 191 -15.32 -46.75 -71.83
CA SER E 191 -16.14 -45.72 -72.44
C SER E 191 -17.63 -46.06 -72.33
N SER E 192 -17.96 -47.32 -72.02
CA SER E 192 -19.34 -47.73 -71.82
C SER E 192 -19.95 -47.13 -70.55
N GLY E 193 -19.13 -46.58 -69.67
CA GLY E 193 -19.59 -46.10 -68.38
C GLY E 193 -19.61 -47.13 -67.28
N LEU E 194 -18.94 -48.28 -67.46
CA LEU E 194 -18.91 -49.34 -66.49
C LEU E 194 -17.46 -49.71 -66.19
N TYR E 195 -17.24 -50.25 -64.99
CA TYR E 195 -15.92 -50.68 -64.56
C TYR E 195 -15.74 -52.18 -64.78
N SER E 196 -14.50 -52.59 -65.01
CA SER E 196 -14.17 -54.00 -65.23
C SER E 196 -12.82 -54.30 -64.60
N LEU E 197 -12.76 -55.33 -63.79
CA LEU E 197 -11.51 -55.73 -63.13
C LEU E 197 -11.20 -57.19 -63.45
N SER E 198 -10.01 -57.61 -63.01
CA SER E 198 -9.55 -58.97 -63.18
C SER E 198 -8.81 -59.39 -61.91
N SER E 199 -8.87 -60.69 -61.60
CA SER E 199 -8.21 -61.24 -60.42
C SER E 199 -7.48 -62.50 -60.83
N VAL E 200 -6.16 -62.52 -60.62
CA VAL E 200 -5.32 -63.64 -61.01
C VAL E 200 -4.70 -64.27 -59.76
N VAL E 201 -4.38 -65.55 -59.86
CA VAL E 201 -3.74 -66.30 -58.78
C VAL E 201 -2.63 -67.13 -59.40
N THR E 202 -1.41 -66.96 -58.90
CA THR E 202 -0.25 -67.72 -59.38
C THR E 202 -0.10 -68.98 -58.54
N VAL E 203 -0.13 -70.13 -59.21
CA VAL E 203 -0.05 -71.42 -58.51
C VAL E 203 0.84 -72.36 -59.29
N PRO E 204 1.46 -73.32 -58.58
CA PRO E 204 2.32 -74.29 -59.26
C PRO E 204 1.54 -75.18 -60.20
N SER E 205 2.23 -75.69 -61.22
CA SER E 205 1.60 -76.53 -62.22
C SER E 205 1.31 -77.93 -61.72
N SER E 206 2.03 -78.40 -60.70
CA SER E 206 1.77 -79.73 -60.15
C SER E 206 0.37 -79.81 -59.56
N SER E 207 -0.05 -78.79 -58.84
CA SER E 207 -1.39 -78.71 -58.26
C SER E 207 -2.38 -77.98 -59.16
N LEU E 208 -2.00 -77.74 -60.42
CA LEU E 208 -2.85 -77.01 -61.35
C LEU E 208 -3.89 -77.89 -62.02
N GLY E 209 -3.88 -79.20 -61.77
CA GLY E 209 -4.84 -80.10 -62.38
C GLY E 209 -6.02 -80.42 -61.47
N THR E 210 -5.73 -80.77 -60.22
CA THR E 210 -6.76 -81.11 -59.24
C THR E 210 -6.99 -79.99 -58.24
N GLN E 211 -6.81 -78.74 -58.67
CA GLN E 211 -6.88 -77.61 -57.73
C GLN E 211 -8.29 -77.36 -57.24
N THR E 212 -9.29 -77.51 -58.11
CA THR E 212 -10.67 -77.15 -57.80
C THR E 212 -10.75 -75.69 -57.32
N TYR E 213 -10.07 -74.82 -58.06
CA TYR E 213 -10.04 -73.40 -57.73
C TYR E 213 -11.33 -72.72 -58.16
N ILE E 214 -11.99 -72.04 -57.22
CA ILE E 214 -13.22 -71.31 -57.47
C ILE E 214 -13.07 -69.91 -56.92
N CYS E 215 -13.34 -68.90 -57.75
CA CYS E 215 -13.32 -67.51 -57.31
C CYS E 215 -14.74 -67.09 -56.92
N ASN E 216 -14.83 -66.34 -55.83
CA ASN E 216 -16.11 -65.89 -55.29
C ASN E 216 -16.20 -64.38 -55.49
N VAL E 217 -17.10 -63.95 -56.35
CA VAL E 217 -17.28 -62.54 -56.68
C VAL E 217 -18.57 -62.06 -56.04
N ASN E 218 -18.46 -61.43 -54.88
CA ASN E 218 -19.59 -60.78 -54.24
C ASN E 218 -19.71 -59.34 -54.77
N HIS E 219 -20.91 -58.78 -54.62
CA HIS E 219 -21.17 -57.41 -55.07
C HIS E 219 -22.39 -56.89 -54.34
N LYS E 220 -22.30 -55.66 -53.85
CA LYS E 220 -23.29 -55.17 -52.89
C LYS E 220 -24.41 -54.38 -53.55
N PRO E 221 -24.10 -53.35 -54.36
CA PRO E 221 -25.19 -52.58 -54.99
C PRO E 221 -26.08 -53.42 -55.90
N SER E 222 -25.52 -54.42 -56.58
CA SER E 222 -26.33 -55.32 -57.39
C SER E 222 -26.98 -56.43 -56.57
N ASN E 223 -26.58 -56.60 -55.31
CA ASN E 223 -27.17 -57.60 -54.42
C ASN E 223 -26.98 -59.01 -54.95
N THR E 224 -25.96 -59.24 -55.77
CA THR E 224 -25.72 -60.53 -56.39
C THR E 224 -24.38 -61.09 -55.95
N LYS E 225 -24.37 -62.38 -55.61
CA LYS E 225 -23.15 -63.11 -55.28
C LYS E 225 -22.97 -64.21 -56.32
N VAL E 226 -21.86 -64.17 -57.04
CA VAL E 226 -21.61 -65.09 -58.15
C VAL E 226 -20.33 -65.87 -57.85
N ASP E 227 -20.41 -67.19 -58.03
CA ASP E 227 -19.27 -68.08 -57.91
C ASP E 227 -19.04 -68.76 -59.26
N LYS E 228 -17.77 -68.82 -59.68
CA LYS E 228 -17.41 -69.36 -60.98
C LYS E 228 -16.26 -70.34 -60.83
N LYS E 229 -16.36 -71.48 -61.52
CA LYS E 229 -15.31 -72.48 -61.53
C LYS E 229 -14.38 -72.25 -62.70
N VAL E 230 -13.07 -72.37 -62.44
CA VAL E 230 -12.04 -72.14 -63.43
C VAL E 230 -11.30 -73.45 -63.67
N GLU E 231 -11.31 -73.91 -64.92
CA GLU E 231 -10.66 -75.15 -65.31
C GLU E 231 -10.05 -75.00 -66.69
N PRO E 232 -8.92 -75.67 -66.95
CA PRO E 232 -8.22 -75.61 -68.24
C PRO E 232 -9.10 -76.03 -69.41
N SER F 1 -5.28 -26.03 -53.04
CA SER F 1 -5.80 -26.49 -54.32
C SER F 1 -5.36 -27.92 -54.60
N TYR F 2 -4.20 -28.07 -55.23
CA TYR F 2 -3.67 -29.37 -55.62
C TYR F 2 -2.47 -29.72 -54.73
N VAL F 3 -1.73 -30.74 -55.15
CA VAL F 3 -0.68 -31.35 -54.35
C VAL F 3 0.69 -30.77 -54.65
N SER F 4 1.53 -30.64 -53.61
CA SER F 4 2.90 -30.17 -53.76
C SER F 4 3.89 -31.32 -53.82
N PRO F 5 4.69 -31.44 -54.88
CA PRO F 5 5.59 -32.58 -55.02
C PRO F 5 6.86 -32.37 -54.20
N LEU F 6 7.45 -33.50 -53.78
CA LEU F 6 8.69 -33.49 -53.03
C LEU F 6 9.48 -34.74 -53.38
N SER F 7 10.77 -34.58 -53.65
CA SER F 7 11.65 -35.67 -54.04
C SER F 7 12.79 -35.79 -53.04
N VAL F 8 13.04 -37.01 -52.58
CA VAL F 8 14.06 -37.28 -51.58
C VAL F 8 14.83 -38.53 -51.96
N ALA F 9 16.11 -38.56 -51.63
CA ALA F 9 16.92 -39.74 -51.86
C ALA F 9 16.59 -40.82 -50.84
N LEU F 10 16.92 -42.06 -51.19
CA LEU F 10 16.64 -43.19 -50.32
C LEU F 10 17.60 -43.20 -49.13
N GLY F 11 17.05 -43.31 -47.92
CA GLY F 11 17.84 -43.35 -46.71
C GLY F 11 18.18 -41.98 -46.14
N GLU F 12 18.35 -40.98 -47.00
CA GLU F 12 18.63 -39.63 -46.52
C GLU F 12 17.42 -39.03 -45.83
N THR F 13 17.66 -38.28 -44.76
CA THR F 13 16.58 -37.63 -44.05
C THR F 13 15.94 -36.55 -44.93
N ALA F 14 14.72 -36.16 -44.56
CA ALA F 14 13.96 -35.21 -45.35
C ALA F 14 13.15 -34.31 -44.42
N ARG F 15 12.76 -33.16 -44.96
CA ARG F 15 11.91 -32.20 -44.25
C ARG F 15 10.80 -31.76 -45.18
N ILE F 16 9.63 -31.51 -44.60
CA ILE F 16 8.43 -31.14 -45.34
C ILE F 16 7.93 -29.82 -44.77
N SER F 17 8.01 -28.74 -45.55
CA SER F 17 7.49 -27.46 -45.12
C SER F 17 5.97 -27.49 -45.05
N CYS F 18 5.41 -26.59 -44.24
CA CYS F 18 3.97 -26.52 -44.01
C CYS F 18 3.43 -25.21 -44.56
N GLY F 19 2.36 -25.29 -45.35
CA GLY F 19 1.74 -24.11 -45.87
C GLY F 19 0.96 -23.35 -44.82
N ARG F 20 0.45 -22.18 -45.24
CA ARG F 20 -0.24 -21.24 -44.36
C ARG F 20 0.38 -21.23 -42.96
N GLN F 21 1.61 -20.73 -42.85
CA GLN F 21 2.32 -20.72 -41.58
C GLN F 21 1.56 -19.89 -40.54
N ALA F 22 1.74 -20.26 -39.28
CA ALA F 22 0.98 -19.66 -38.19
C ALA F 22 1.37 -18.19 -37.98
N LEU F 23 0.47 -17.46 -37.33
CA LEU F 23 0.72 -16.09 -36.92
C LEU F 23 1.02 -15.94 -35.44
N GLY F 24 0.73 -16.97 -34.63
CA GLY F 24 1.04 -16.96 -33.22
C GLY F 24 1.43 -18.33 -32.71
N SER F 25 1.14 -18.62 -31.45
CA SER F 25 1.36 -19.98 -30.94
C SER F 25 0.47 -20.95 -31.68
N ARG F 26 1.03 -22.10 -32.05
CA ARG F 26 0.31 -23.04 -32.92
C ARG F 26 0.51 -24.46 -32.45
N ALA F 27 -0.51 -25.29 -32.74
CA ALA F 27 -0.47 -26.74 -32.53
C ALA F 27 -0.84 -27.39 -33.84
N VAL F 28 0.16 -27.96 -34.52
CA VAL F 28 -0.01 -28.51 -35.86
C VAL F 28 -0.09 -30.03 -35.78
N GLN F 29 -0.96 -30.61 -36.60
CA GLN F 29 -1.05 -32.05 -36.78
C GLN F 29 -0.55 -32.43 -38.16
N TRP F 30 0.21 -33.52 -38.23
CA TRP F 30 0.75 -34.02 -39.49
C TRP F 30 0.12 -35.37 -39.78
N TYR F 31 -0.63 -35.44 -40.88
CA TYR F 31 -1.33 -36.65 -41.29
C TYR F 31 -0.62 -37.28 -42.48
N GLN F 32 -0.45 -38.60 -42.43
CA GLN F 32 0.15 -39.38 -43.51
C GLN F 32 -0.97 -40.15 -44.20
N HIS F 33 -1.30 -39.75 -45.42
CA HIS F 33 -2.40 -40.35 -46.17
C HIS F 33 -1.85 -40.99 -47.44
N LYS F 34 -2.27 -42.23 -47.69
CA LYS F 34 -2.03 -42.96 -48.92
C LYS F 34 -3.35 -43.10 -49.68
N PRO F 35 -3.34 -42.95 -51.00
CA PRO F 35 -4.60 -42.98 -51.75
C PRO F 35 -5.39 -44.26 -51.54
N GLY F 36 -6.66 -44.10 -51.13
CA GLY F 36 -7.56 -45.22 -50.93
C GLY F 36 -7.55 -45.79 -49.53
N GLN F 37 -6.49 -45.58 -48.77
CA GLN F 37 -6.35 -46.16 -47.44
C GLN F 37 -6.76 -45.15 -46.37
N ALA F 38 -6.65 -45.56 -45.11
CA ALA F 38 -7.02 -44.70 -43.99
C ALA F 38 -5.86 -43.80 -43.60
N PRO F 39 -6.11 -42.51 -43.39
CA PRO F 39 -5.01 -41.61 -43.00
C PRO F 39 -4.55 -41.88 -41.57
N ILE F 40 -3.24 -41.82 -41.38
CA ILE F 40 -2.61 -42.00 -40.07
C ILE F 40 -1.89 -40.73 -39.70
N LEU F 41 -2.15 -40.22 -38.49
CA LEU F 41 -1.42 -39.06 -38.01
C LEU F 41 -0.15 -39.51 -37.29
N LEU F 42 0.94 -38.83 -37.56
CA LEU F 42 2.22 -39.09 -36.92
C LEU F 42 2.48 -38.19 -35.72
N ILE F 43 1.97 -36.96 -35.75
CA ILE F 43 2.31 -35.93 -34.77
C ILE F 43 1.05 -35.11 -34.52
N TYR F 44 0.41 -35.33 -33.37
CA TYR F 44 -0.78 -34.58 -32.99
C TYR F 44 -0.41 -33.27 -32.30
N ASN F 45 0.44 -33.32 -31.29
CA ASN F 45 1.09 -32.12 -30.77
C ASN F 45 2.48 -32.02 -31.39
N ASN F 46 2.88 -30.79 -31.74
CA ASN F 46 4.02 -30.59 -32.63
C ASN F 46 5.22 -31.44 -32.24
N GLN F 47 5.34 -31.81 -30.96
CA GLN F 47 6.46 -32.62 -30.50
C GLN F 47 6.04 -34.01 -30.03
N ASP F 48 4.74 -34.29 -29.99
CA ASP F 48 4.23 -35.54 -29.44
C ASP F 48 3.68 -36.44 -30.54
N ARG F 49 4.04 -37.72 -30.49
CA ARG F 49 3.62 -38.75 -31.42
C ARG F 49 2.90 -39.87 -30.68
N PRO F 50 1.79 -40.37 -31.21
CA PRO F 50 1.05 -41.42 -30.52
C PRO F 50 1.83 -42.73 -30.48
N SER F 51 1.28 -43.69 -29.74
CA SER F 51 1.92 -44.99 -29.60
C SER F 51 1.90 -45.73 -30.94
N GLY F 52 3.04 -46.31 -31.30
CA GLY F 52 3.20 -47.07 -32.52
C GLY F 52 3.99 -46.35 -33.60
N ILE F 53 3.93 -45.02 -33.62
CA ILE F 53 4.67 -44.26 -34.64
C ILE F 53 6.16 -44.42 -34.40
N PRO F 54 6.96 -44.70 -35.43
CA PRO F 54 8.40 -44.82 -35.24
C PRO F 54 9.05 -43.47 -34.96
N GLU F 55 10.23 -43.54 -34.35
CA GLU F 55 10.96 -42.34 -33.94
C GLU F 55 11.60 -41.59 -35.10
N ARG F 56 11.50 -42.10 -36.33
CA ARG F 56 12.12 -41.42 -37.46
C ARG F 56 11.42 -40.10 -37.78
N PHE F 57 10.12 -40.01 -37.56
CA PHE F 57 9.40 -38.78 -37.79
C PHE F 57 9.50 -37.86 -36.57
N SER F 58 9.56 -36.55 -36.82
CA SER F 58 9.65 -35.59 -35.74
C SER F 58 9.18 -34.23 -36.25
N GLY F 59 8.68 -33.40 -35.32
CA GLY F 59 8.18 -32.09 -35.66
C GLY F 59 8.82 -31.01 -34.81
N THR F 60 8.75 -29.77 -35.33
CA THR F 60 9.45 -28.64 -34.74
C THR F 60 8.56 -27.97 -33.70
N PRO F 61 8.88 -28.07 -32.41
CA PRO F 61 8.09 -27.36 -31.40
C PRO F 61 8.33 -25.86 -31.49
N ASP F 62 7.36 -25.10 -30.95
CA ASP F 62 7.40 -23.64 -30.99
C ASP F 62 7.72 -23.07 -29.61
N ILE F 63 8.93 -23.38 -29.14
CA ILE F 63 9.39 -22.83 -27.87
C ILE F 63 9.45 -21.31 -27.95
N ASN F 64 10.14 -20.79 -28.95
CA ASN F 64 10.18 -19.36 -29.24
C ASN F 64 9.50 -19.10 -30.58
N PHE F 65 8.75 -18.01 -30.64
CA PHE F 65 7.99 -17.71 -31.86
C PHE F 65 8.93 -17.40 -33.01
N GLY F 66 8.53 -17.79 -34.21
CA GLY F 66 9.31 -17.62 -35.41
C GLY F 66 9.76 -18.92 -36.05
N THR F 67 9.73 -20.02 -35.30
CA THR F 67 10.14 -21.31 -35.84
C THR F 67 9.11 -21.76 -36.86
N THR F 68 9.58 -22.46 -37.89
CA THR F 68 8.72 -22.94 -38.98
C THR F 68 8.39 -24.41 -38.71
N ALA F 69 7.12 -24.76 -38.85
CA ALA F 69 6.65 -26.11 -38.59
C ALA F 69 6.97 -27.01 -39.78
N THR F 70 8.04 -27.78 -39.66
CA THR F 70 8.45 -28.74 -40.67
C THR F 70 8.36 -30.16 -40.11
N LEU F 71 8.17 -31.12 -41.01
CA LEU F 71 8.08 -32.53 -40.66
C LEU F 71 9.34 -33.22 -41.15
N THR F 72 10.16 -33.71 -40.22
CA THR F 72 11.42 -34.37 -40.54
C THR F 72 11.22 -35.87 -40.58
N ILE F 73 11.75 -36.51 -41.63
CA ILE F 73 11.63 -37.95 -41.83
C ILE F 73 13.03 -38.50 -42.04
N SER F 74 13.57 -39.18 -41.02
CA SER F 74 14.89 -39.78 -41.10
C SER F 74 14.78 -41.21 -41.63
N GLY F 75 15.76 -41.61 -42.42
CA GLY F 75 15.75 -42.93 -43.02
C GLY F 75 14.62 -43.11 -44.00
N VAL F 76 14.59 -42.26 -45.03
CA VAL F 76 13.51 -42.32 -46.02
C VAL F 76 13.59 -43.64 -46.76
N GLU F 77 12.53 -44.43 -46.69
CA GLU F 77 12.42 -45.71 -47.37
C GLU F 77 11.20 -45.79 -48.27
N VAL F 78 10.89 -47.00 -48.74
CA VAL F 78 9.76 -47.19 -49.65
C VAL F 78 8.44 -46.80 -48.99
N GLY F 79 8.25 -47.22 -47.74
CA GLY F 79 6.99 -46.95 -47.05
C GLY F 79 6.66 -45.52 -46.71
N ASP F 80 7.66 -44.64 -46.64
CA ASP F 80 7.40 -43.25 -46.28
C ASP F 80 6.75 -42.46 -47.41
N GLU F 81 6.83 -42.96 -48.64
CA GLU F 81 6.29 -42.26 -49.80
C GLU F 81 4.76 -42.25 -49.74
N ALA F 82 4.18 -41.07 -49.55
CA ALA F 82 2.73 -40.92 -49.43
C ALA F 82 2.39 -39.44 -49.56
N ASP F 83 1.15 -39.10 -49.26
CA ASP F 83 0.67 -37.72 -49.24
C ASP F 83 0.62 -37.24 -47.79
N TYR F 84 1.20 -36.07 -47.53
CA TYR F 84 1.30 -35.53 -46.18
C TYR F 84 0.52 -34.22 -46.08
N TYR F 85 -0.34 -34.14 -45.07
CA TYR F 85 -1.13 -32.94 -44.80
C TYR F 85 -0.65 -32.31 -43.50
N CYS F 86 -0.65 -30.98 -43.46
CA CYS F 86 -0.23 -30.22 -42.29
C CYS F 86 -1.43 -29.42 -41.78
N HIS F 87 -2.10 -29.94 -40.74
CA HIS F 87 -3.19 -29.20 -40.13
C HIS F 87 -2.62 -28.06 -39.28
N MET F 88 -3.27 -26.90 -39.35
CA MET F 88 -2.80 -25.69 -38.69
C MET F 88 -3.80 -25.25 -37.63
N TRP F 89 -3.28 -24.79 -36.49
CA TRP F 89 -4.12 -24.27 -35.41
C TRP F 89 -3.31 -23.17 -34.69
N ASP F 90 -3.45 -21.95 -35.19
CA ASP F 90 -2.81 -20.80 -34.57
C ASP F 90 -3.81 -19.98 -33.77
N SER F 91 -3.30 -19.05 -32.98
CA SER F 91 -4.14 -18.24 -32.10
C SER F 91 -4.79 -17.08 -32.83
N ARG F 92 -4.15 -16.59 -33.90
CA ARG F 92 -4.69 -15.44 -34.63
C ARG F 92 -5.86 -15.84 -35.52
N SER F 93 -5.75 -16.96 -36.24
CA SER F 93 -6.81 -17.40 -37.13
C SER F 93 -7.92 -18.07 -36.34
N GLY F 94 -9.12 -18.08 -36.95
CA GLY F 94 -10.28 -18.66 -36.30
C GLY F 94 -10.29 -20.17 -36.33
N PHE F 95 -11.47 -20.76 -36.52
CA PHE F 95 -11.59 -22.21 -36.60
C PHE F 95 -10.98 -22.69 -37.92
N SER F 96 -9.89 -23.45 -37.83
CA SER F 96 -9.20 -23.95 -39.00
C SER F 96 -9.86 -25.26 -39.43
N TRP F 97 -10.74 -25.17 -40.43
CA TRP F 97 -11.46 -26.35 -40.88
C TRP F 97 -10.64 -27.19 -41.86
N SER F 98 -10.13 -26.57 -42.91
CA SER F 98 -9.47 -27.30 -43.97
C SER F 98 -8.14 -27.88 -43.47
N PHE F 99 -7.67 -28.90 -44.19
CA PHE F 99 -6.33 -29.42 -44.00
C PHE F 99 -5.35 -28.67 -44.90
N GLY F 100 -4.07 -28.78 -44.57
CA GLY F 100 -3.05 -28.15 -45.38
C GLY F 100 -2.97 -28.75 -46.78
N GLY F 101 -2.34 -28.02 -47.68
CA GLY F 101 -2.12 -28.51 -49.02
C GLY F 101 -1.34 -29.81 -49.02
N ALA F 102 -1.82 -30.79 -49.79
CA ALA F 102 -1.16 -32.09 -49.81
C ALA F 102 0.27 -31.97 -50.33
N THR F 103 1.14 -32.83 -49.81
CA THR F 103 2.55 -32.87 -50.20
C THR F 103 2.86 -34.28 -50.71
N ARG F 104 3.18 -34.37 -51.99
CA ARG F 104 3.45 -35.66 -52.64
C ARG F 104 4.92 -36.01 -52.43
N LEU F 105 5.19 -36.91 -51.50
CA LEU F 105 6.55 -37.39 -51.28
C LEU F 105 6.86 -38.50 -52.28
N THR F 106 8.01 -38.39 -52.94
CA THR F 106 8.49 -39.40 -53.88
C THR F 106 9.91 -39.77 -53.51
N VAL F 107 10.16 -41.06 -53.30
CA VAL F 107 11.48 -41.56 -52.96
C VAL F 107 12.27 -41.79 -54.24
N LEU F 108 13.40 -41.11 -54.37
CA LEU F 108 14.26 -41.25 -55.53
C LEU F 108 15.31 -42.36 -55.61
N SER F 109 15.83 -42.58 -56.81
CA SER F 109 16.82 -43.64 -56.99
C SER F 109 16.58 -45.14 -56.35
N GLN F 110 15.27 -45.39 -56.48
CA GLN F 110 14.70 -46.57 -55.86
C GLN F 110 14.99 -47.48 -57.06
N PRO F 111 15.33 -48.74 -56.81
CA PRO F 111 15.66 -49.64 -57.92
C PRO F 111 14.43 -49.96 -58.77
N LYS F 112 14.60 -49.94 -60.09
CA LYS F 112 13.51 -50.24 -60.99
C LYS F 112 13.27 -51.74 -61.04
N ALA F 113 12.00 -52.12 -61.22
CA ALA F 113 11.60 -53.52 -61.27
C ALA F 113 11.01 -53.82 -62.64
N ALA F 114 11.42 -54.94 -63.22
CA ALA F 114 10.90 -55.34 -64.53
C ALA F 114 9.44 -55.76 -64.40
N PRO F 115 8.56 -55.30 -65.29
CA PRO F 115 7.15 -55.66 -65.18
C PRO F 115 6.92 -57.13 -65.50
N SER F 116 5.87 -57.68 -64.91
CA SER F 116 5.45 -59.06 -65.13
C SER F 116 4.14 -59.01 -65.92
N VAL F 117 4.24 -59.13 -67.24
CA VAL F 117 3.09 -59.04 -68.13
C VAL F 117 2.44 -60.41 -68.26
N THR F 118 1.12 -60.44 -68.17
CA THR F 118 0.34 -61.67 -68.28
C THR F 118 -0.81 -61.42 -69.24
N LEU F 119 -0.81 -62.11 -70.37
CA LEU F 119 -1.84 -61.96 -71.39
C LEU F 119 -2.79 -63.17 -71.34
N PHE F 120 -4.09 -62.89 -71.38
CA PHE F 120 -5.10 -63.93 -71.27
C PHE F 120 -6.06 -63.83 -72.46
N PRO F 121 -6.32 -64.91 -73.16
CA PRO F 121 -7.29 -64.88 -74.26
C PRO F 121 -8.72 -64.88 -73.73
N PRO F 122 -9.69 -64.47 -74.54
CA PRO F 122 -11.08 -64.48 -74.07
C PRO F 122 -11.56 -65.90 -73.81
N SER F 123 -12.35 -66.05 -72.75
CA SER F 123 -12.84 -67.35 -72.36
C SER F 123 -13.84 -67.89 -73.39
N SER F 124 -14.05 -69.21 -73.34
CA SER F 124 -15.02 -69.83 -74.23
C SER F 124 -16.44 -69.38 -73.91
N GLU F 125 -16.76 -69.21 -72.62
CA GLU F 125 -18.08 -68.75 -72.24
C GLU F 125 -18.33 -67.32 -72.68
N GLU F 126 -17.28 -66.49 -72.72
CA GLU F 126 -17.43 -65.13 -73.22
C GLU F 126 -17.73 -65.13 -74.72
N LEU F 127 -17.12 -66.06 -75.46
CA LEU F 127 -17.43 -66.19 -76.88
C LEU F 127 -18.88 -66.60 -77.09
N GLN F 128 -19.42 -67.43 -76.21
CA GLN F 128 -20.82 -67.82 -76.32
C GLN F 128 -21.74 -66.63 -76.15
N ALA F 129 -21.34 -65.64 -75.36
CA ALA F 129 -22.10 -64.40 -75.19
C ALA F 129 -21.86 -63.41 -76.33
N ASN F 130 -21.20 -63.84 -77.41
CA ASN F 130 -21.00 -63.00 -78.59
C ASN F 130 -20.13 -61.79 -78.27
N LYS F 131 -19.13 -61.98 -77.42
CA LYS F 131 -18.17 -60.93 -77.10
C LYS F 131 -16.80 -61.56 -76.88
N ALA F 132 -15.77 -60.72 -77.00
CA ALA F 132 -14.39 -61.16 -76.83
C ALA F 132 -13.55 -59.99 -76.34
N THR F 133 -12.81 -60.21 -75.26
CA THR F 133 -11.96 -59.18 -74.68
C THR F 133 -10.60 -59.79 -74.31
N LEU F 134 -9.54 -59.06 -74.62
CA LEU F 134 -8.18 -59.47 -74.30
C LEU F 134 -7.72 -58.77 -73.02
N VAL F 135 -7.23 -59.56 -72.07
CA VAL F 135 -6.80 -59.06 -70.77
C VAL F 135 -5.28 -59.12 -70.72
N CYS F 136 -4.64 -57.96 -70.66
CA CYS F 136 -3.18 -57.86 -70.55
C CYS F 136 -2.88 -57.20 -69.21
N LEU F 137 -2.31 -57.98 -68.29
CA LEU F 137 -2.06 -57.54 -66.92
C LEU F 137 -0.57 -57.30 -66.71
N ILE F 138 -0.25 -56.19 -66.03
CA ILE F 138 1.12 -55.77 -65.76
C ILE F 138 1.28 -55.63 -64.26
N SER F 139 2.34 -56.24 -63.71
CA SER F 139 2.52 -56.27 -62.26
C SER F 139 3.99 -56.13 -61.90
N ASP F 140 4.23 -55.56 -60.72
CA ASP F 140 5.56 -55.53 -60.10
C ASP F 140 6.57 -54.76 -60.96
N PHE F 141 6.17 -53.55 -61.37
CA PHE F 141 7.06 -52.63 -62.05
C PHE F 141 7.09 -51.32 -61.26
N TYR F 142 8.29 -50.84 -60.93
CA TYR F 142 8.37 -49.69 -60.04
C TYR F 142 8.12 -48.39 -60.78
N PRO F 143 8.89 -48.05 -61.80
CA PRO F 143 8.65 -46.79 -62.52
C PRO F 143 7.28 -46.78 -63.18
N GLY F 144 6.31 -46.15 -62.53
CA GLY F 144 4.94 -46.12 -63.02
C GLY F 144 4.77 -45.29 -64.27
N ALA F 145 5.29 -45.78 -65.40
CA ALA F 145 5.16 -45.09 -66.68
C ALA F 145 5.26 -46.08 -67.83
N VAL F 146 4.28 -46.96 -67.96
CA VAL F 146 4.26 -47.98 -69.00
C VAL F 146 3.33 -47.54 -70.11
N THR F 147 3.71 -47.82 -71.36
CA THR F 147 2.89 -47.55 -72.52
C THR F 147 2.51 -48.88 -73.15
N VAL F 148 1.20 -49.13 -73.26
CA VAL F 148 0.68 -50.40 -73.75
C VAL F 148 0.24 -50.23 -75.20
N ALA F 149 0.90 -50.94 -76.11
CA ALA F 149 0.54 -50.96 -77.51
C ALA F 149 0.10 -52.37 -77.89
N TRP F 150 -1.03 -52.47 -78.57
CA TRP F 150 -1.57 -53.76 -79.00
C TRP F 150 -1.22 -54.02 -80.45
N LYS F 151 -1.15 -55.30 -80.80
CA LYS F 151 -0.81 -55.72 -82.15
C LYS F 151 -1.69 -56.89 -82.56
N ALA F 152 -2.43 -56.72 -83.66
CA ALA F 152 -3.14 -57.82 -84.31
C ALA F 152 -2.31 -58.24 -85.51
N ASP F 153 -1.74 -59.43 -85.45
CA ASP F 153 -0.76 -59.90 -86.44
C ASP F 153 0.39 -58.90 -86.41
N SER F 154 0.75 -58.27 -87.53
CA SER F 154 1.76 -57.21 -87.54
C SER F 154 1.13 -55.83 -87.56
N SER F 155 -0.16 -55.72 -87.23
CA SER F 155 -0.89 -54.46 -87.33
C SER F 155 -1.28 -53.97 -85.95
N PRO F 156 -1.08 -52.68 -85.66
CA PRO F 156 -1.56 -52.14 -84.38
C PRO F 156 -3.07 -52.04 -84.35
N VAL F 157 -3.64 -52.30 -83.16
CA VAL F 157 -5.09 -52.30 -83.01
C VAL F 157 -5.64 -50.87 -82.98
N LYS F 158 -5.24 -50.10 -81.97
CA LYS F 158 -5.54 -48.67 -81.91
C LYS F 158 -7.00 -48.39 -81.61
N ALA F 159 -7.86 -49.40 -81.65
CA ALA F 159 -9.29 -49.22 -81.40
C ALA F 159 -9.75 -50.16 -80.30
N GLY F 160 -10.76 -49.71 -79.56
CA GLY F 160 -11.30 -50.51 -78.48
C GLY F 160 -10.30 -50.84 -77.39
N VAL F 161 -9.34 -49.95 -77.15
CA VAL F 161 -8.27 -50.18 -76.19
C VAL F 161 -8.56 -49.35 -74.94
N GLU F 162 -8.64 -50.02 -73.79
CA GLU F 162 -8.84 -49.38 -72.51
C GLU F 162 -7.72 -49.81 -71.57
N THR F 163 -7.07 -48.84 -70.93
CA THR F 163 -5.91 -49.11 -70.09
C THR F 163 -6.00 -48.28 -68.82
N THR F 164 -5.67 -48.91 -67.69
CA THR F 164 -5.69 -48.21 -66.41
C THR F 164 -4.44 -47.39 -66.22
N THR F 165 -4.57 -46.30 -65.45
CA THR F 165 -3.39 -45.60 -65.00
C THR F 165 -2.75 -46.39 -63.85
N PRO F 166 -1.42 -46.49 -63.83
CA PRO F 166 -0.77 -47.37 -62.85
C PRO F 166 -1.14 -47.02 -61.41
N SER F 167 -1.32 -48.04 -60.60
CA SER F 167 -1.64 -47.89 -59.18
C SER F 167 -0.71 -48.76 -58.35
N LYS F 168 -0.22 -48.20 -57.25
CA LYS F 168 0.68 -48.94 -56.38
C LYS F 168 -0.07 -50.05 -55.64
N GLN F 169 0.63 -51.13 -55.37
CA GLN F 169 0.09 -52.26 -54.63
C GLN F 169 0.82 -52.40 -53.29
N SER F 170 0.59 -53.52 -52.60
CA SER F 170 1.16 -53.70 -51.28
C SER F 170 2.68 -53.83 -51.33
N ASN F 171 3.23 -54.34 -52.43
CA ASN F 171 4.67 -54.48 -52.58
C ASN F 171 5.35 -53.16 -52.91
N ASN F 172 4.61 -52.05 -52.89
CA ASN F 172 5.09 -50.73 -53.27
C ASN F 172 5.49 -50.65 -54.73
N LYS F 173 5.21 -51.70 -55.51
CA LYS F 173 5.31 -51.65 -56.96
C LYS F 173 3.95 -51.28 -57.55
N TYR F 174 3.97 -50.76 -58.77
CA TYR F 174 2.74 -50.36 -59.42
C TYR F 174 2.10 -51.54 -60.15
N ALA F 175 0.86 -51.34 -60.57
CA ALA F 175 0.11 -52.40 -61.25
C ALA F 175 -0.86 -51.75 -62.23
N ALA F 176 -0.83 -52.21 -63.48
CA ALA F 176 -1.71 -51.70 -64.53
C ALA F 176 -2.24 -52.87 -65.35
N SER F 177 -3.41 -52.67 -65.94
CA SER F 177 -4.06 -53.69 -66.75
C SER F 177 -4.69 -53.03 -67.97
N SER F 178 -4.56 -53.69 -69.12
CA SER F 178 -5.11 -53.19 -70.37
C SER F 178 -6.16 -54.17 -70.89
N TYR F 179 -7.24 -53.62 -71.42
CA TYR F 179 -8.35 -54.40 -71.96
C TYR F 179 -8.58 -54.04 -73.42
N LEU F 180 -8.70 -55.06 -74.27
CA LEU F 180 -8.97 -54.87 -75.68
C LEU F 180 -10.28 -55.57 -76.02
N SER F 181 -11.31 -54.78 -76.31
CA SER F 181 -12.61 -55.33 -76.68
C SER F 181 -12.64 -55.67 -78.16
N LEU F 182 -13.06 -56.89 -78.48
CA LEU F 182 -13.15 -57.36 -79.85
C LEU F 182 -14.49 -58.04 -80.08
N THR F 183 -14.75 -58.36 -81.34
CA THR F 183 -15.86 -59.22 -81.74
C THR F 183 -15.36 -60.65 -81.93
N PRO F 184 -16.15 -61.65 -81.53
CA PRO F 184 -15.66 -63.04 -81.64
C PRO F 184 -15.21 -63.43 -83.03
N GLU F 185 -15.73 -62.76 -84.07
CA GLU F 185 -15.31 -63.08 -85.43
C GLU F 185 -13.94 -62.50 -85.76
N GLN F 186 -13.67 -61.28 -85.28
CA GLN F 186 -12.34 -60.70 -85.47
C GLN F 186 -11.27 -61.46 -84.69
N TRP F 187 -11.62 -61.98 -83.52
CA TRP F 187 -10.67 -62.79 -82.76
C TRP F 187 -10.33 -64.08 -83.50
N LYS F 188 -11.33 -64.72 -84.10
CA LYS F 188 -11.09 -65.93 -84.87
C LYS F 188 -10.40 -65.66 -86.20
N SER F 189 -10.48 -64.42 -86.70
CA SER F 189 -9.95 -64.10 -88.02
C SER F 189 -8.43 -64.13 -88.02
N HIS F 190 -7.79 -63.38 -87.14
CA HIS F 190 -6.36 -63.22 -87.18
C HIS F 190 -5.63 -64.46 -86.66
N LYS F 191 -4.34 -64.53 -86.97
CA LYS F 191 -3.52 -65.65 -86.51
C LYS F 191 -3.25 -65.55 -85.01
N SER F 192 -2.74 -64.41 -84.57
CA SER F 192 -2.32 -64.23 -83.18
C SER F 192 -2.45 -62.77 -82.79
N TYR F 193 -2.64 -62.55 -81.49
CA TYR F 193 -2.74 -61.20 -80.93
C TYR F 193 -1.61 -60.99 -79.92
N SER F 194 -0.99 -59.83 -79.99
CA SER F 194 0.17 -59.51 -79.16
C SER F 194 -0.13 -58.28 -78.30
N CYS F 195 0.44 -58.28 -77.09
CA CYS F 195 0.35 -57.15 -76.17
C CYS F 195 1.77 -56.67 -75.90
N GLN F 196 2.08 -55.45 -76.36
CA GLN F 196 3.39 -54.85 -76.17
C GLN F 196 3.33 -53.87 -75.01
N VAL F 197 4.19 -54.08 -74.02
CA VAL F 197 4.29 -53.21 -72.85
C VAL F 197 5.69 -52.62 -72.84
N THR F 198 5.79 -51.32 -73.06
CA THR F 198 7.05 -50.59 -73.04
C THR F 198 7.24 -49.97 -71.66
N HIS F 199 8.33 -50.35 -70.98
CA HIS F 199 8.63 -49.87 -69.65
C HIS F 199 10.03 -49.27 -69.66
N GLU F 200 10.13 -47.96 -69.43
CA GLU F 200 11.39 -47.22 -69.54
C GLU F 200 11.84 -47.38 -71.00
N GLY F 201 13.06 -47.85 -71.26
CA GLY F 201 13.50 -48.05 -72.62
C GLY F 201 13.16 -49.44 -73.13
N SER F 202 12.90 -50.36 -72.21
CA SER F 202 12.64 -51.75 -72.56
C SER F 202 11.21 -51.93 -73.04
N THR F 203 10.95 -53.10 -73.63
CA THR F 203 9.63 -53.44 -74.14
C THR F 203 9.44 -54.95 -74.10
N VAL F 204 8.34 -55.39 -73.51
CA VAL F 204 8.02 -56.80 -73.39
C VAL F 204 6.74 -57.08 -74.18
N GLU F 205 6.72 -58.21 -74.89
CA GLU F 205 5.61 -58.56 -75.76
C GLU F 205 5.15 -59.98 -75.46
N LYS F 206 3.85 -60.15 -75.27
CA LYS F 206 3.23 -61.47 -75.09
C LYS F 206 2.21 -61.69 -76.20
N THR F 207 2.13 -62.92 -76.69
CA THR F 207 1.29 -63.26 -77.83
C THR F 207 0.42 -64.47 -77.51
N VAL F 208 -0.85 -64.38 -77.88
CA VAL F 208 -1.81 -65.46 -77.71
C VAL F 208 -2.56 -65.66 -79.01
N ALA F 209 -2.92 -66.91 -79.29
CA ALA F 209 -3.56 -67.28 -80.54
C ALA F 209 -4.80 -68.13 -80.27
N PRO F 210 -5.79 -68.06 -81.17
CA PRO F 210 -7.00 -68.87 -80.98
C PRO F 210 -6.72 -70.35 -81.15
N THR F 211 -7.52 -71.16 -80.47
CA THR F 211 -7.40 -72.61 -80.54
C THR F 211 -7.94 -73.15 -81.86
C1 NAG G . 12.45 33.01 33.36
C2 NAG G . 12.30 32.93 34.89
C3 NAG G . 11.34 31.81 35.27
C4 NAG G . 10.01 31.99 34.55
C5 NAG G . 10.25 32.04 33.04
C6 NAG G . 8.99 32.27 32.23
C7 NAG G . 14.47 33.71 35.78
C8 NAG G . 15.71 33.30 36.51
N2 NAG G . 13.58 32.72 35.55
O3 NAG G . 11.14 31.84 36.68
O4 NAG G . 9.12 30.94 34.93
O5 NAG G . 11.14 33.14 32.75
O6 NAG G . 9.14 31.85 30.89
O7 NAG G . 14.29 34.86 35.40
C1 NAG G . 8.02 31.59 35.66
C2 NAG G . 7.19 30.53 36.36
C3 NAG G . 6.00 31.17 37.06
C4 NAG G . 6.39 32.38 37.90
C5 NAG G . 7.41 33.29 37.19
C6 NAG G . 8.06 34.32 38.11
C7 NAG G . 6.31 29.57 34.21
C8 NAG G . 5.91 28.31 33.52
N2 NAG G . 6.77 29.44 35.47
O3 NAG G . 5.37 30.18 37.86
O4 NAG G . 5.21 33.16 38.07
O5 NAG G . 8.49 32.54 36.61
O6 NAG G . 7.17 34.95 39.02
O7 NAG G . 6.19 30.67 33.66
C1 BMA G . 4.57 33.30 39.39
C2 BMA G . 4.46 32.00 40.21
C3 BMA G . 3.51 32.28 41.36
C4 BMA G . 4.07 33.41 42.22
C5 BMA G . 4.39 34.60 41.32
C6 BMA G . 5.01 35.72 42.15
O2 BMA G . 5.71 31.62 40.80
O3 BMA G . 3.30 31.05 42.09
O4 BMA G . 3.09 33.82 43.18
O5 BMA G . 5.28 34.24 40.25
O6 BMA G . 3.97 36.21 43.00
C1 MAN G . 1.92 30.96 42.59
C2 MAN G . 1.73 29.67 43.40
C3 MAN G . 1.79 28.42 42.49
C4 MAN G . 0.81 28.59 41.32
C5 MAN G . 1.10 29.91 40.61
C6 MAN G . 0.17 30.14 39.43
O2 MAN G . 0.50 29.73 44.13
O3 MAN G . 1.47 27.24 43.24
O4 MAN G . 0.88 27.48 40.42
O5 MAN G . 0.93 30.98 41.54
O6 MAN G . 0.37 31.45 38.89
C1 MAN G . 4.05 37.62 43.27
C2 MAN G . 2.90 37.98 44.21
C3 MAN G . 1.57 37.73 43.51
C4 MAN G . 1.52 38.50 42.19
C5 MAN G . 2.74 38.15 41.35
C6 MAN G . 2.79 38.91 40.02
O2 MAN G . 3.03 39.35 44.63
O3 MAN G . 0.48 38.12 44.35
O4 MAN G . 0.31 38.23 41.46
O5 MAN G . 3.92 38.44 42.10
O6 MAN G . 3.20 40.27 40.21
C1 NAG H . 17.81 20.56 25.85
C2 NAG H . 19.33 20.52 25.84
C3 NAG H . 19.85 19.81 27.10
C4 NAG H . 19.22 20.42 28.34
C5 NAG H . 17.71 20.43 28.19
C6 NAG H . 16.99 21.05 29.35
C7 NAG H . 20.42 20.48 23.66
C8 NAG H . 20.83 19.64 22.50
N2 NAG H . 19.82 19.84 24.65
O3 NAG H . 21.26 19.89 27.16
O4 NAG H . 19.58 19.69 29.51
O5 NAG H . 17.35 21.18 27.02
O6 NAG H . 16.22 20.04 29.99
O7 NAG H . 20.62 21.70 23.69
C1 NAG H . 20.26 20.62 30.35
C2 NAG H . 20.17 20.21 31.83
C3 NAG H . 21.03 21.12 32.69
C4 NAG H . 22.44 21.22 32.13
C5 NAG H . 22.39 21.64 30.67
C6 NAG H . 23.76 21.69 30.02
C7 NAG H . 18.00 19.15 32.32
C8 NAG H . 16.63 19.35 32.91
N2 NAG H . 18.80 20.22 32.32
O3 NAG H . 21.05 20.59 34.01
O4 NAG H . 23.19 22.17 32.87
O5 NAG H . 21.62 20.67 29.94
O6 NAG H . 24.33 20.40 29.97
O7 NAG H . 18.34 18.08 31.83
C1 BMA H . 24.17 21.42 33.62
C2 BMA H . 25.06 22.38 34.39
C3 BMA H . 26.14 21.59 35.12
C4 BMA H . 25.50 20.56 36.04
C5 BMA H . 24.57 19.73 35.17
C6 BMA H . 23.93 18.65 36.00
O2 BMA H . 24.29 23.10 35.36
O3 BMA H . 26.91 22.54 35.86
O4 BMA H . 26.51 19.70 36.57
O5 BMA H . 23.56 20.55 34.58
O6 BMA H . 23.70 17.55 35.12
C1 MAN H . 24.84 17.11 34.34
C2 MAN H . 24.24 16.09 33.36
C3 MAN H . 23.58 15.08 34.32
C4 MAN H . 24.55 14.54 35.38
C5 MAN H . 25.34 15.61 36.08
C6 MAN H . 26.52 14.89 36.73
O2 MAN H . 25.12 15.62 32.28
O3 MAN H . 22.87 14.07 33.58
O4 MAN H . 23.79 13.93 36.42
O5 MAN H . 25.88 16.51 35.11
O6 MAN H . 26.14 13.51 36.85
C1 MAN H . 25.62 14.24 32.36
C2 MAN H . 26.93 14.01 31.58
C3 MAN H . 26.72 14.05 30.07
C4 MAN H . 25.58 13.13 29.67
C5 MAN H . 24.34 13.46 30.46
C6 MAN H . 23.21 12.53 30.06
O2 MAN H . 27.45 12.72 31.97
O3 MAN H . 27.92 13.60 29.44
O4 MAN H . 25.32 13.16 28.26
O5 MAN H . 24.66 13.29 31.85
O6 MAN H . 23.17 11.36 30.88
C1 MAN H . 26.85 12.79 37.89
C2 MAN H . 26.32 11.35 37.95
C3 MAN H . 24.85 11.36 38.37
C4 MAN H . 24.67 12.12 39.67
C5 MAN H . 25.32 13.49 39.52
C6 MAN H . 25.21 14.33 40.78
O2 MAN H . 27.07 10.56 38.88
O3 MAN H . 24.36 10.02 38.49
O4 MAN H . 23.27 12.26 39.90
O5 MAN H . 26.69 13.35 39.20
O6 MAN H . 23.96 15.03 40.76
C1 MAN H . 28.30 22.48 35.51
C2 MAN H . 28.99 23.57 36.32
C3 MAN H . 28.44 24.92 35.88
C4 MAN H . 28.67 25.12 34.38
C5 MAN H . 28.05 23.94 33.63
C6 MAN H . 28.27 24.04 32.12
O2 MAN H . 30.40 23.50 36.06
O3 MAN H . 29.10 25.96 36.61
O4 MAN H . 28.04 26.34 33.97
O5 MAN H . 28.62 22.73 34.14
O6 MAN H . 27.26 24.87 31.52
C1 NAG I . -5.04 -2.85 -41.37
C2 NAG I . -4.48 -4.24 -41.64
C3 NAG I . -3.62 -4.20 -42.90
C4 NAG I . -4.41 -3.66 -44.07
C5 NAG I . -5.05 -2.30 -43.71
C6 NAG I . -5.99 -1.79 -44.78
C7 NAG I . -4.15 -5.79 -39.78
C8 NAG I . -3.25 -6.20 -38.65
N2 NAG I . -3.73 -4.75 -40.51
O3 NAG I . -3.14 -5.52 -43.17
O4 NAG I . -3.54 -3.47 -45.19
O5 NAG I . -5.80 -2.40 -42.49
O6 NAG I . -6.99 -2.74 -45.10
O7 NAG I . -5.20 -6.37 -40.02
C1 NAG I . -3.60 -4.53 -46.16
C2 NAG I . -2.69 -4.11 -47.33
C3 NAG I . -2.60 -5.21 -48.38
C4 NAG I . -2.21 -6.54 -47.74
C5 NAG I . -3.18 -6.86 -46.61
C6 NAG I . -2.83 -8.13 -45.88
C7 NAG I . -2.41 -1.78 -48.04
C8 NAG I . -3.07 -0.59 -48.68
N2 NAG I . -3.17 -2.87 -47.93
O3 NAG I . -1.63 -4.85 -49.36
O4 NAG I . -2.23 -7.59 -48.70
O5 NAG I . -3.16 -5.81 -45.65
O6 NAG I . -4.00 -8.83 -45.45
O7 NAG I . -1.26 -1.74 -47.64
C1 NAG J . -3.52 15.21 14.63
C2 NAG J . -3.26 15.57 16.09
C3 NAG J . -4.42 16.39 16.65
C4 NAG J . -4.69 17.60 15.78
C5 NAG J . -4.89 17.16 14.33
C6 NAG J . -5.09 18.30 13.36
C7 NAG J . -1.80 13.92 17.16
C8 NAG J . -1.73 12.69 18.01
N2 NAG J . -3.02 14.39 16.90
O3 NAG J . -4.09 16.79 17.98
O4 NAG J . -5.88 18.28 16.18
O5 NAG J . -3.75 16.40 13.86
O6 NAG J . -5.84 17.89 12.22
O7 NAG J . -0.78 14.46 16.72
C1 NAG J . -5.88 19.08 17.39
C2 NAG J . -5.50 20.58 17.14
C3 NAG J . -5.95 21.54 18.29
C4 NAG J . -7.35 21.21 18.79
C5 NAG J . -7.37 19.75 19.18
C6 NAG J . -8.66 19.30 19.83
C7 NAG J . -3.01 20.56 17.61
C8 NAG J . -3.24 20.05 19.01
N2 NAG J . -4.08 20.76 16.82
O3 NAG J . -5.88 22.89 17.83
O4 NAG J . -7.65 22.01 19.94
O5 NAG J . -7.20 18.98 17.97
O6 NAG J . -8.80 19.78 21.16
O7 NAG J . -1.87 20.77 17.20
C1 BMA J . -8.57 23.07 19.61
C2 BMA J . -9.70 23.08 20.64
C3 BMA J . -10.67 24.23 20.36
C4 BMA J . -9.89 25.53 20.23
C5 BMA J . -8.82 25.36 19.16
C6 BMA J . -8.13 26.69 18.90
O2 BMA J . -9.14 23.19 21.96
O3 BMA J . -11.59 24.33 21.44
O4 BMA J . -10.72 26.69 19.96
O5 BMA J . -7.92 24.34 19.60
O6 BMA J . -6.73 26.49 18.64
C1 MAN J . -12.90 24.70 20.97
C2 MAN J . -13.64 25.41 22.10
C3 MAN J . -13.72 24.45 23.29
C4 MAN J . -14.37 23.14 22.86
C5 MAN J . -13.66 22.59 21.62
C6 MAN J . -14.40 21.35 21.10
O2 MAN J . -14.94 25.80 21.65
O3 MAN J . -14.40 25.09 24.39
O4 MAN J . -14.27 22.17 23.91
O5 MAN J . -13.67 23.56 20.57
O6 MAN J . -13.88 20.93 19.83
C1 MAN J . -6.00 27.45 19.46
C2 MAN J . -4.64 27.69 18.79
C3 MAN J . -3.83 26.39 18.76
C4 MAN J . -3.78 25.80 20.16
C5 MAN J . -5.19 25.68 20.76
C6 MAN J . -5.16 25.11 22.17
O2 MAN J . -3.94 28.70 19.52
O3 MAN J . -2.52 26.65 18.24
O4 MAN J . -3.16 24.50 20.09
O5 MAN J . -5.79 26.98 20.79
O6 MAN J . -5.12 23.68 22.08
C1 NAG K . 15.13 11.18 16.07
C2 NAG K . 14.85 9.67 16.17
C3 NAG K . 15.92 8.89 15.37
C4 NAG K . 16.33 9.60 14.06
C5 NAG K . 16.30 11.12 14.14
C6 NAG K . 16.47 11.82 12.82
C7 NAG K . 15.59 9.57 18.58
C8 NAG K . 15.42 8.81 19.83
N2 NAG K . 14.84 9.16 17.55
O3 NAG K . 15.47 7.57 15.07
O4 NAG K . 17.71 9.31 13.86
O5 NAG K . 15.08 11.56 14.74
O6 NAG K . 16.71 10.88 11.78
O7 NAG K . 16.35 10.52 18.51
C1 NAG K . 17.99 8.22 13.00
C2 NAG K . 19.38 8.60 12.48
C3 NAG K . 20.02 7.49 11.68
C4 NAG K . 19.92 6.14 12.39
C5 NAG K . 18.48 5.89 12.88
C6 NAG K . 18.37 4.66 13.80
C7 NAG K . 20.04 10.92 11.94
C8 NAG K . 19.87 12.06 10.99
N2 NAG K . 19.29 9.83 11.68
O3 NAG K . 21.38 7.82 11.51
O4 NAG K . 20.22 5.10 11.47
O5 NAG K . 18.07 7.03 13.67
O6 NAG K . 18.34 3.44 13.07
O7 NAG K . 20.82 10.96 12.88
C1 BMA K . 21.59 4.68 11.56
C2 BMA K . 22.01 4.17 10.18
C3 BMA K . 23.43 3.64 10.25
C4 BMA K . 24.33 4.72 10.83
C5 BMA K . 23.80 5.28 12.14
C6 BMA K . 24.64 6.48 12.56
O2 BMA K . 21.92 5.26 9.24
O3 BMA K . 23.89 3.29 8.94
O4 BMA K . 25.64 4.18 11.08
O5 BMA K . 22.47 5.74 11.92
O6 BMA K . 24.80 7.41 11.46
C1 NAG L . 9.69 1.34 -10.68
C2 NAG L . 9.36 1.99 -12.01
C3 NAG L . 9.82 1.08 -13.15
C4 NAG L . 11.27 0.69 -12.97
C5 NAG L . 11.55 0.22 -11.54
C6 NAG L . 13.02 0.07 -11.22
C7 NAG L . 7.42 3.10 -13.00
C8 NAG L . 5.93 3.28 -12.93
N2 NAG L . 7.94 2.27 -12.10
O3 NAG L . 9.63 1.74 -14.40
O4 NAG L . 11.55 -0.38 -13.86
O5 NAG L . 11.04 1.16 -10.59
O6 NAG L . 13.75 1.19 -11.72
O7 NAG L . 8.10 3.69 -13.83
C1 NAG L . 12.75 -0.05 -14.57
C2 NAG L . 13.46 -1.35 -14.92
C3 NAG L . 14.75 -1.04 -15.65
C4 NAG L . 14.48 -0.17 -16.86
C5 NAG L . 13.66 1.06 -16.48
C6 NAG L . 13.22 1.88 -17.67
C7 NAG L . 12.88 -3.13 -13.33
C8 NAG L . 13.29 -3.86 -12.09
N2 NAG L . 13.70 -2.16 -13.74
O3 NAG L . 15.39 -2.27 -16.02
O4 NAG L . 15.71 0.31 -17.41
O5 NAG L . 12.47 0.68 -15.77
O6 NAG L . 12.66 1.05 -18.69
O7 NAG L . 11.85 -3.41 -13.93
C1 BMA L . 16.07 -0.51 -18.53
C2 BMA L . 16.96 0.36 -19.38
C3 BMA L . 17.48 -0.40 -20.59
C4 BMA L . 18.08 -1.73 -20.14
C5 BMA L . 17.08 -2.49 -19.26
C6 BMA L . 17.55 -3.84 -18.70
O2 BMA L . 18.07 0.79 -18.58
O3 BMA L . 18.46 0.47 -21.17
O4 BMA L . 18.50 -2.51 -21.28
O5 BMA L . 16.77 -1.67 -18.14
O6 BMA L . 18.72 -4.37 -19.36
C1 MAN L . 18.12 0.91 -22.50
C2 MAN L . 19.30 1.77 -22.98
C3 MAN L . 19.42 3.00 -22.09
C4 MAN L . 18.10 3.79 -22.16
C5 MAN L . 16.92 2.89 -21.77
C6 MAN L . 15.60 3.62 -21.96
O2 MAN L . 19.07 2.15 -24.37
O3 MAN L . 20.55 3.80 -22.48
O4 MAN L . 18.14 4.96 -21.33
O5 MAN L . 16.93 1.72 -22.61
O6 MAN L . 15.46 4.10 -23.31
C1 MAN L . 19.87 -4.31 -18.48
C2 MAN L . 21.12 -4.76 -19.25
C3 MAN L . 21.00 -6.22 -19.66
C4 MAN L . 20.72 -7.08 -18.43
C5 MAN L . 19.52 -6.53 -17.67
C6 MAN L . 19.29 -7.32 -16.38
O2 MAN L . 22.28 -4.55 -18.42
O3 MAN L . 22.20 -6.64 -20.30
O4 MAN L . 20.52 -8.46 -18.80
O5 MAN L . 19.78 -5.16 -17.33
O6 MAN L . 18.27 -6.71 -15.57
C1 NAG M . 6.60 -9.80 -9.52
C2 NAG M . 6.16 -11.13 -8.88
C3 NAG M . 7.23 -11.65 -7.91
C4 NAG M . 8.63 -11.58 -8.51
C5 NAG M . 8.88 -10.23 -9.16
C6 NAG M . 10.19 -10.15 -9.90
C7 NAG M . 3.69 -11.20 -8.72
C8 NAG M . 3.68 -11.67 -10.15
N2 NAG M . 4.89 -10.95 -8.18
O3 NAG M . 6.92 -13.00 -7.57
O4 NAG M . 9.59 -11.72 -7.47
O5 NAG M . 7.86 -9.95 -10.12
O6 NAG M . 10.02 -10.35 -11.29
O7 NAG M . 2.65 -11.03 -8.09
C1 NAG M . 10.21 -13.02 -7.36
C2 NAG M . 11.69 -12.85 -7.11
C3 NAG M . 12.35 -14.21 -6.98
C4 NAG M . 11.74 -14.96 -5.80
C5 NAG M . 10.21 -15.06 -5.94
C6 NAG M . 9.52 -15.53 -4.68
C7 NAG M . 12.70 -12.39 -9.35
C8 NAG M . 13.43 -11.35 -10.16
N2 NAG M . 12.36 -12.02 -8.10
O3 NAG M . 13.76 -14.03 -6.83
O4 NAG M . 12.26 -16.29 -5.71
O5 NAG M . 9.61 -13.79 -6.27
O6 NAG M . 10.15 -16.68 -4.12
O7 NAG M . 12.43 -13.50 -9.80
C1 BMA M . 13.53 -16.34 -5.01
C2 BMA M . 13.31 -16.72 -3.54
C3 BMA M . 14.65 -16.70 -2.82
C4 BMA M . 15.66 -17.58 -3.57
C5 BMA M . 15.73 -17.16 -5.03
C6 BMA M . 16.73 -18.03 -5.82
O2 BMA M . 12.70 -18.01 -3.45
O3 BMA M . 14.49 -17.19 -1.48
O4 BMA M . 16.96 -17.48 -2.96
O5 BMA M . 14.42 -17.31 -5.61
O6 BMA M . 16.39 -19.41 -5.70
C1 NAG N . 9.04 -9.21 -31.96
C2 NAG N . 9.79 -10.54 -32.06
C3 NAG N . 11.15 -10.33 -32.71
C4 NAG N . 11.02 -9.58 -34.03
C5 NAG N . 10.13 -8.33 -33.89
C6 NAG N . 9.80 -7.70 -35.22
C7 NAG N . 8.92 -11.84 -30.17
C8 NAG N . 9.24 -12.45 -28.83
N2 NAG N . 9.92 -11.19 -30.77
O3 NAG N . 11.78 -11.58 -32.91
O4 NAG N . 12.30 -9.12 -34.44
O5 NAG N . 8.89 -8.65 -33.26
O6 NAG N . 9.71 -6.29 -35.12
O7 NAG N . 7.80 -11.91 -30.66
C1 NAG N . 12.72 -9.78 -35.64
C2 NAG N . 13.62 -8.80 -36.43
C3 NAG N . 14.22 -9.49 -37.65
C4 NAG N . 14.90 -10.80 -37.25
C5 NAG N . 13.89 -11.68 -36.52
C6 NAG N . 14.46 -13.00 -36.05
C7 NAG N . 13.08 -6.41 -36.25
C8 NAG N . 14.11 -6.35 -35.16
N2 NAG N . 12.89 -7.61 -36.82
O3 NAG N . 15.15 -8.61 -38.28
O4 NAG N . 15.46 -11.48 -38.37
O5 NAG N . 13.44 -10.99 -35.35
O6 NAG N . 13.53 -14.05 -36.18
O7 NAG N . 12.45 -5.42 -36.61
C1 BMA N . 16.90 -11.28 -38.28
C2 BMA N . 17.66 -12.61 -38.39
C3 BMA N . 19.16 -12.36 -38.18
C4 BMA N . 19.61 -11.26 -39.17
C5 BMA N . 18.72 -10.03 -39.02
C6 BMA N . 19.13 -8.91 -39.98
O2 BMA N . 17.42 -13.17 -39.69
O3 BMA N . 19.93 -13.60 -38.26
O4 BMA N . 20.96 -10.80 -38.99
O5 BMA N . 17.36 -10.39 -39.30
O6 BMA N . 20.51 -8.57 -39.77
C1 MAN N . 21.17 -13.37 -37.51
C2 MAN N . 22.39 -13.94 -38.28
C3 MAN N . 22.46 -15.46 -38.24
C4 MAN N . 22.38 -15.92 -36.78
C5 MAN N . 21.09 -15.38 -36.12
C6 MAN N . 20.92 -15.88 -34.68
O2 MAN N . 23.59 -13.37 -37.74
O3 MAN N . 23.69 -15.91 -38.84
O4 MAN N . 22.51 -17.35 -36.64
O5 MAN N . 21.18 -13.95 -36.17
O6 MAN N . 21.35 -17.25 -34.56
C1 NAG O . -21.33 0.18 -4.07
C2 NAG O . -21.70 1.44 -4.85
C3 NAG O . -23.24 1.57 -4.88
C4 NAG O . -23.89 0.29 -5.40
C5 NAG O . -23.32 -0.96 -4.70
C6 NAG O . -23.78 -2.25 -5.34
C7 NAG O . -20.03 3.21 -4.84
C8 NAG O . -19.51 4.43 -4.12
N2 NAG O . -21.10 2.64 -4.29
O3 NAG O . -23.59 2.69 -5.69
O4 NAG O . -25.29 0.31 -5.15
O5 NAG O . -21.88 -0.98 -4.73
O6 NAG O . -25.19 -2.41 -5.22
O7 NAG O . -19.51 2.79 -5.86
C1 NAG O . -26.11 0.75 -6.27
C2 NAG O . -27.55 0.19 -6.18
C3 NAG O . -28.43 0.77 -7.29
C4 NAG O . -28.33 2.29 -7.36
C5 NAG O . -26.86 2.70 -7.45
C6 NAG O . -26.66 4.20 -7.46
C7 NAG O . -28.62 -2.04 -6.08
C8 NAG O . -28.40 -3.51 -6.22
N2 NAG O . -27.54 -1.26 -6.24
O3 NAG O . -29.79 0.39 -7.07
O4 NAG O . -29.00 2.78 -8.51
O5 NAG O . -26.15 2.19 -6.31
O6 NAG O . -27.23 4.80 -8.61
O7 NAG O . -29.72 -1.57 -5.86
C1 BMA O . -30.37 3.23 -8.24
C2 BMA O . -30.38 4.25 -7.07
C3 BMA O . -31.83 4.63 -6.73
C4 BMA O . -32.54 5.10 -8.01
C5 BMA O . -32.38 4.06 -9.14
C6 BMA O . -33.01 4.57 -10.43
O2 BMA O . -29.62 5.42 -7.40
O3 BMA O . -31.85 5.64 -5.71
O4 BMA O . -33.93 5.37 -7.77
O5 BMA O . -30.99 3.84 -9.39
O6 BMA O . -34.34 5.04 -10.14
C1 NAG P . -14.06 -3.81 -14.34
C2 NAG P . -15.02 -3.28 -15.40
C3 NAG P . -16.47 -3.40 -14.90
C4 NAG P . -16.78 -4.80 -14.40
C5 NAG P . -15.71 -5.27 -13.42
C6 NAG P . -15.86 -6.71 -13.01
C7 NAG P . -15.32 -1.17 -16.66
C8 NAG P . -14.82 0.24 -16.84
N2 NAG P . -14.70 -1.89 -15.73
O3 NAG P . -17.37 -3.08 -15.96
O4 NAG P . -18.05 -4.75 -13.74
O5 NAG P . -14.40 -5.15 -14.01
O6 NAG P . -14.76 -7.50 -13.48
O7 NAG P . -16.25 -1.60 -17.32
C1 NAG P . -19.02 -5.83 -13.96
C2 NAG P . -20.35 -5.23 -14.45
C3 NAG P . -21.40 -6.33 -14.66
C4 NAG P . -20.87 -7.53 -15.43
C5 NAG P . -19.46 -7.94 -14.98
C6 NAG P . -18.78 -8.93 -15.89
C7 NAG P . -20.41 -2.95 -13.47
C8 NAG P . -21.04 -2.08 -12.43
N2 NAG P . -20.83 -4.22 -13.51
O3 NAG P . -22.52 -5.75 -15.33
O4 NAG P . -21.76 -8.64 -15.27
O5 NAG P . -18.58 -6.80 -14.90
O6 NAG P . -19.00 -10.27 -15.46
O7 NAG P . -19.55 -2.53 -14.25
C1 BMA P . -22.67 -9.23 -16.23
C2 BMA P . -22.55 -10.68 -15.78
C3 BMA P . -22.85 -11.61 -16.94
C4 BMA P . -24.20 -11.25 -17.55
C5 BMA P . -24.23 -9.76 -17.89
C6 BMA P . -25.57 -9.37 -18.50
O2 BMA P . -23.47 -10.93 -14.71
O3 BMA P . -22.88 -12.96 -16.47
O4 BMA P . -24.41 -12.03 -18.74
O5 BMA P . -24.01 -9.02 -16.70
O6 BMA P . -25.80 -10.13 -19.69
C1 MAN P . -24.15 -13.20 -15.83
C2 MAN P . -23.94 -14.02 -14.56
C3 MAN P . -23.45 -15.42 -14.91
C4 MAN P . -24.37 -16.06 -15.93
C5 MAN P . -24.57 -15.14 -17.13
C6 MAN P . -25.54 -15.75 -18.13
O2 MAN P . -25.16 -14.11 -13.83
O3 MAN P . -23.42 -16.22 -13.72
O4 MAN P . -23.81 -17.31 -16.37
O5 MAN P . -25.07 -13.88 -16.68
O6 MAN P . -25.69 -14.87 -19.25
C1 NAG Q . -13.09 -10.69 -5.45
C2 NAG Q . -13.86 -11.99 -5.51
C3 NAG Q . -12.89 -13.16 -5.62
C4 NAG Q . -12.00 -12.96 -6.83
C5 NAG Q . -11.34 -11.57 -6.84
C6 NAG Q . -10.63 -11.29 -8.14
C7 NAG Q . -16.04 -11.96 -4.38
C8 NAG Q . -16.62 -11.57 -5.72
N2 NAG Q . -14.72 -12.15 -4.34
O3 NAG Q . -13.62 -14.36 -5.76
O4 NAG Q . -10.99 -13.96 -6.84
O5 NAG Q . -12.32 -10.54 -6.66
O6 NAG Q . -11.23 -11.95 -9.24
O7 NAG Q . -16.74 -12.10 -3.38
C1 NAG Q . -11.33 -14.92 -7.87
C2 NAG Q . -10.19 -15.93 -7.80
C3 NAG Q . -10.40 -17.01 -8.88
C4 NAG Q . -11.82 -17.59 -8.77
C5 NAG Q . -12.86 -16.48 -8.70
C6 NAG Q . -14.27 -16.98 -8.43
C7 NAG Q . -7.75 -15.50 -7.49
C8 NAG Q . -6.67 -14.50 -7.80
N2 NAG Q . -8.95 -15.21 -8.01
O3 NAG Q . -9.45 -18.05 -8.70
O4 NAG Q . -12.12 -18.39 -9.92
O5 NAG Q . -12.55 -15.58 -7.64
O6 NAG Q . -15.19 -15.90 -8.43
O7 NAG Q . -7.52 -16.55 -6.87
C1 BMA Q . -12.41 -19.75 -9.55
C2 BMA Q . -13.72 -20.21 -10.20
C3 BMA Q . -14.01 -21.68 -9.86
C4 BMA Q . -12.76 -22.51 -10.15
C5 BMA Q . -11.51 -21.91 -9.52
C6 BMA Q . -10.29 -22.62 -10.07
O2 BMA Q . -13.64 -20.03 -11.62
O3 BMA Q . -15.06 -22.22 -10.68
O4 BMA Q . -12.94 -23.85 -9.68
O5 BMA Q . -11.35 -20.58 -10.00
O6 BMA Q . -9.53 -23.25 -9.03
C1 MAN Q . -16.33 -21.57 -10.48
C2 MAN Q . -17.46 -22.61 -10.44
C3 MAN Q . -17.57 -23.33 -11.78
C4 MAN Q . -17.71 -22.30 -12.90
C5 MAN Q . -16.57 -21.29 -12.81
C6 MAN Q . -16.64 -20.26 -13.92
O2 MAN Q . -18.70 -21.98 -10.13
O3 MAN Q . -18.72 -24.18 -11.77
O4 MAN Q . -17.69 -22.96 -14.18
O5 MAN Q . -16.64 -20.65 -11.53
O6 MAN Q . -17.69 -19.32 -13.64
C1 MAN Q . -9.50 -24.66 -9.32
C2 MAN Q . -8.83 -25.41 -8.17
C3 MAN Q . -7.36 -25.03 -8.06
C4 MAN Q . -6.66 -25.24 -9.40
C5 MAN Q . -7.41 -24.47 -10.47
C6 MAN Q . -6.77 -24.65 -11.84
O2 MAN Q . -8.95 -26.82 -8.39
O3 MAN Q . -6.73 -25.83 -7.05
O4 MAN Q . -5.29 -24.80 -9.33
O5 MAN Q . -8.76 -24.98 -10.51
O6 MAN Q . -7.49 -23.90 -12.83
C1 NAG R . 3.37 -15.13 -11.59
C2 NAG R . 3.57 -16.60 -12.05
C3 NAG R . 5.06 -16.99 -11.97
C4 NAG R . 5.94 -15.93 -12.61
C5 NAG R . 5.63 -14.58 -11.97
C6 NAG R . 6.51 -13.47 -12.49
C7 NAG R . 2.15 -18.59 -11.70
C8 NAG R . 2.36 -18.90 -13.16
N2 NAG R . 2.77 -17.49 -11.24
O3 NAG R . 5.26 -18.24 -12.63
O4 NAG R . 7.32 -16.20 -12.45
O5 NAG R . 4.27 -14.27 -12.27
O6 NAG R . 6.08 -12.19 -12.04
O7 NAG R . 1.46 -19.30 -10.99
C1 NAG R . 7.83 -16.63 -13.71
C2 NAG R . 9.30 -16.23 -13.85
C3 NAG R . 9.93 -16.83 -15.11
C4 NAG R . 9.72 -18.34 -15.13
C5 NAG R . 8.22 -18.62 -15.05
C6 NAG R . 7.87 -20.09 -15.07
C7 NAG R . 9.14 -13.79 -14.54
C8 NAG R . 8.29 -14.13 -15.73
N2 NAG R . 9.56 -14.79 -13.74
O3 NAG R . 11.32 -16.52 -15.17
O4 NAG R . 10.26 -18.92 -16.30
O5 NAG R . 7.69 -18.07 -13.84
O6 NAG R . 6.63 -20.32 -15.73
O7 NAG R . 9.46 -12.62 -14.30
C1 BMA R . 11.53 -19.50 -15.99
C2 BMA R . 12.22 -19.85 -17.30
C3 BMA R . 13.59 -20.46 -17.00
C4 BMA R . 14.39 -19.53 -16.10
C5 BMA R . 13.58 -19.19 -14.85
C6 BMA R . 14.32 -18.19 -13.98
O2 BMA R . 12.35 -18.65 -18.08
O3 BMA R . 14.29 -20.63 -18.24
O4 BMA R . 15.66 -20.09 -15.74
O5 BMA R . 12.37 -18.58 -15.29
O6 BMA R . 14.43 -16.95 -14.70
C1 MAN R . 15.04 -15.95 -13.85
C2 MAN R . 14.08 -14.76 -13.63
C3 MAN R . 13.84 -14.02 -14.95
C4 MAN R . 15.17 -13.68 -15.62
C5 MAN R . 16.08 -14.92 -15.72
C6 MAN R . 17.44 -14.58 -16.32
O2 MAN R . 14.62 -13.87 -12.64
O3 MAN R . 13.04 -12.84 -14.72
O4 MAN R . 14.93 -13.10 -16.91
O5 MAN R . 16.27 -15.46 -14.41
O6 MAN R . 17.26 -13.85 -17.53
C1 NAG S . 11.25 -2.46 -4.45
C2 NAG S . 12.25 -1.67 -3.60
C3 NAG S . 13.67 -2.14 -3.89
C4 NAG S . 13.78 -3.67 -3.80
C5 NAG S . 12.65 -4.35 -4.57
C6 NAG S . 12.61 -5.86 -4.34
C7 NAG S . 11.39 0.55 -3.05
C8 NAG S . 11.37 2.00 -3.43
N2 NAG S . 12.12 -0.25 -3.83
O3 NAG S . 14.54 -1.52 -2.96
O4 NAG S . 14.99 -4.10 -4.42
O5 NAG S . 11.37 -3.84 -4.17
O6 NAG S . 13.42 -6.54 -5.29
O7 NAG S . 10.78 0.13 -2.07
C1 NAG S . 16.15 -4.02 -3.57
C2 NAG S . 16.83 -5.39 -3.54
C3 NAG S . 18.17 -5.30 -2.81
C4 NAG S . 19.04 -4.18 -3.39
C5 NAG S . 18.26 -2.88 -3.34
C6 NAG S . 19.00 -1.71 -3.95
C7 NAG S . 16.10 -7.70 -3.09
C8 NAG S . 15.12 -8.56 -2.35
N2 NAG S . 15.97 -6.38 -2.90
O3 NAG S . 18.86 -6.55 -2.94
O4 NAG S . 20.25 -4.05 -2.65
O5 NAG S . 17.04 -3.03 -4.09
O6 NAG S . 19.35 -1.94 -5.30
O7 NAG S . 16.97 -8.18 -3.82
C1 BMA S . 21.38 -4.30 -3.52
C2 BMA S . 22.66 -4.15 -2.71
C3 BMA S . 23.89 -4.37 -3.58
C4 BMA S . 23.75 -5.69 -4.35
C5 BMA S . 22.40 -5.74 -5.09
C6 BMA S . 22.24 -7.03 -5.89
O2 BMA S . 22.63 -5.06 -1.60
O3 BMA S . 25.06 -4.39 -2.77
O4 BMA S . 24.84 -5.90 -5.25
O5 BMA S . 21.36 -5.61 -4.12
O6 BMA S . 22.36 -8.19 -5.05
C1 NAG T . 1.11 -13.42 -15.13
C2 NAG T . 2.29 -13.91 -15.97
C3 NAG T . 1.82 -14.91 -17.02
C4 NAG T . 0.94 -16.00 -16.40
C5 NAG T . -0.14 -15.39 -15.50
C6 NAG T . -0.95 -16.42 -14.73
C7 NAG T . 3.87 -12.00 -16.02
C8 NAG T . 4.13 -12.24 -14.58
N2 NAG T . 2.99 -12.81 -16.62
O3 NAG T . 2.95 -15.47 -17.68
O4 NAG T . 0.29 -16.73 -17.43
O5 NAG T . 0.45 -14.52 -14.53
O6 NAG T . -0.18 -17.23 -13.86
O7 NAG T . 4.45 -11.11 -16.64
C1 NAG T . 1.07 -17.90 -17.70
C2 NAG T . 0.06 -19.05 -17.95
C3 NAG T . 0.72 -20.27 -18.58
C4 NAG T . 1.56 -19.85 -19.77
C5 NAG T . 2.55 -18.82 -19.26
C6 NAG T . 3.57 -18.37 -20.29
C7 NAG T . -1.94 -19.45 -16.62
C8 NAG T . -2.52 -19.84 -15.31
N2 NAG T . -0.61 -19.41 -16.71
O3 NAG T . -0.31 -21.16 -18.97
O4 NAG T . 2.37 -20.92 -20.26
O5 NAG T . 1.81 -17.68 -18.86
O6 NAG T . 4.57 -19.35 -20.56
O7 NAG T . -2.64 -19.19 -17.58
C1 BMA T . 1.75 -21.88 -21.05
C2 BMA T . 2.79 -21.83 -22.12
C3 BMA T . 3.23 -23.23 -22.47
C4 BMA T . 3.09 -24.23 -21.29
C5 BMA T . 1.69 -24.14 -20.69
C6 BMA T . 1.29 -25.21 -19.67
O2 BMA T . 3.92 -21.00 -21.81
O3 BMA T . 4.62 -23.00 -22.73
O4 BMA T . 3.45 -25.59 -21.65
O5 BMA T . 1.73 -22.87 -20.06
O6 BMA T . 2.44 -25.56 -18.89
C1 MAN T . 4.85 -23.55 -24.04
C2 MAN T . 6.36 -23.65 -24.26
C3 MAN T . 7.06 -22.33 -24.45
C4 MAN T . 6.35 -21.53 -25.53
C5 MAN T . 4.86 -21.42 -25.17
C6 MAN T . 4.11 -20.59 -26.19
O2 MAN T . 6.49 -24.48 -25.40
O3 MAN T . 8.42 -22.58 -24.84
O4 MAN T . 6.96 -20.25 -25.75
O5 MAN T . 4.33 -22.75 -25.11
O6 MAN T . 4.99 -19.55 -26.66
C1 MAN T . 6.67 -25.73 -24.73
C2 MAN T . 7.84 -26.43 -25.39
C3 MAN T . 7.51 -26.66 -26.84
C4 MAN T . 6.24 -27.48 -26.97
C5 MAN T . 5.11 -26.82 -26.18
C6 MAN T . 3.92 -27.77 -26.10
O2 MAN T . 7.77 -27.70 -24.77
O3 MAN T . 8.63 -27.39 -27.33
O4 MAN T . 5.86 -27.62 -28.35
O5 MAN T . 5.55 -26.64 -24.85
O6 MAN T . 2.96 -27.28 -25.16
C1 MAN T . 8.70 -27.74 -23.68
C2 MAN T . 10.12 -27.67 -24.23
C3 MAN T . 10.42 -28.91 -25.07
C4 MAN T . 10.10 -30.16 -24.27
C5 MAN T . 8.68 -30.08 -23.71
C6 MAN T . 8.34 -31.32 -22.89
O2 MAN T . 11.05 -27.60 -23.14
O3 MAN T . 11.80 -28.92 -25.46
O4 MAN T . 10.23 -31.32 -25.11
O5 MAN T . 8.58 -28.92 -22.89
O6 MAN T . 7.01 -31.20 -22.38
C1 MAN T . 2.01 -26.18 -17.66
C2 MAN T . 3.21 -26.19 -16.73
C3 MAN T . 4.33 -26.98 -17.42
C4 MAN T . 3.83 -28.39 -17.75
C5 MAN T . 2.54 -28.29 -18.56
C6 MAN T . 1.96 -29.69 -18.73
O2 MAN T . 2.90 -26.80 -15.47
O3 MAN T . 5.50 -27.00 -16.58
O4 MAN T . 4.83 -29.05 -18.54
O5 MAN T . 1.58 -27.52 -17.85
O6 MAN T . 0.53 -29.60 -18.93
C1 MAN T . 6.44 -26.03 -17.07
C2 MAN T . 7.80 -26.28 -16.41
C3 MAN T . 7.70 -26.07 -14.90
C4 MAN T . 7.12 -24.69 -14.61
C5 MAN T . 5.82 -24.51 -15.39
C6 MAN T . 5.17 -23.15 -15.15
O2 MAN T . 8.80 -25.41 -16.97
O3 MAN T . 8.99 -26.19 -14.31
O4 MAN T . 6.86 -24.54 -13.21
O5 MAN T . 6.06 -24.68 -16.78
O6 MAN T . 5.46 -22.28 -16.26
C1 MAN T . 0.27 -29.84 -20.33
C2 MAN T . -0.97 -29.05 -20.79
C3 MAN T . -2.23 -29.54 -20.08
C4 MAN T . -2.34 -31.06 -20.20
C5 MAN T . -1.03 -31.70 -19.72
C6 MAN T . -1.09 -33.23 -19.76
O2 MAN T . -1.12 -29.15 -22.21
O3 MAN T . -3.39 -28.93 -20.66
O4 MAN T . -3.46 -31.55 -19.45
O5 MAN T . 0.02 -31.23 -20.56
O6 MAN T . 0.15 -33.76 -19.27
C1 NAG U . 8.38 45.10 35.99
C2 NAG U . 7.25 44.20 36.47
C3 NAG U . 6.49 44.88 37.61
C4 NAG U . 7.45 45.27 38.72
C5 NAG U . 8.61 46.11 38.16
C6 NAG U . 9.67 46.41 39.20
C7 NAG U . 6.54 42.75 34.62
C8 NAG U . 5.53 42.54 33.53
N2 NAG U . 6.36 43.84 35.38
O3 NAG U . 5.51 43.99 38.12
O4 NAG U . 6.75 46.02 39.71
O5 NAG U . 9.26 45.39 37.09
O6 NAG U . 9.98 45.27 40.01
O7 NAG U . 7.47 41.98 34.80
C1 NAG V . 10.52 53.54 28.71
C2 NAG V . 10.86 54.97 29.15
C3 NAG V . 9.64 55.66 29.78
C4 NAG V . 8.42 55.54 28.86
C5 NAG V . 8.19 54.08 28.45
C6 NAG V . 7.04 53.90 27.48
C7 NAG V . 13.26 55.06 29.70
C8 NAG V . 14.28 55.04 30.80
N2 NAG V . 11.99 54.96 30.08
O3 NAG V . 9.95 57.03 29.99
O4 NAG V . 7.27 56.08 29.49
O5 NAG V . 9.37 53.56 27.82
O6 NAG V . 7.31 54.48 26.21
O7 NAG V . 13.59 55.16 28.52
C1 NAG W . 2.71 43.20 21.85
C2 NAG W . 1.39 43.34 21.12
C3 NAG W . 0.24 43.21 22.13
C4 NAG W . 0.39 41.97 23.00
C5 NAG W . 1.82 41.83 23.54
C6 NAG W . 2.08 40.53 24.26
C7 NAG W . 1.40 44.70 19.07
C8 NAG W . 1.28 46.09 18.52
N2 NAG W . 1.31 44.60 20.40
O3 NAG W . -1.00 43.19 21.45
O4 NAG W . -0.52 41.99 24.09
O5 NAG W . 2.78 41.92 22.48
O6 NAG W . 2.00 39.42 23.38
O7 NAG W . 1.55 43.71 18.34
C1 NAG X . -8.68 9.71 -48.96
C2 NAG X . -8.76 9.17 -50.40
C3 NAG X . -10.17 8.64 -50.69
C4 NAG X . -10.58 7.62 -49.62
C5 NAG X . -10.41 8.23 -48.23
C6 NAG X . -10.68 7.24 -47.12
C7 NAG X . -7.23 10.22 -52.02
C8 NAG X . -6.28 9.11 -51.69
N2 NAG X . -8.40 10.21 -51.37
O3 NAG X . -10.18 8.03 -51.98
O4 NAG X . -11.93 7.24 -49.80
O5 NAG X . -9.07 8.68 -48.05
O6 NAG X . -9.96 7.59 -45.95
O7 NAG X . -6.96 11.10 -52.83
C1 NAG Y . -16.67 16.37 -29.39
C2 NAG Y . -17.75 17.02 -28.50
C3 NAG Y . -18.54 15.95 -27.74
C4 NAG Y . -19.14 14.95 -28.73
C5 NAG Y . -18.03 14.32 -29.57
C6 NAG Y . -18.56 13.42 -30.65
C7 NAG Y . -17.42 19.28 -27.62
C8 NAG Y . -16.75 20.12 -26.57
N2 NAG Y . -17.17 17.96 -27.57
O3 NAG Y . -19.58 16.56 -26.98
O4 NAG Y . -19.83 13.93 -28.02
O5 NAG Y . -17.28 15.35 -30.23
O6 NAG Y . -19.70 13.98 -31.30
O7 NAG Y . -18.15 19.77 -28.47
C1 NAG Z . -13.83 18.41 10.01
C2 NAG Z . -13.51 19.70 10.78
C3 NAG Z . -14.54 19.93 11.88
C4 NAG Z . -15.95 19.89 11.31
C5 NAG Z . -16.17 18.59 10.52
C6 NAG Z . -17.52 18.52 9.85
C7 NAG Z . -11.07 19.95 10.64
C8 NAG Z . -9.77 19.84 11.38
N2 NAG Z . -12.17 19.65 11.33
O3 NAG Z . -14.30 21.18 12.50
O4 NAG Z . -16.92 19.95 12.36
O5 NAG Z . -15.17 18.48 9.50
O6 NAG Z . -17.60 19.47 8.79
O7 NAG Z . -11.12 20.28 9.46
C1 NAG AA . -6.46 -13.38 4.10
C2 NAG AA . -6.73 -14.87 3.88
C3 NAG AA . -7.93 -15.32 4.69
C4 NAG AA . -7.73 -14.97 6.16
C5 NAG AA . -7.44 -13.48 6.31
C6 NAG AA . -7.09 -13.09 7.74
C7 NAG AA . -5.92 -15.56 1.68
C8 NAG AA . -6.29 -15.84 0.25
N2 NAG AA . -6.91 -15.17 2.47
O3 NAG AA . -8.11 -16.72 4.54
O4 NAG AA . -8.90 -15.30 6.91
O5 NAG AA . -6.29 -13.12 5.50
O6 NAG AA . -5.76 -13.46 8.06
O7 NAG AA . -4.77 -15.69 2.08
C1 NAG BA . -19.85 -8.04 12.56
C2 NAG BA . -20.63 -9.31 12.96
C3 NAG BA . -21.56 -9.03 14.15
C4 NAG BA . -20.79 -8.39 15.29
C5 NAG BA . -20.11 -7.12 14.79
C6 NAG BA . -19.27 -6.44 15.85
C7 NAG BA . -20.86 -10.67 10.92
C8 NAG BA . -21.80 -11.11 9.83
N2 NAG BA . -21.39 -9.84 11.83
O3 NAG BA . -22.14 -10.25 14.60
O4 NAG BA . -21.66 -8.06 16.36
O5 NAG BA . -19.21 -7.47 13.72
O6 NAG BA . -18.04 -7.11 16.08
O7 NAG BA . -19.71 -11.05 10.98
C1 NAG CA . -18.81 -2.48 19.83
C2 NAG CA . -19.08 -2.12 21.28
C3 NAG CA . -20.50 -2.57 21.65
C4 NAG CA . -21.51 -2.04 20.64
C5 NAG CA . -21.07 -2.21 19.18
C6 NAG CA . -21.93 -1.44 18.20
C7 NAG CA . -16.97 -2.12 22.53
C8 NAG CA . -16.06 -2.91 23.44
N2 NAG CA . -18.09 -2.74 22.15
O3 NAG CA . -20.85 -2.15 22.97
O4 NAG CA . -22.75 -2.72 20.82
O5 NAG CA . -19.73 -1.76 18.99
O6 NAG CA . -23.11 -2.16 17.87
O7 NAG CA . -16.68 -1.00 22.15
#